data_5YJL
#
_entry.id   5YJL
#
_cell.length_a   60.340
_cell.length_b   83.757
_cell.length_c   344.581
_cell.angle_alpha   90.00
_cell.angle_beta   90.00
_cell.angle_gamma   90.00
#
_symmetry.space_group_name_H-M   'P 21 21 21'
#
loop_
_entity.id
_entity.type
_entity.pdbx_description
1 polymer 'Glutamyl-tRNA reductase 1'
2 polymer 'Glutamyl-tRNA reductase-binding protein'
3 non-polymer 'NADP NICOTINAMIDE-ADENINE-DINUCLEOTIDE PHOSPHATE'
4 water water
#
loop_
_entity_poly.entity_id
_entity_poly.type
_entity_poly.pdbx_seq_one_letter_code
_entity_poly.pdbx_strand_id
1 'polypeptide(L)'
;SAASISALEQLKNSAADRYTKERSSIVVIGLSIHTAPVEMREKLAIPEAEWPRAIAELCGLNHIEEAAVLSTCNRMEIYV
LALSQHRGVKEVTEWMSKTSGIPVSEICQHRFLLYNKDATQHIFEVSAGLDSLVLGEGQILAQVKQVVKVGQGVNGFGRN
ISGLFKHAITVGKRVRTETNIASGAVSVSSAAVELALMKLPQSSNVSARMCVIGAGKMGKLVIKHLMAKGCTKVVVVNRS
EERVSAIREEMPGIEIIYRPLDEMLACASEADVVFTSTASETPLFLKEHVENLPQASPEVGGLRHFVDISVPRNVGSCVG
EVETARVYNVDDLKEVVAANKEDRMRKAMEAQTIITEESTQFEAWRDSLETVPTIKKLRAYAERIRVAELEKCMSKMGDD
INKKTTRAVDDLSRGIVNRFLHGPMQHLRCDGSDSRTLSETLENMHALNRMYGLEKDILEEKLKAMAEQQQK
;
A,B
2 'polypeptide(L)'
;MGSSHHHHHHSSGLVPRGSHMASMTGGQQMGRGSCSVSTTLDTPATASTHKPFPAEVSRSIMELSSVGTLSTLTHDGWPL
GVGVRFAVDKDGTPVLCLNRSVSPDKRSALHVQLEQCGLRTPQCTIQGSIGRPGDDTVLKRLSATWREKFGEEVKEDSLY
VVAVDRVLQMEDFMEDGIWVASSDYKNASPDPLRDIAEDIVNQINANNMEDIFRFCNVYVDLDFVVSETKMIWMDRLGFD
LRVWSPRGVYDVRIPFPMEVTDEKGAKSSFNGMSQLAWEVEKSYCPADFNKVKLLKQVVGSSHSHKGGGQ
;
C,D
#
# COMPACT_ATOMS: atom_id res chain seq x y z
N ARG A 23 22.40 2.68 -11.86
CA ARG A 23 21.79 2.66 -13.18
C ARG A 23 22.12 1.37 -13.95
N SER A 24 23.36 1.23 -14.41
CA SER A 24 23.83 0.02 -15.08
C SER A 24 23.36 -1.28 -14.44
N SER A 25 22.99 -2.25 -15.28
CA SER A 25 22.42 -3.50 -14.79
C SER A 25 23.43 -4.66 -14.76
N ILE A 26 23.33 -5.47 -13.72
CA ILE A 26 23.87 -6.81 -13.76
C ILE A 26 22.85 -7.70 -14.44
N VAL A 27 23.29 -8.45 -15.46
CA VAL A 27 22.39 -9.29 -16.25
C VAL A 27 22.91 -10.71 -16.25
N VAL A 28 22.01 -11.68 -16.20
CA VAL A 28 22.39 -13.07 -16.43
C VAL A 28 21.72 -13.52 -17.73
N ILE A 29 22.50 -14.20 -18.57
CA ILE A 29 22.08 -14.61 -19.89
C ILE A 29 22.57 -16.03 -20.12
N GLY A 30 21.67 -16.99 -20.04
CA GLY A 30 22.13 -18.36 -20.05
C GLY A 30 21.26 -19.39 -20.73
N LEU A 31 21.86 -20.57 -20.88
CA LEU A 31 21.17 -21.80 -21.20
C LEU A 31 21.37 -22.69 -20.00
N SER A 32 20.32 -23.36 -19.56
CA SER A 32 20.45 -24.36 -18.52
C SER A 32 19.82 -25.68 -18.94
N ILE A 33 20.04 -26.70 -18.12
CA ILE A 33 19.35 -27.98 -18.25
C ILE A 33 17.81 -27.85 -18.13
N HIS A 34 17.32 -26.84 -17.40
CA HIS A 34 15.87 -26.59 -17.32
C HIS A 34 15.26 -26.32 -18.69
N THR A 35 16.07 -25.88 -19.65
CA THR A 35 15.57 -25.65 -21.01
C THR A 35 16.37 -26.40 -22.10
N ALA A 36 17.58 -25.94 -22.41
CA ALA A 36 18.35 -26.46 -23.52
C ALA A 36 18.92 -27.88 -23.26
N PRO A 37 18.98 -28.72 -24.32
CA PRO A 37 19.54 -30.08 -24.26
C PRO A 37 21.06 -30.09 -24.24
N VAL A 38 21.71 -31.18 -23.83
CA VAL A 38 23.18 -31.17 -23.70
C VAL A 38 23.87 -30.97 -25.06
N GLU A 39 23.27 -31.48 -26.14
CA GLU A 39 23.84 -31.33 -27.48
C GLU A 39 23.84 -29.87 -27.92
N MET A 40 22.91 -29.07 -27.40
CA MET A 40 22.90 -27.65 -27.66
C MET A 40 23.85 -26.90 -26.71
N ARG A 41 23.76 -27.26 -25.43
CA ARG A 41 24.52 -26.57 -24.38
C ARG A 41 26.02 -26.75 -24.52
N GLU A 42 26.46 -27.91 -24.98
CA GLU A 42 27.89 -28.19 -25.03
C GLU A 42 28.63 -27.32 -26.06
N LYS A 43 27.89 -26.72 -27.00
CA LYS A 43 28.46 -25.83 -28.02
C LYS A 43 28.82 -24.44 -27.48
N LEU A 44 28.28 -24.10 -26.31
CA LEU A 44 28.63 -22.85 -25.62
C LEU A 44 29.57 -23.14 -24.48
N ALA A 45 29.87 -24.41 -24.24
CA ALA A 45 30.85 -24.76 -23.20
C ALA A 45 32.16 -24.02 -23.45
N ILE A 46 32.72 -23.49 -22.37
CA ILE A 46 33.96 -22.75 -22.48
C ILE A 46 34.95 -23.30 -21.48
N PRO A 47 35.99 -23.98 -21.98
CA PRO A 47 37.06 -24.51 -21.12
C PRO A 47 37.55 -23.43 -20.18
N GLU A 48 37.91 -23.84 -18.97
CA GLU A 48 38.45 -22.92 -17.98
C GLU A 48 39.61 -22.11 -18.55
N ALA A 49 40.47 -22.75 -19.34
CA ALA A 49 41.62 -22.05 -19.89
C ALA A 49 41.22 -20.95 -20.89
N GLU A 50 39.96 -20.94 -21.33
CA GLU A 50 39.51 -19.89 -22.24
C GLU A 50 38.55 -18.86 -21.61
N TRP A 51 38.28 -18.98 -20.31
CA TRP A 51 37.46 -18.00 -19.61
C TRP A 51 38.03 -16.58 -19.74
N PRO A 52 39.34 -16.39 -19.51
CA PRO A 52 39.83 -15.01 -19.65
C PRO A 52 39.61 -14.42 -21.05
N ARG A 53 39.87 -15.20 -22.10
CA ARG A 53 39.55 -14.83 -23.48
C ARG A 53 38.08 -14.48 -23.71
N ALA A 54 37.18 -15.36 -23.25
CA ALA A 54 35.74 -15.12 -23.36
C ALA A 54 35.34 -13.78 -22.74
N ILE A 55 35.73 -13.58 -21.49
CA ILE A 55 35.48 -12.37 -20.75
C ILE A 55 35.99 -11.14 -21.52
N ALA A 56 37.21 -11.22 -22.04
CA ALA A 56 37.72 -10.09 -22.83
C ALA A 56 36.82 -9.79 -24.03
N GLU A 57 36.40 -10.84 -24.74
CA GLU A 57 35.52 -10.66 -25.89
C GLU A 57 34.20 -9.98 -25.52
N LEU A 58 33.58 -10.47 -24.45
CA LEU A 58 32.32 -9.92 -23.99
C LEU A 58 32.48 -8.44 -23.63
N CYS A 59 33.64 -8.08 -23.06
CA CYS A 59 33.81 -6.71 -22.63
C CYS A 59 34.20 -5.84 -23.82
N GLY A 60 34.46 -6.47 -24.95
CA GLY A 60 34.70 -5.72 -26.17
C GLY A 60 33.41 -5.24 -26.80
N LEU A 61 32.29 -5.84 -26.41
CA LEU A 61 30.99 -5.44 -26.93
C LEU A 61 30.62 -4.05 -26.37
N ASN A 62 29.86 -3.27 -27.13
CA ASN A 62 29.71 -1.85 -26.80
C ASN A 62 28.99 -1.53 -25.49
N HIS A 63 28.11 -2.41 -25.03
CA HIS A 63 27.34 -2.10 -23.83
C HIS A 63 27.67 -3.00 -22.65
N ILE A 64 28.83 -3.64 -22.70
CA ILE A 64 29.22 -4.57 -21.63
C ILE A 64 30.53 -4.12 -20.97
N GLU A 65 30.48 -3.80 -19.67
CA GLU A 65 31.66 -3.29 -18.97
C GLU A 65 32.38 -4.35 -18.15
N GLU A 66 31.63 -5.34 -17.64
CA GLU A 66 32.24 -6.45 -16.92
C GLU A 66 31.59 -7.77 -17.32
N ALA A 67 32.29 -8.88 -17.12
CA ALA A 67 31.75 -10.17 -17.51
C ALA A 67 32.39 -11.32 -16.75
N ALA A 68 31.64 -12.41 -16.69
CA ALA A 68 32.13 -13.66 -16.17
C ALA A 68 31.38 -14.81 -16.82
N VAL A 69 32.04 -15.93 -16.98
CA VAL A 69 31.36 -17.10 -17.53
C VAL A 69 31.30 -18.19 -16.47
N LEU A 70 30.11 -18.75 -16.29
CA LEU A 70 29.99 -19.90 -15.41
C LEU A 70 29.58 -21.11 -16.26
N SER A 71 30.57 -21.93 -16.56
CA SER A 71 30.40 -23.04 -17.49
C SER A 71 30.44 -24.34 -16.72
N THR A 72 29.27 -24.96 -16.55
CA THR A 72 29.20 -26.20 -15.83
C THR A 72 28.39 -27.17 -16.69
N CYS A 73 28.05 -28.32 -16.12
CA CYS A 73 27.42 -29.39 -16.88
C CYS A 73 25.95 -29.19 -17.04
N ASN A 74 25.38 -28.40 -16.14
CA ASN A 74 23.95 -28.18 -16.14
C ASN A 74 23.61 -26.87 -16.82
N ARG A 75 24.61 -26.03 -16.99
CA ARG A 75 24.38 -24.67 -17.44
C ARG A 75 25.60 -23.96 -18.04
N MET A 76 25.31 -23.07 -18.98
CA MET A 76 26.30 -22.10 -19.42
C MET A 76 25.72 -20.72 -19.23
N GLU A 77 26.25 -20.01 -18.23
CA GLU A 77 25.71 -18.72 -17.84
C GLU A 77 26.74 -17.62 -17.93
N ILE A 78 26.36 -16.55 -18.64
CA ILE A 78 27.18 -15.37 -18.81
C ILE A 78 26.65 -14.27 -17.90
N TYR A 79 27.45 -13.83 -16.94
CA TYR A 79 27.07 -12.71 -16.08
C TYR A 79 27.77 -11.43 -16.56
N VAL A 80 26.98 -10.41 -16.88
CA VAL A 80 27.56 -9.15 -17.32
C VAL A 80 27.06 -7.95 -16.54
N LEU A 81 27.81 -6.86 -16.65
CA LEU A 81 27.40 -5.55 -16.17
C LEU A 81 27.15 -4.69 -17.41
N ALA A 82 25.88 -4.50 -17.77
CA ALA A 82 25.54 -3.85 -19.02
C ALA A 82 25.15 -2.37 -18.84
N LEU A 83 25.46 -1.57 -19.86
CA LEU A 83 25.10 -0.15 -19.87
C LEU A 83 23.63 0.00 -20.18
N SER A 84 23.17 -0.84 -21.10
CA SER A 84 21.76 -0.90 -21.46
C SER A 84 21.34 -2.38 -21.43
N GLN A 85 20.20 -2.66 -20.81
CA GLN A 85 19.73 -4.03 -20.71
C GLN A 85 19.48 -4.65 -22.08
N HIS A 86 18.68 -3.98 -22.90
CA HIS A 86 18.27 -4.54 -24.20
C HIS A 86 19.45 -4.74 -25.14
N ARG A 87 20.28 -3.71 -25.27
CA ARG A 87 21.46 -3.76 -26.12
C ARG A 87 22.55 -4.70 -25.58
N GLY A 88 22.70 -4.78 -24.26
CA GLY A 88 23.61 -5.75 -23.66
C GLY A 88 23.22 -7.17 -24.06
N VAL A 89 21.94 -7.49 -23.94
CA VAL A 89 21.38 -8.80 -24.26
C VAL A 89 21.54 -9.13 -25.75
N LYS A 90 21.36 -8.13 -26.62
CA LYS A 90 21.51 -8.36 -28.05
C LYS A 90 22.97 -8.68 -28.39
N GLU A 91 23.88 -8.00 -27.71
CA GLU A 91 25.30 -8.17 -28.01
C GLU A 91 25.81 -9.50 -27.47
N VAL A 92 25.44 -9.84 -26.24
CA VAL A 92 25.95 -11.08 -25.67
C VAL A 92 25.37 -12.28 -26.41
N THR A 93 24.10 -12.20 -26.78
CA THR A 93 23.43 -13.25 -27.56
C THR A 93 24.08 -13.45 -28.96
N GLU A 94 24.44 -12.35 -29.61
CA GLU A 94 25.12 -12.42 -30.89
C GLU A 94 26.50 -13.04 -30.73
N TRP A 95 27.13 -12.78 -29.59
CA TRP A 95 28.44 -13.33 -29.25
C TRP A 95 28.35 -14.83 -28.96
N MET A 96 27.31 -15.23 -28.21
CA MET A 96 27.02 -16.63 -28.00
C MET A 96 26.85 -17.38 -29.32
N SER A 97 26.24 -16.72 -30.29
CA SER A 97 25.95 -17.33 -31.57
C SER A 97 27.22 -17.54 -32.38
N LYS A 98 28.07 -16.53 -32.34
CA LYS A 98 29.33 -16.52 -33.05
C LYS A 98 30.27 -17.62 -32.54
N THR A 99 30.51 -17.65 -31.22
CA THR A 99 31.41 -18.63 -30.62
C THR A 99 30.88 -20.07 -30.65
N SER A 100 29.58 -20.26 -30.54
CA SER A 100 29.03 -21.62 -30.48
C SER A 100 28.74 -22.22 -31.85
N GLY A 101 28.40 -21.37 -32.81
CA GLY A 101 27.91 -21.85 -34.09
C GLY A 101 26.40 -21.89 -34.20
N ILE A 102 25.73 -21.71 -33.06
CA ILE A 102 24.26 -21.80 -32.96
C ILE A 102 23.60 -20.50 -33.41
N PRO A 103 22.60 -20.60 -34.27
CA PRO A 103 21.91 -19.39 -34.73
C PRO A 103 21.22 -18.60 -33.60
N VAL A 104 21.22 -17.28 -33.70
CA VAL A 104 20.58 -16.41 -32.71
C VAL A 104 19.13 -16.84 -32.42
N SER A 105 18.42 -17.24 -33.47
CA SER A 105 17.02 -17.66 -33.33
C SER A 105 16.88 -18.85 -32.38
N GLU A 106 17.68 -19.88 -32.56
CA GLU A 106 17.64 -21.04 -31.66
C GLU A 106 17.96 -20.63 -30.23
N ILE A 107 19.10 -19.96 -30.03
CA ILE A 107 19.51 -19.51 -28.70
C ILE A 107 18.41 -18.72 -27.98
N CYS A 108 17.80 -17.72 -28.63
CA CYS A 108 16.67 -16.97 -28.07
C CYS A 108 15.55 -17.87 -27.57
N GLN A 109 15.34 -18.98 -28.26
CA GLN A 109 14.28 -19.92 -27.93
C GLN A 109 14.59 -20.66 -26.64
N HIS A 110 15.87 -20.82 -26.32
CA HIS A 110 16.31 -21.49 -25.09
C HIS A 110 17.01 -20.55 -24.11
N ARG A 111 17.02 -19.25 -24.43
CA ARG A 111 17.72 -18.25 -23.62
C ARG A 111 17.04 -17.97 -22.29
N PHE A 112 17.86 -17.84 -21.26
CA PHE A 112 17.41 -17.56 -19.91
C PHE A 112 17.87 -16.14 -19.48
N LEU A 113 16.94 -15.31 -19.01
CA LEU A 113 17.23 -13.88 -18.84
C LEU A 113 16.72 -13.31 -17.52
N LEU A 114 17.60 -12.79 -16.68
CA LEU A 114 17.19 -12.08 -15.47
C LEU A 114 18.08 -10.85 -15.20
N TYR A 115 17.51 -9.86 -14.53
CA TYR A 115 18.19 -8.61 -14.31
C TYR A 115 18.30 -8.21 -12.84
N ASN A 116 19.43 -7.62 -12.49
CA ASN A 116 19.67 -7.05 -11.16
C ASN A 116 19.30 -8.00 -10.04
N LYS A 117 18.36 -7.60 -9.19
CA LYS A 117 17.98 -8.38 -8.01
C LYS A 117 17.65 -9.84 -8.37
N ASP A 118 16.90 -10.04 -9.44
CA ASP A 118 16.60 -11.40 -9.89
C ASP A 118 17.86 -12.18 -10.24
N ALA A 119 18.81 -11.52 -10.91
CA ALA A 119 20.08 -12.17 -11.26
C ALA A 119 20.87 -12.58 -10.02
N THR A 120 21.02 -11.69 -9.04
CA THR A 120 21.80 -12.05 -7.85
C THR A 120 21.08 -13.15 -7.06
N GLN A 121 19.75 -13.04 -7.02
CA GLN A 121 18.91 -14.11 -6.51
C GLN A 121 19.23 -15.45 -7.15
N HIS A 122 19.28 -15.44 -8.48
CA HIS A 122 19.56 -16.64 -9.27
C HIS A 122 20.92 -17.23 -8.97
N ILE A 123 21.95 -16.41 -9.00
CA ILE A 123 23.29 -16.94 -8.87
C ILE A 123 23.52 -17.43 -7.44
N PHE A 124 22.73 -16.92 -6.50
CA PHE A 124 22.73 -17.42 -5.12
C PHE A 124 22.09 -18.79 -5.01
N GLU A 125 20.99 -18.99 -5.73
CA GLU A 125 20.30 -20.27 -5.74
C GLU A 125 21.13 -21.35 -6.42
N VAL A 126 21.81 -20.97 -7.50
CA VAL A 126 22.72 -21.87 -8.22
C VAL A 126 23.88 -22.34 -7.35
N SER A 127 24.46 -21.39 -6.64
CA SER A 127 25.62 -21.65 -5.82
C SER A 127 25.22 -22.46 -4.59
N ALA A 128 23.96 -22.32 -4.19
CA ALA A 128 23.44 -23.05 -3.05
C ALA A 128 22.95 -24.43 -3.44
N GLY A 129 22.55 -24.60 -4.69
CA GLY A 129 22.03 -25.87 -5.17
C GLY A 129 20.52 -25.90 -5.24
N LEU A 130 19.91 -24.74 -5.44
CA LEU A 130 18.45 -24.67 -5.45
C LEU A 130 17.88 -24.34 -6.83
N ASP A 131 18.63 -24.62 -7.88
CA ASP A 131 18.12 -24.41 -9.24
C ASP A 131 18.44 -25.55 -10.20
N SER A 132 19.48 -26.32 -9.93
CA SER A 132 19.83 -27.38 -10.86
C SER A 132 18.87 -28.55 -10.74
N LEU A 133 19.41 -29.75 -10.79
CA LEU A 133 18.57 -30.92 -10.97
C LEU A 133 18.63 -31.92 -9.83
N VAL A 134 17.83 -31.70 -8.79
CA VAL A 134 17.43 -32.73 -7.80
C VAL A 134 16.65 -32.11 -6.62
N LEU A 135 16.68 -30.79 -6.50
CA LEU A 135 16.03 -30.06 -5.41
C LEU A 135 16.67 -30.27 -4.03
N GLY A 136 17.96 -30.60 -4.02
CA GLY A 136 18.70 -30.86 -2.79
C GLY A 136 20.09 -31.34 -3.11
N GLU A 137 20.99 -30.37 -3.24
CA GLU A 137 22.26 -30.54 -3.96
C GLU A 137 23.27 -29.43 -3.57
N GLY A 138 24.53 -29.53 -4.00
CA GLY A 138 25.61 -28.66 -3.56
C GLY A 138 25.59 -27.15 -3.79
N GLN A 139 25.78 -26.75 -5.03
CA GLN A 139 26.32 -27.64 -6.04
C GLN A 139 27.49 -26.96 -6.67
N ILE A 140 27.21 -25.76 -7.14
CA ILE A 140 28.12 -25.06 -8.03
C ILE A 140 29.02 -24.20 -7.17
N LEU A 141 29.08 -24.51 -5.87
CA LEU A 141 29.97 -23.79 -4.94
C LEU A 141 31.44 -23.94 -5.34
N ALA A 142 31.82 -25.13 -5.78
CA ALA A 142 33.21 -25.36 -6.17
C ALA A 142 33.53 -24.59 -7.45
N GLN A 143 32.56 -24.54 -8.37
CA GLN A 143 32.69 -23.84 -9.64
C GLN A 143 32.64 -22.32 -9.52
N VAL A 144 31.95 -21.82 -8.49
CA VAL A 144 31.89 -20.39 -8.23
C VAL A 144 33.20 -19.95 -7.57
N LYS A 145 33.85 -20.88 -6.87
CA LYS A 145 35.17 -20.57 -6.32
C LYS A 145 36.22 -20.60 -7.43
N GLN A 146 36.09 -21.56 -8.33
CA GLN A 146 36.97 -21.62 -9.48
C GLN A 146 36.84 -20.38 -10.37
N VAL A 147 35.62 -19.89 -10.55
CA VAL A 147 35.44 -18.70 -11.37
C VAL A 147 36.12 -17.49 -10.72
N VAL A 148 35.99 -17.33 -9.41
CA VAL A 148 36.69 -16.25 -8.72
C VAL A 148 38.21 -16.38 -8.81
N LYS A 149 38.73 -17.59 -8.62
CA LYS A 149 40.17 -17.86 -8.77
C LYS A 149 40.68 -17.41 -10.15
N VAL A 150 40.23 -18.09 -11.20
CA VAL A 150 40.60 -17.81 -12.59
C VAL A 150 40.47 -16.33 -12.95
N GLY A 151 39.51 -15.67 -12.34
CA GLY A 151 39.15 -14.32 -12.72
C GLY A 151 40.05 -13.24 -12.14
N GLN A 152 40.82 -13.59 -11.12
CA GLN A 152 41.58 -12.58 -10.37
C GLN A 152 42.52 -11.75 -11.26
N GLY A 153 43.09 -12.37 -12.29
CA GLY A 153 43.93 -11.63 -13.21
C GLY A 153 43.15 -10.84 -14.26
N VAL A 154 41.91 -11.28 -14.51
CA VAL A 154 41.13 -10.82 -15.65
C VAL A 154 40.47 -9.47 -15.46
N ASN A 155 40.90 -8.50 -16.25
CA ASN A 155 40.46 -7.12 -16.08
C ASN A 155 38.94 -6.98 -16.17
N GLY A 156 38.35 -7.75 -17.09
CA GLY A 156 36.93 -7.66 -17.36
C GLY A 156 36.09 -8.16 -16.21
N PHE A 157 36.73 -8.91 -15.30
CA PHE A 157 36.10 -9.46 -14.12
C PHE A 157 36.09 -8.44 -12.98
N GLY A 158 35.32 -7.37 -13.15
CA GLY A 158 35.43 -6.20 -12.31
C GLY A 158 34.66 -6.24 -11.01
N ARG A 159 34.70 -5.12 -10.29
CA ARG A 159 34.14 -4.99 -8.94
C ARG A 159 32.78 -5.65 -8.74
N ASN A 160 31.85 -5.30 -9.63
CA ASN A 160 30.46 -5.75 -9.55
C ASN A 160 30.27 -7.27 -9.68
N ILE A 161 30.78 -7.83 -10.76
CA ILE A 161 30.64 -9.23 -11.05
C ILE A 161 31.51 -10.09 -10.12
N SER A 162 32.70 -9.62 -9.78
CA SER A 162 33.52 -10.37 -8.85
C SER A 162 32.86 -10.36 -7.48
N GLY A 163 32.34 -9.20 -7.08
CA GLY A 163 31.65 -9.09 -5.81
C GLY A 163 30.48 -10.06 -5.71
N LEU A 164 29.67 -10.09 -6.77
CA LEU A 164 28.51 -10.98 -6.91
C LEU A 164 28.89 -12.41 -6.65
N PHE A 165 29.97 -12.83 -7.31
CA PHE A 165 30.49 -14.17 -7.20
C PHE A 165 31.08 -14.47 -5.83
N LYS A 166 31.80 -13.50 -5.27
CA LYS A 166 32.36 -13.65 -3.94
C LYS A 166 31.26 -13.80 -2.91
N HIS A 167 30.23 -12.98 -3.02
CA HIS A 167 29.06 -13.06 -2.14
C HIS A 167 28.31 -14.39 -2.39
N ALA A 168 28.51 -14.98 -3.57
CA ALA A 168 27.89 -16.26 -3.91
C ALA A 168 28.60 -17.39 -3.18
N ILE A 169 29.91 -17.26 -3.08
CA ILE A 169 30.72 -18.15 -2.26
C ILE A 169 30.28 -18.12 -0.80
N THR A 170 30.08 -16.92 -0.25
CA THR A 170 29.60 -16.77 1.12
C THR A 170 28.27 -17.50 1.33
N VAL A 171 27.33 -17.24 0.45
CA VAL A 171 26.01 -17.87 0.47
C VAL A 171 26.11 -19.38 0.36
N GLY A 172 26.93 -19.84 -0.59
CA GLY A 172 27.10 -21.26 -0.82
C GLY A 172 27.47 -21.97 0.46
N LYS A 173 28.42 -21.39 1.19
CA LYS A 173 28.93 -21.97 2.42
C LYS A 173 27.93 -21.96 3.56
N ARG A 174 27.19 -20.87 3.71
CA ARG A 174 26.19 -20.79 4.77
C ARG A 174 25.15 -21.87 4.56
N VAL A 175 24.50 -21.81 3.39
CA VAL A 175 23.46 -22.77 3.02
C VAL A 175 23.95 -24.20 3.17
N ARG A 176 25.22 -24.44 2.85
CA ARG A 176 25.79 -25.77 2.96
C ARG A 176 25.72 -26.33 4.38
N THR A 177 26.04 -25.50 5.36
CA THR A 177 26.04 -25.94 6.76
C THR A 177 24.62 -26.08 7.33
N GLU A 178 23.72 -25.21 6.91
CA GLU A 178 22.30 -25.34 7.29
C GLU A 178 21.66 -26.55 6.62
N THR A 179 21.45 -26.45 5.31
CA THR A 179 20.80 -27.48 4.54
C THR A 179 21.57 -28.81 4.51
N ASN A 180 22.90 -28.74 4.65
CA ASN A 180 23.75 -29.93 4.58
C ASN A 180 23.57 -30.70 3.25
N ILE A 181 23.45 -29.95 2.17
CA ILE A 181 23.20 -30.54 0.86
C ILE A 181 24.48 -30.83 0.05
N ALA A 182 24.67 -32.11 -0.27
CA ALA A 182 25.91 -32.61 -0.90
C ALA A 182 26.25 -31.88 -2.19
N SER A 183 27.55 -31.79 -2.51
CA SER A 183 28.01 -31.08 -3.71
C SER A 183 27.36 -31.58 -5.00
N GLY A 184 27.27 -30.71 -6.00
CA GLY A 184 26.77 -31.11 -7.29
C GLY A 184 27.58 -32.23 -7.91
N ALA A 185 28.89 -32.21 -7.69
CA ALA A 185 29.76 -33.30 -8.13
C ALA A 185 29.37 -34.64 -7.48
N VAL A 186 29.05 -34.60 -6.18
CA VAL A 186 28.53 -35.74 -5.46
C VAL A 186 27.20 -36.27 -6.04
N SER A 187 26.28 -35.37 -6.39
CA SER A 187 24.97 -35.78 -6.89
C SER A 187 24.97 -36.29 -8.35
N VAL A 188 25.83 -35.73 -9.21
CA VAL A 188 25.91 -36.23 -10.58
C VAL A 188 26.56 -37.62 -10.63
N SER A 189 27.57 -37.83 -9.80
CA SER A 189 28.29 -39.12 -9.77
C SER A 189 27.41 -40.17 -9.14
N SER A 190 26.80 -39.78 -8.03
CA SER A 190 25.78 -40.60 -7.38
C SER A 190 24.72 -41.05 -8.38
N ALA A 191 24.24 -40.09 -9.16
CA ALA A 191 23.19 -40.33 -10.15
C ALA A 191 23.68 -41.25 -11.27
N ALA A 192 24.95 -41.14 -11.64
CA ALA A 192 25.49 -42.02 -12.68
C ALA A 192 25.48 -43.47 -12.22
N VAL A 193 25.90 -43.72 -10.99
CA VAL A 193 25.89 -45.09 -10.45
C VAL A 193 24.48 -45.65 -10.31
N GLU A 194 23.55 -44.87 -9.75
CA GLU A 194 22.13 -45.31 -9.64
C GLU A 194 21.50 -45.70 -10.99
N LEU A 195 21.77 -44.90 -12.02
CA LEU A 195 21.27 -45.15 -13.35
C LEU A 195 21.83 -46.45 -13.92
N ALA A 196 23.13 -46.64 -13.78
CA ALA A 196 23.77 -47.84 -14.30
C ALA A 196 23.14 -49.05 -13.63
N LEU A 197 23.07 -49.01 -12.31
CA LEU A 197 22.43 -50.08 -11.55
C LEU A 197 20.94 -50.19 -11.88
N MET A 198 20.31 -49.09 -12.30
CA MET A 198 18.93 -49.17 -12.76
C MET A 198 18.79 -49.93 -14.06
N LYS A 199 19.70 -49.68 -15.00
CA LYS A 199 19.57 -50.23 -16.34
C LYS A 199 20.01 -51.68 -16.38
N LEU A 200 21.04 -52.02 -15.62
CA LEU A 200 21.44 -53.40 -15.43
C LEU A 200 20.26 -54.21 -14.92
N PRO A 201 20.11 -55.45 -15.40
CA PRO A 201 19.10 -56.31 -14.78
C PRO A 201 19.47 -56.58 -13.32
N SER A 207 27.74 -60.28 -11.53
CA SER A 207 28.63 -59.13 -11.42
C SER A 207 28.92 -58.47 -12.77
N ALA A 208 28.40 -57.25 -12.95
CA ALA A 208 28.66 -56.48 -14.15
C ALA A 208 30.05 -55.85 -14.06
N ARG A 209 30.78 -55.90 -15.15
CA ARG A 209 32.14 -55.35 -15.17
C ARG A 209 32.13 -53.85 -15.36
N MET A 210 32.64 -53.16 -14.35
CA MET A 210 32.68 -51.71 -14.28
C MET A 210 34.00 -51.13 -14.80
N CYS A 211 33.90 -50.02 -15.53
CA CYS A 211 35.07 -49.38 -16.11
C CYS A 211 34.92 -47.85 -16.10
N VAL A 212 35.93 -47.15 -15.56
CA VAL A 212 35.86 -45.69 -15.46
C VAL A 212 36.99 -45.00 -16.22
N ILE A 213 36.61 -44.11 -17.14
CA ILE A 213 37.57 -43.43 -17.97
C ILE A 213 37.62 -41.97 -17.59
N GLY A 214 38.71 -41.57 -16.95
CA GLY A 214 38.88 -40.22 -16.43
C GLY A 214 38.86 -40.19 -14.91
N ALA A 215 40.03 -40.33 -14.30
CA ALA A 215 40.14 -40.54 -12.86
C ALA A 215 40.22 -39.25 -12.07
N GLY A 216 39.63 -38.17 -12.61
CA GLY A 216 39.63 -36.90 -11.91
C GLY A 216 38.63 -36.85 -10.76
N LYS A 217 38.22 -35.65 -10.38
CA LYS A 217 37.32 -35.51 -9.22
C LYS A 217 36.07 -36.37 -9.40
N MET A 218 35.51 -36.34 -10.60
CA MET A 218 34.22 -36.97 -10.87
C MET A 218 34.31 -38.49 -10.97
N GLY A 219 35.40 -38.97 -11.56
CA GLY A 219 35.57 -40.39 -11.75
C GLY A 219 35.95 -41.03 -10.42
N LYS A 220 36.64 -40.26 -9.59
CA LYS A 220 36.95 -40.70 -8.26
C LYS A 220 35.65 -40.84 -7.49
N LEU A 221 34.74 -39.90 -7.72
CA LEU A 221 33.45 -39.93 -7.05
C LEU A 221 32.63 -41.09 -7.55
N VAL A 222 32.70 -41.37 -8.85
CA VAL A 222 31.96 -42.50 -9.41
C VAL A 222 32.41 -43.78 -8.72
N ILE A 223 33.73 -43.93 -8.59
CA ILE A 223 34.33 -45.08 -7.93
C ILE A 223 33.92 -45.21 -6.45
N LYS A 224 33.81 -44.08 -5.75
CA LYS A 224 33.41 -44.15 -4.35
C LYS A 224 31.98 -44.68 -4.26
N HIS A 225 31.12 -44.16 -5.14
CA HIS A 225 29.71 -44.57 -5.18
C HIS A 225 29.55 -46.01 -5.60
N LEU A 226 30.46 -46.54 -6.41
CA LEU A 226 30.38 -47.95 -6.80
C LEU A 226 30.75 -48.80 -5.59
N MET A 227 31.78 -48.39 -4.84
CA MET A 227 32.19 -49.09 -3.62
C MET A 227 31.04 -49.17 -2.63
N ALA A 228 30.40 -48.03 -2.37
CA ALA A 228 29.28 -47.99 -1.42
C ALA A 228 28.09 -48.83 -1.90
N LYS A 229 28.04 -49.07 -3.20
CA LYS A 229 27.04 -49.97 -3.78
C LYS A 229 27.49 -51.42 -3.69
N GLY A 230 28.75 -51.62 -3.30
CA GLY A 230 29.28 -52.95 -3.06
C GLY A 230 30.24 -53.42 -4.13
N CYS A 231 30.56 -52.56 -5.08
CA CYS A 231 31.48 -52.95 -6.15
C CYS A 231 32.89 -53.19 -5.62
N THR A 232 33.50 -54.30 -6.04
CA THR A 232 34.82 -54.65 -5.52
C THR A 232 35.91 -54.67 -6.58
N LYS A 233 35.55 -54.52 -7.85
CA LYS A 233 36.56 -54.43 -8.90
C LYS A 233 36.18 -53.47 -10.01
N VAL A 234 37.04 -52.47 -10.23
CA VAL A 234 36.86 -51.56 -11.35
C VAL A 234 38.17 -51.30 -12.13
N VAL A 235 38.04 -51.30 -13.45
CA VAL A 235 39.14 -50.96 -14.33
C VAL A 235 39.13 -49.44 -14.62
N VAL A 236 40.22 -48.74 -14.30
CA VAL A 236 40.24 -47.30 -14.44
C VAL A 236 41.22 -46.87 -15.54
N VAL A 237 40.67 -46.31 -16.61
CA VAL A 237 41.46 -45.78 -17.72
C VAL A 237 41.69 -44.28 -17.51
N ASN A 238 42.95 -43.86 -17.52
CA ASN A 238 43.25 -42.44 -17.34
C ASN A 238 44.48 -42.03 -18.12
N ARG A 239 44.53 -40.73 -18.40
CA ARG A 239 45.62 -40.12 -19.13
C ARG A 239 46.94 -40.36 -18.41
N SER A 240 46.98 -40.04 -17.13
CA SER A 240 48.15 -40.34 -16.32
C SER A 240 47.83 -41.39 -15.27
N GLU A 241 48.82 -42.20 -14.92
CA GLU A 241 48.67 -43.25 -13.92
C GLU A 241 48.69 -42.69 -12.51
N GLU A 242 49.41 -41.58 -12.33
CA GLU A 242 49.61 -41.00 -11.01
C GLU A 242 48.30 -40.83 -10.22
N ARG A 243 47.32 -40.13 -10.81
CA ARG A 243 46.00 -39.98 -10.19
C ARG A 243 45.43 -41.33 -9.74
N VAL A 244 45.43 -42.32 -10.63
CA VAL A 244 44.89 -43.62 -10.27
C VAL A 244 45.71 -44.26 -9.13
N SER A 245 47.02 -44.06 -9.16
CA SER A 245 47.89 -44.55 -8.09
C SER A 245 47.41 -43.99 -6.74
N ALA A 246 47.16 -42.69 -6.71
CA ALA A 246 46.67 -42.04 -5.50
C ALA A 246 45.38 -42.71 -5.02
N ILE A 247 44.42 -42.82 -5.92
CA ILE A 247 43.11 -43.39 -5.62
C ILE A 247 43.24 -44.83 -5.13
N ARG A 248 44.10 -45.60 -5.78
CA ARG A 248 44.30 -46.99 -5.40
C ARG A 248 44.85 -47.09 -3.98
N GLU A 249 45.74 -46.17 -3.67
CA GLU A 249 46.42 -46.16 -2.39
C GLU A 249 45.44 -45.74 -1.30
N GLU A 250 44.44 -44.99 -1.75
CA GLU A 250 43.49 -44.31 -0.89
C GLU A 250 42.27 -45.17 -0.61
N MET A 251 42.01 -46.10 -1.52
CA MET A 251 40.87 -46.98 -1.38
C MET A 251 41.31 -48.44 -1.38
N PRO A 252 41.96 -48.89 -0.29
CA PRO A 252 42.48 -50.26 -0.18
C PRO A 252 41.43 -51.33 -0.39
N GLY A 253 40.22 -51.08 0.11
CA GLY A 253 39.17 -52.08 0.05
C GLY A 253 38.76 -52.62 -1.30
N ILE A 254 39.02 -51.86 -2.36
CA ILE A 254 38.62 -52.24 -3.73
C ILE A 254 39.85 -52.50 -4.63
N GLU A 255 39.70 -53.42 -5.60
CA GLU A 255 40.75 -53.73 -6.58
C GLU A 255 40.69 -52.79 -7.79
N ILE A 256 41.57 -51.81 -7.81
CA ILE A 256 41.61 -50.85 -8.90
C ILE A 256 42.69 -51.25 -9.93
N ILE A 257 42.26 -51.45 -11.18
CA ILE A 257 43.18 -51.84 -12.24
C ILE A 257 43.42 -50.71 -13.24
N TYR A 258 44.58 -50.07 -13.14
CA TYR A 258 44.94 -48.97 -14.04
C TYR A 258 45.24 -49.40 -15.47
N ARG A 259 44.74 -48.62 -16.43
CA ARG A 259 45.07 -48.83 -17.85
C ARG A 259 45.32 -47.49 -18.52
N PRO A 260 46.42 -47.40 -19.29
CA PRO A 260 46.69 -46.14 -19.97
C PRO A 260 45.66 -45.84 -21.05
N LEU A 261 45.47 -44.56 -21.35
CA LEU A 261 44.44 -44.11 -22.30
C LEU A 261 44.45 -44.81 -23.68
N ASP A 262 45.63 -45.23 -24.17
CA ASP A 262 45.66 -45.87 -25.50
C ASP A 262 45.10 -47.30 -25.48
N GLU A 263 44.80 -47.79 -24.29
CA GLU A 263 44.22 -49.13 -24.14
C GLU A 263 42.71 -49.03 -23.90
N MET A 264 42.17 -47.82 -24.08
CA MET A 264 40.78 -47.52 -23.83
C MET A 264 39.83 -48.58 -24.45
N LEU A 265 39.91 -48.77 -25.76
CA LEU A 265 38.96 -49.63 -26.48
C LEU A 265 39.01 -51.08 -26.02
N ALA A 266 40.13 -51.52 -25.47
CA ALA A 266 40.24 -52.88 -24.92
C ALA A 266 39.41 -52.98 -23.64
N CYS A 267 39.49 -51.92 -22.85
CA CYS A 267 38.80 -51.84 -21.58
C CYS A 267 37.28 -51.88 -21.74
N ALA A 268 36.75 -51.05 -22.63
CA ALA A 268 35.30 -50.98 -22.87
C ALA A 268 34.76 -52.31 -23.36
N SER A 269 35.61 -53.08 -24.02
CA SER A 269 35.19 -54.36 -24.60
C SER A 269 35.18 -55.47 -23.52
N GLU A 270 36.05 -55.35 -22.53
CA GLU A 270 36.03 -56.23 -21.36
C GLU A 270 35.14 -55.67 -20.24
N ALA A 271 34.31 -54.68 -20.57
CA ALA A 271 33.41 -54.06 -19.60
C ALA A 271 31.95 -54.08 -20.06
N ASP A 272 31.04 -54.09 -19.08
CA ASP A 272 29.61 -54.04 -19.36
C ASP A 272 29.06 -52.64 -19.21
N VAL A 273 29.61 -51.88 -18.30
CA VAL A 273 29.28 -50.47 -18.26
C VAL A 273 30.55 -49.64 -18.21
N VAL A 274 30.52 -48.60 -19.02
CA VAL A 274 31.65 -47.71 -19.23
C VAL A 274 31.27 -46.31 -18.76
N PHE A 275 31.89 -45.84 -17.68
CA PHE A 275 31.75 -44.46 -17.24
C PHE A 275 32.81 -43.56 -17.86
N THR A 276 32.35 -42.52 -18.54
CA THR A 276 33.27 -41.54 -19.12
C THR A 276 33.12 -40.23 -18.38
N SER A 277 34.22 -39.80 -17.78
CA SER A 277 34.26 -38.57 -17.02
C SER A 277 35.57 -37.79 -17.24
N THR A 278 35.87 -37.43 -18.49
CA THR A 278 37.10 -36.68 -18.80
C THR A 278 36.83 -35.27 -19.31
N ALA A 279 37.81 -34.38 -19.16
CA ALA A 279 37.69 -33.00 -19.65
C ALA A 279 37.92 -32.82 -21.17
N SER A 280 38.04 -33.92 -21.91
CA SER A 280 38.13 -33.90 -23.37
C SER A 280 37.05 -33.00 -23.99
N GLU A 281 37.43 -32.19 -24.96
CA GLU A 281 36.47 -31.32 -25.65
C GLU A 281 35.93 -31.98 -26.90
N THR A 282 36.34 -33.21 -27.15
CA THR A 282 35.84 -33.99 -28.28
C THR A 282 35.55 -35.42 -27.81
N PRO A 283 34.53 -36.05 -28.39
CA PRO A 283 34.16 -37.40 -27.95
C PRO A 283 35.31 -38.38 -28.10
N LEU A 284 35.41 -39.31 -27.16
CA LEU A 284 36.40 -40.36 -27.17
C LEU A 284 35.89 -41.60 -27.92
N PHE A 285 34.56 -41.72 -27.95
CA PHE A 285 33.88 -42.85 -28.60
C PHE A 285 32.95 -42.39 -29.72
N LEU A 286 33.16 -42.85 -30.95
CA LEU A 286 32.15 -42.63 -31.98
C LEU A 286 31.45 -43.95 -32.30
N LYS A 287 30.48 -43.92 -33.21
CA LYS A 287 29.80 -45.14 -33.63
C LYS A 287 30.81 -46.20 -34.09
N GLU A 288 31.75 -45.81 -34.96
CA GLU A 288 32.80 -46.72 -35.43
C GLU A 288 33.52 -47.47 -34.30
N HIS A 289 33.94 -46.76 -33.25
CA HIS A 289 34.65 -47.41 -32.15
C HIS A 289 33.82 -48.51 -31.48
N VAL A 290 32.54 -48.27 -31.21
CA VAL A 290 31.81 -49.22 -30.35
C VAL A 290 31.15 -50.37 -31.11
N GLU A 291 30.74 -50.15 -32.36
CA GLU A 291 30.18 -51.24 -33.18
C GLU A 291 31.16 -52.42 -33.35
N ASN A 292 32.45 -52.14 -33.23
CA ASN A 292 33.51 -53.13 -33.38
C ASN A 292 33.87 -53.83 -32.08
N LEU A 293 33.24 -53.40 -31.00
CA LEU A 293 33.46 -53.99 -29.68
C LEU A 293 32.64 -55.25 -29.54
N PRO A 294 33.24 -56.31 -28.99
CA PRO A 294 32.49 -57.52 -28.66
C PRO A 294 31.31 -57.17 -27.76
N GLN A 295 30.20 -57.88 -27.91
CA GLN A 295 28.97 -57.62 -27.14
C GLN A 295 29.20 -57.82 -25.64
N ALA A 296 28.45 -57.08 -24.84
CA ALA A 296 28.42 -57.30 -23.40
C ALA A 296 27.86 -58.68 -23.08
N SER A 297 28.22 -59.21 -21.92
CA SER A 297 27.80 -60.54 -21.51
C SER A 297 26.29 -60.67 -21.46
N PRO A 298 25.76 -61.79 -21.95
CA PRO A 298 24.32 -62.05 -21.88
C PRO A 298 23.84 -62.10 -20.44
N GLU A 299 24.73 -62.37 -19.50
CA GLU A 299 24.36 -62.40 -18.08
C GLU A 299 23.78 -61.07 -17.65
N VAL A 300 24.20 -60.00 -18.31
CA VAL A 300 23.73 -58.66 -17.98
C VAL A 300 22.95 -58.09 -19.14
N GLY A 301 22.43 -58.98 -19.97
CA GLY A 301 21.46 -58.60 -20.98
C GLY A 301 22.02 -58.35 -22.35
N GLY A 302 23.34 -58.46 -22.47
CA GLY A 302 24.01 -58.25 -23.74
C GLY A 302 24.15 -56.80 -24.22
N LEU A 303 23.87 -55.85 -23.34
CA LEU A 303 24.00 -54.44 -23.71
C LEU A 303 25.17 -53.78 -22.95
N ARG A 304 25.87 -52.89 -23.63
CA ARG A 304 26.93 -52.13 -22.98
C ARG A 304 26.41 -50.74 -22.67
N HIS A 305 26.33 -50.42 -21.39
CA HIS A 305 25.84 -49.12 -20.97
C HIS A 305 26.93 -48.05 -20.84
N PHE A 306 26.92 -47.10 -21.76
CA PHE A 306 27.82 -45.96 -21.72
C PHE A 306 27.20 -44.85 -20.89
N VAL A 307 27.70 -44.66 -19.67
CA VAL A 307 27.21 -43.61 -18.78
C VAL A 307 28.17 -42.42 -18.78
N ASP A 308 27.80 -41.43 -19.60
CA ASP A 308 28.65 -40.29 -19.98
C ASP A 308 28.31 -39.02 -19.24
N ILE A 309 29.02 -38.73 -18.16
CA ILE A 309 28.76 -37.52 -17.38
C ILE A 309 29.71 -36.39 -17.71
N SER A 310 30.14 -36.32 -18.96
CA SER A 310 31.08 -35.27 -19.35
C SER A 310 30.40 -34.23 -20.21
N VAL A 311 30.74 -32.97 -19.98
CA VAL A 311 30.27 -31.92 -20.84
C VAL A 311 31.44 -31.03 -21.25
N PRO A 312 31.79 -31.04 -22.55
CA PRO A 312 31.20 -31.81 -23.65
C PRO A 312 31.31 -33.32 -23.50
N ARG A 313 30.38 -34.02 -24.15
CA ARG A 313 30.21 -35.45 -23.97
C ARG A 313 31.40 -36.23 -24.50
N ASN A 314 31.76 -37.29 -23.80
CA ASN A 314 32.82 -38.19 -24.25
C ASN A 314 32.30 -39.30 -25.16
N VAL A 315 30.99 -39.35 -25.33
CA VAL A 315 30.39 -40.35 -26.18
C VAL A 315 29.53 -39.64 -27.23
N GLY A 316 29.75 -39.99 -28.49
CA GLY A 316 28.91 -39.52 -29.58
C GLY A 316 27.50 -40.08 -29.48
N SER A 317 26.52 -39.29 -29.90
CA SER A 317 25.14 -39.72 -29.80
C SER A 317 24.85 -40.76 -30.88
N CYS A 318 25.73 -40.81 -31.86
CA CYS A 318 25.66 -41.84 -32.91
C CYS A 318 25.81 -43.24 -32.32
N VAL A 319 26.54 -43.35 -31.20
CA VAL A 319 26.78 -44.62 -30.55
C VAL A 319 25.46 -45.29 -30.22
N GLY A 320 24.43 -44.48 -30.02
CA GLY A 320 23.09 -45.00 -29.79
C GLY A 320 22.49 -45.76 -30.96
N GLU A 321 23.11 -45.63 -32.15
CA GLU A 321 22.69 -46.36 -33.35
C GLU A 321 23.14 -47.81 -33.29
N VAL A 322 24.18 -48.06 -32.49
CA VAL A 322 24.65 -49.41 -32.26
C VAL A 322 23.65 -50.17 -31.41
N GLU A 323 23.05 -51.20 -32.00
CA GLU A 323 21.98 -51.97 -31.37
C GLU A 323 22.29 -52.39 -29.92
N THR A 324 23.46 -53.00 -29.70
CA THR A 324 23.81 -53.58 -28.40
C THR A 324 24.47 -52.60 -27.44
N ALA A 325 24.25 -51.31 -27.66
CA ALA A 325 24.85 -50.27 -26.85
C ALA A 325 23.75 -49.37 -26.34
N ARG A 326 23.98 -48.76 -25.19
CA ARG A 326 23.07 -47.75 -24.64
C ARG A 326 23.88 -46.53 -24.27
N VAL A 327 23.40 -45.35 -24.66
CA VAL A 327 24.07 -44.11 -24.30
C VAL A 327 23.25 -43.24 -23.37
N TYR A 328 23.90 -42.74 -22.32
CA TYR A 328 23.29 -41.83 -21.37
C TYR A 328 24.18 -40.64 -21.12
N ASN A 329 23.61 -39.43 -21.11
CA ASN A 329 24.38 -38.22 -20.75
C ASN A 329 23.77 -37.53 -19.53
N VAL A 330 24.33 -36.39 -19.12
CA VAL A 330 23.94 -35.72 -17.87
C VAL A 330 22.45 -35.43 -17.80
N ASP A 331 21.88 -35.11 -18.95
CA ASP A 331 20.46 -34.87 -19.09
C ASP A 331 19.66 -36.14 -18.69
N ASP A 332 20.23 -37.31 -18.96
CA ASP A 332 19.52 -38.57 -18.70
C ASP A 332 19.57 -38.98 -17.22
N LEU A 333 20.37 -38.29 -16.42
CA LEU A 333 20.29 -38.47 -14.97
C LEU A 333 19.01 -37.89 -14.37
N LYS A 334 18.13 -37.35 -15.19
CA LYS A 334 16.85 -36.80 -14.71
C LYS A 334 15.86 -37.89 -14.32
N GLU A 335 15.99 -39.08 -14.91
CA GLU A 335 15.04 -40.15 -14.61
C GLU A 335 15.50 -40.95 -13.38
N VAL A 336 16.53 -40.46 -12.70
CA VAL A 336 16.95 -41.00 -11.40
C VAL A 336 16.33 -40.20 -10.25
N VAL A 337 16.82 -38.95 -10.12
CA VAL A 337 16.47 -37.96 -9.08
C VAL A 337 15.66 -38.47 -7.85
N ALA A 338 16.19 -39.52 -7.22
CA ALA A 338 15.54 -40.13 -6.08
C ALA A 338 16.55 -40.36 -4.95
N ALA A 339 16.56 -39.46 -3.98
CA ALA A 339 17.44 -39.58 -2.82
C ALA A 339 16.92 -38.83 -1.59
N ASN A 340 16.06 -39.50 -0.82
CA ASN A 340 15.43 -38.92 0.36
C ASN A 340 14.76 -37.59 0.04
N LYS A 341 13.62 -37.67 -0.66
CA LYS A 341 12.91 -36.49 -1.15
C LYS A 341 12.40 -35.56 -0.04
N GLU A 342 12.61 -35.93 1.22
CA GLU A 342 12.09 -35.17 2.37
C GLU A 342 12.81 -33.82 2.56
N ASP A 343 13.93 -33.64 1.87
CA ASP A 343 14.62 -32.36 1.84
C ASP A 343 13.92 -31.40 0.86
N ARG A 344 12.73 -31.81 0.41
CA ARG A 344 11.87 -31.05 -0.48
C ARG A 344 11.61 -29.68 0.08
N MET A 345 11.46 -29.63 1.40
CA MET A 345 11.35 -28.38 2.09
C MET A 345 12.67 -28.14 2.82
N ARG A 346 12.91 -28.89 3.90
CA ARG A 346 14.01 -28.67 4.84
C ARG A 346 15.21 -27.94 4.24
N LYS A 347 16.03 -28.67 3.49
CA LYS A 347 17.22 -28.11 2.88
C LYS A 347 16.90 -26.88 2.04
N ALA A 348 15.96 -27.03 1.12
CA ALA A 348 15.63 -26.01 0.14
C ALA A 348 14.76 -24.89 0.72
N MET A 349 14.33 -25.06 1.97
CA MET A 349 13.53 -24.05 2.66
C MET A 349 14.42 -23.23 3.58
N GLU A 350 15.24 -23.92 4.38
CA GLU A 350 16.19 -23.29 5.28
C GLU A 350 17.18 -22.42 4.52
N ALA A 351 17.35 -22.73 3.25
CA ALA A 351 18.34 -22.07 2.43
C ALA A 351 17.80 -20.79 1.82
N GLN A 352 16.51 -20.80 1.48
CA GLN A 352 15.96 -19.65 0.78
C GLN A 352 15.94 -18.41 1.67
N THR A 353 15.87 -18.60 2.99
CA THR A 353 15.90 -17.49 3.95
C THR A 353 17.27 -16.84 4.00
N ILE A 354 18.30 -17.69 4.01
CA ILE A 354 19.67 -17.27 3.80
C ILE A 354 19.80 -16.48 2.50
N ILE A 355 19.24 -17.01 1.43
CA ILE A 355 19.37 -16.36 0.13
C ILE A 355 18.69 -14.97 0.13
N THR A 356 17.55 -14.84 0.84
CA THR A 356 16.78 -13.60 0.85
C THR A 356 17.47 -12.51 1.67
N GLU A 357 18.21 -12.93 2.68
CA GLU A 357 18.90 -11.96 3.53
C GLU A 357 20.24 -11.52 2.93
N GLU A 358 20.91 -12.46 2.26
CA GLU A 358 22.20 -12.17 1.64
C GLU A 358 22.02 -11.30 0.39
N SER A 359 20.94 -11.53 -0.35
CA SER A 359 20.61 -10.70 -1.51
C SER A 359 20.58 -9.24 -1.13
N THR A 360 19.61 -8.87 -0.29
CA THR A 360 19.42 -7.49 0.12
C THR A 360 20.67 -6.93 0.81
N GLN A 361 21.43 -7.80 1.46
CA GLN A 361 22.75 -7.44 1.96
C GLN A 361 23.68 -7.08 0.79
N PHE A 362 23.73 -7.93 -0.22
CA PHE A 362 24.57 -7.68 -1.39
C PHE A 362 24.17 -6.40 -2.13
N GLU A 363 22.87 -6.14 -2.25
CA GLU A 363 22.38 -4.97 -2.98
C GLU A 363 22.85 -3.70 -2.30
N ALA A 364 22.80 -3.73 -0.97
CA ALA A 364 23.35 -2.64 -0.17
C ALA A 364 24.81 -2.47 -0.49
N TRP A 365 25.52 -3.59 -0.53
CA TRP A 365 26.94 -3.56 -0.86
C TRP A 365 27.17 -2.98 -2.26
N ARG A 366 26.35 -3.38 -3.21
CA ARG A 366 26.51 -2.89 -4.57
C ARG A 366 26.26 -1.38 -4.59
N ASP A 367 25.21 -0.93 -3.90
CA ASP A 367 24.91 0.50 -3.80
C ASP A 367 26.05 1.29 -3.13
N SER A 368 26.76 0.67 -2.20
CA SER A 368 27.88 1.32 -1.50
C SER A 368 29.16 1.40 -2.35
N LEU A 369 29.02 1.19 -3.66
CA LEU A 369 30.16 1.25 -4.57
C LEU A 369 30.20 2.61 -5.27
N GLU A 370 29.03 3.19 -5.50
CA GLU A 370 28.91 4.52 -6.08
C GLU A 370 29.42 5.58 -5.10
N THR A 371 29.77 5.12 -3.90
CA THR A 371 30.34 5.99 -2.88
C THR A 371 31.76 6.36 -3.25
N VAL A 372 32.37 5.55 -4.11
CA VAL A 372 33.74 5.82 -4.56
C VAL A 372 33.76 7.05 -5.48
N PRO A 373 32.96 7.05 -6.58
CA PRO A 373 32.96 8.26 -7.41
C PRO A 373 32.64 9.55 -6.64
N THR A 374 31.99 9.43 -5.50
CA THR A 374 31.57 10.59 -4.69
C THR A 374 32.73 11.16 -3.87
N ILE A 375 33.44 10.29 -3.14
CA ILE A 375 34.61 10.72 -2.39
C ILE A 375 35.60 11.49 -3.28
N LYS A 376 35.93 10.91 -4.43
CA LYS A 376 36.83 11.56 -5.39
C LYS A 376 36.27 12.90 -5.86
N LYS A 377 35.06 12.88 -6.44
CA LYS A 377 34.44 14.07 -7.01
C LYS A 377 34.26 15.23 -6.03
N LEU A 378 33.63 14.95 -4.89
CA LEU A 378 33.41 15.96 -3.85
C LEU A 378 34.71 16.67 -3.48
N ARG A 379 35.81 15.90 -3.41
CA ARG A 379 37.14 16.46 -3.14
C ARG A 379 37.51 17.46 -4.23
N ALA A 380 37.34 17.05 -5.48
CA ALA A 380 37.65 17.89 -6.62
C ALA A 380 36.70 19.08 -6.74
N TYR A 381 35.48 18.91 -6.27
CA TYR A 381 34.49 19.97 -6.30
C TYR A 381 34.91 21.10 -5.39
N ALA A 382 35.40 20.75 -4.21
CA ALA A 382 35.87 21.75 -3.27
C ALA A 382 37.19 22.32 -3.77
N GLU A 383 37.91 21.53 -4.55
CA GLU A 383 39.23 21.93 -5.03
C GLU A 383 39.11 23.00 -6.12
N ARG A 384 37.99 23.02 -6.84
CA ARG A 384 37.77 24.02 -7.87
C ARG A 384 37.35 25.33 -7.20
N ILE A 385 36.64 25.24 -6.09
CA ILE A 385 36.27 26.44 -5.34
C ILE A 385 37.49 27.00 -4.61
N ARG A 386 38.29 26.12 -4.03
CA ARG A 386 39.47 26.54 -3.30
C ARG A 386 40.39 27.33 -4.20
N VAL A 387 40.59 26.78 -5.40
CA VAL A 387 41.51 27.36 -6.37
C VAL A 387 41.02 28.72 -6.86
N ALA A 388 39.77 28.81 -7.24
CA ALA A 388 39.23 30.07 -7.73
C ALA A 388 39.34 31.17 -6.68
N GLU A 389 38.89 30.88 -5.45
CA GLU A 389 38.96 31.84 -4.36
C GLU A 389 40.41 32.20 -3.99
N LEU A 390 41.31 31.22 -4.00
CA LEU A 390 42.72 31.49 -3.73
C LEU A 390 43.23 32.51 -4.74
N GLU A 391 43.11 32.14 -6.01
CA GLU A 391 43.47 32.97 -7.13
C GLU A 391 42.89 34.36 -6.99
N LYS A 392 41.61 34.43 -6.62
CA LYS A 392 40.90 35.70 -6.48
C LYS A 392 41.56 36.57 -5.41
N CYS A 393 41.97 35.94 -4.32
CA CYS A 393 42.64 36.62 -3.20
C CYS A 393 44.06 37.11 -3.58
N MET A 394 44.83 36.26 -4.26
CA MET A 394 46.25 36.53 -4.54
C MET A 394 46.52 37.70 -5.48
N SER A 395 45.48 38.18 -6.15
CA SER A 395 45.61 39.34 -7.00
C SER A 395 45.45 40.65 -6.20
N LYS A 396 45.43 40.53 -4.88
CA LYS A 396 45.31 41.71 -4.01
C LYS A 396 46.32 41.63 -2.86
N LYS A 404 56.53 34.93 3.35
CA LYS A 404 55.70 33.85 2.83
C LYS A 404 54.28 33.95 3.38
N THR A 405 53.68 35.11 3.19
CA THR A 405 52.26 35.31 3.46
C THR A 405 51.44 34.47 2.48
N THR A 406 52.11 34.03 1.41
CA THR A 406 51.49 33.26 0.34
C THR A 406 51.21 31.83 0.79
N ARG A 407 52.10 31.28 1.63
CA ARG A 407 51.92 29.97 2.24
C ARG A 407 50.81 30.06 3.30
N ALA A 408 50.72 31.21 3.96
CA ALA A 408 49.70 31.46 4.97
C ALA A 408 48.29 31.32 4.38
N VAL A 409 48.05 32.02 3.28
CA VAL A 409 46.75 32.01 2.63
C VAL A 409 46.50 30.68 1.89
N ASP A 410 47.55 30.07 1.34
CA ASP A 410 47.42 28.72 0.76
C ASP A 410 46.96 27.74 1.83
N ASP A 411 47.58 27.84 3.01
CA ASP A 411 47.24 26.97 4.13
C ASP A 411 45.85 27.27 4.66
N LEU A 412 45.52 28.55 4.72
CA LEU A 412 44.17 28.97 5.11
C LEU A 412 43.13 28.33 4.18
N SER A 413 43.42 28.30 2.89
CA SER A 413 42.50 27.75 1.91
C SER A 413 42.41 26.22 2.02
N ARG A 414 43.51 25.58 2.42
CA ARG A 414 43.50 24.13 2.61
C ARG A 414 42.81 23.75 3.92
N GLY A 415 43.03 24.57 4.94
CA GLY A 415 42.48 24.30 6.25
C GLY A 415 40.95 24.37 6.30
N ILE A 416 40.38 25.38 5.65
CA ILE A 416 38.94 25.55 5.59
C ILE A 416 38.30 24.38 4.87
N VAL A 417 38.90 23.96 3.75
CA VAL A 417 38.37 22.84 2.97
C VAL A 417 38.50 21.52 3.72
N ASN A 418 39.66 21.25 4.31
CA ASN A 418 39.83 19.99 5.02
C ASN A 418 38.88 19.89 6.20
N ARG A 419 38.63 21.02 6.84
CA ARG A 419 37.69 21.10 7.95
C ARG A 419 36.23 20.99 7.51
N PHE A 420 36.01 20.81 6.21
CA PHE A 420 34.67 20.62 5.72
C PHE A 420 34.56 19.28 5.03
N LEU A 421 35.70 18.72 4.63
CA LEU A 421 35.72 17.41 4.01
C LEU A 421 35.85 16.32 5.06
N HIS A 422 36.56 16.64 6.14
CA HIS A 422 36.92 15.65 7.16
C HIS A 422 35.71 14.88 7.69
N GLY A 423 34.65 15.62 8.03
CA GLY A 423 33.38 15.04 8.46
C GLY A 423 32.83 13.99 7.51
N PRO A 424 32.36 14.42 6.32
CA PRO A 424 31.85 13.55 5.26
C PRO A 424 32.81 12.43 4.79
N MET A 425 34.10 12.52 5.12
CA MET A 425 35.11 11.52 4.70
C MET A 425 34.87 10.10 5.19
N GLN A 426 34.28 9.92 6.37
CA GLN A 426 34.05 8.57 6.89
C GLN A 426 32.62 8.14 6.64
N HIS A 427 31.73 9.12 6.58
CA HIS A 427 30.33 8.88 6.32
C HIS A 427 30.09 8.62 4.83
N LEU A 428 31.13 8.15 4.15
CA LEU A 428 31.02 7.77 2.74
C LEU A 428 31.59 6.36 2.53
N THR A 437 26.26 2.33 10.61
CA THR A 437 25.61 1.37 9.72
C THR A 437 25.73 1.77 8.25
N LEU A 438 25.47 0.81 7.39
CA LEU A 438 25.68 0.97 5.96
C LEU A 438 24.50 1.70 5.32
N SER A 439 23.32 1.62 5.92
CA SER A 439 22.17 2.33 5.35
C SER A 439 22.27 3.85 5.59
N GLU A 440 22.94 4.24 6.67
CA GLU A 440 23.11 5.66 6.95
C GLU A 440 24.28 6.20 6.13
N THR A 441 25.26 5.35 5.86
CA THR A 441 26.37 5.73 4.99
C THR A 441 25.87 5.94 3.56
N LEU A 442 24.96 5.08 3.14
CA LEU A 442 24.28 5.21 1.85
C LEU A 442 23.48 6.51 1.70
N GLU A 443 22.69 6.87 2.70
CA GLU A 443 21.87 8.09 2.63
C GLU A 443 22.76 9.35 2.67
N ASN A 444 23.88 9.28 3.37
CA ASN A 444 24.91 10.31 3.36
C ASN A 444 25.43 10.57 1.95
N MET A 445 25.75 9.49 1.25
CA MET A 445 26.19 9.56 -0.14
C MET A 445 25.16 10.19 -1.07
N HIS A 446 23.91 9.74 -0.97
CA HIS A 446 22.84 10.28 -1.81
C HIS A 446 22.62 11.78 -1.54
N ALA A 447 22.84 12.19 -0.30
CA ALA A 447 22.65 13.57 0.12
C ALA A 447 23.68 14.50 -0.53
N LEU A 448 24.96 14.17 -0.38
CA LEU A 448 26.04 14.91 -1.03
C LEU A 448 25.81 15.05 -2.53
N ASN A 449 25.33 13.99 -3.17
CA ASN A 449 25.04 14.02 -4.60
C ASN A 449 23.94 15.01 -4.94
N ARG A 450 22.86 14.98 -4.16
CA ARG A 450 21.80 15.97 -4.34
C ARG A 450 22.31 17.37 -4.00
N MET A 451 23.09 17.49 -2.93
CA MET A 451 23.51 18.81 -2.46
C MET A 451 24.62 19.42 -3.31
N TYR A 452 25.30 18.57 -4.09
CA TYR A 452 26.36 19.01 -5.00
C TYR A 452 26.08 18.47 -6.40
N GLY A 453 27.03 17.71 -6.94
CA GLY A 453 26.84 17.03 -8.22
C GLY A 453 27.26 15.59 -8.16
N THR B 49 -6.12 -22.91 -26.58
CA THR B 49 -6.58 -21.68 -25.93
C THR B 49 -5.45 -20.97 -25.19
N HIS B 50 -4.34 -21.67 -24.95
CA HIS B 50 -3.22 -21.16 -24.14
C HIS B 50 -3.64 -20.78 -22.71
N LYS B 51 -4.72 -21.37 -22.23
CA LYS B 51 -5.14 -21.16 -20.86
C LYS B 51 -5.13 -22.48 -20.11
N PRO B 52 -4.92 -22.46 -18.78
CA PRO B 52 -5.14 -23.63 -17.94
C PRO B 52 -6.51 -24.23 -18.16
N PHE B 53 -6.66 -25.52 -17.98
CA PHE B 53 -7.99 -26.10 -18.01
C PHE B 53 -8.84 -25.46 -16.88
N PRO B 54 -10.13 -25.21 -17.15
CA PRO B 54 -11.10 -24.76 -16.13
C PRO B 54 -11.00 -25.52 -14.81
N ALA B 55 -10.70 -26.82 -14.87
CA ALA B 55 -10.47 -27.60 -13.66
C ALA B 55 -9.26 -27.08 -12.88
N GLU B 56 -8.24 -26.61 -13.59
CA GLU B 56 -7.04 -26.09 -12.94
C GLU B 56 -7.30 -24.71 -12.32
N VAL B 57 -8.04 -23.87 -13.07
CA VAL B 57 -8.48 -22.59 -12.54
C VAL B 57 -9.29 -22.80 -11.26
N SER B 58 -10.29 -23.67 -11.32
CA SER B 58 -11.06 -24.03 -10.12
C SER B 58 -10.16 -24.27 -8.92
N ARG B 59 -9.30 -25.26 -9.03
CA ARG B 59 -8.45 -25.63 -7.90
C ARG B 59 -7.58 -24.48 -7.44
N SER B 60 -7.19 -23.60 -8.37
CA SER B 60 -6.36 -22.45 -8.01
C SER B 60 -7.15 -21.45 -7.16
N ILE B 61 -8.37 -21.18 -7.59
CA ILE B 61 -9.30 -20.35 -6.85
C ILE B 61 -9.48 -20.88 -5.44
N MET B 62 -9.56 -22.19 -5.33
CA MET B 62 -9.85 -22.83 -4.07
C MET B 62 -8.62 -22.79 -3.17
N GLU B 63 -7.43 -22.73 -3.77
CA GLU B 63 -6.20 -22.60 -2.97
C GLU B 63 -5.94 -21.16 -2.53
N LEU B 64 -6.39 -20.17 -3.29
CA LEU B 64 -6.00 -18.78 -3.02
C LEU B 64 -7.00 -18.09 -2.13
N SER B 65 -8.25 -18.49 -2.27
CA SER B 65 -9.36 -17.95 -1.50
C SER B 65 -9.59 -18.69 -0.18
N SER B 66 -10.48 -18.16 0.65
CA SER B 66 -10.72 -18.73 1.95
C SER B 66 -12.13 -18.41 2.42
N VAL B 67 -12.79 -17.53 1.67
CA VAL B 67 -14.14 -17.08 1.98
C VAL B 67 -15.12 -17.53 0.90
N GLY B 68 -16.32 -17.92 1.30
CA GLY B 68 -17.29 -18.33 0.32
C GLY B 68 -18.73 -18.24 0.76
N THR B 69 -19.60 -18.70 -0.12
CA THR B 69 -21.02 -18.71 0.15
C THR B 69 -21.60 -20.11 0.04
N LEU B 70 -22.18 -20.60 1.14
CA LEU B 70 -22.86 -21.88 1.11
C LEU B 70 -24.31 -21.62 0.78
N SER B 71 -24.80 -22.33 -0.23
CA SER B 71 -26.18 -22.23 -0.68
C SER B 71 -26.91 -23.52 -0.34
N THR B 72 -28.11 -23.40 0.19
CA THR B 72 -28.91 -24.55 0.62
C THR B 72 -30.39 -24.29 0.45
N LEU B 73 -31.18 -25.35 0.65
CA LEU B 73 -32.64 -25.25 0.82
C LEU B 73 -33.01 -25.09 2.28
N THR B 74 -33.98 -24.22 2.55
CA THR B 74 -34.55 -24.11 3.88
C THR B 74 -35.87 -24.85 3.98
N HIS B 75 -36.54 -24.62 5.11
CA HIS B 75 -37.85 -25.19 5.42
C HIS B 75 -38.87 -24.97 4.29
N ASP B 76 -39.11 -23.70 3.96
CA ASP B 76 -40.13 -23.34 2.98
C ASP B 76 -39.73 -23.67 1.54
N GLY B 77 -38.60 -24.33 1.35
CA GLY B 77 -38.11 -24.63 0.02
C GLY B 77 -37.21 -23.53 -0.55
N TRP B 78 -37.20 -22.37 0.10
CA TRP B 78 -36.44 -21.21 -0.38
C TRP B 78 -34.93 -21.38 -0.43
N PRO B 79 -34.28 -20.66 -1.36
CA PRO B 79 -32.82 -20.57 -1.41
C PRO B 79 -32.28 -19.70 -0.27
N LEU B 80 -31.09 -20.07 0.18
CA LEU B 80 -30.42 -19.35 1.25
C LEU B 80 -28.92 -19.49 1.11
N GLY B 81 -28.26 -18.38 0.75
CA GLY B 81 -26.82 -18.32 0.72
C GLY B 81 -26.30 -17.77 2.03
N VAL B 82 -25.35 -18.46 2.66
CA VAL B 82 -24.74 -17.95 3.88
C VAL B 82 -23.23 -17.94 3.73
N GLY B 83 -22.63 -16.85 4.17
CA GLY B 83 -21.19 -16.71 4.17
C GLY B 83 -20.53 -17.74 5.06
N VAL B 84 -19.32 -18.16 4.68
CA VAL B 84 -18.63 -19.26 5.33
C VAL B 84 -17.16 -19.27 4.95
N ARG B 85 -16.32 -19.76 5.84
CA ARG B 85 -14.90 -19.94 5.51
C ARG B 85 -14.63 -21.41 5.25
N PHE B 86 -13.60 -21.68 4.46
CA PHE B 86 -13.33 -23.03 3.98
C PHE B 86 -11.83 -23.29 3.83
N ALA B 87 -11.46 -24.56 3.78
CA ALA B 87 -10.14 -24.99 3.32
C ALA B 87 -10.40 -26.19 2.42
N VAL B 88 -9.43 -26.59 1.61
CA VAL B 88 -9.65 -27.81 0.82
C VAL B 88 -8.53 -28.80 1.07
N ASP B 89 -8.78 -30.08 0.83
CA ASP B 89 -7.72 -31.07 1.03
C ASP B 89 -6.84 -31.14 -0.22
N LYS B 90 -6.17 -32.26 -0.41
CA LYS B 90 -5.27 -32.41 -1.55
C LYS B 90 -6.07 -32.74 -2.79
N ASP B 91 -7.38 -32.91 -2.58
CA ASP B 91 -8.28 -33.29 -3.65
C ASP B 91 -9.16 -32.12 -4.08
N GLY B 92 -9.01 -31.00 -3.39
CA GLY B 92 -9.87 -29.88 -3.63
C GLY B 92 -11.19 -29.92 -2.88
N THR B 93 -11.53 -31.05 -2.25
CA THR B 93 -12.75 -31.13 -1.45
C THR B 93 -12.76 -30.12 -0.29
N PRO B 94 -13.72 -29.21 -0.32
CA PRO B 94 -13.79 -28.15 0.68
C PRO B 94 -14.26 -28.60 2.08
N VAL B 95 -13.62 -28.06 3.12
CA VAL B 95 -14.06 -28.26 4.49
C VAL B 95 -14.55 -26.92 5.08
N LEU B 96 -15.82 -26.89 5.50
CA LEU B 96 -16.46 -25.67 5.99
C LEU B 96 -16.55 -25.61 7.52
N CYS B 97 -16.76 -24.41 8.05
CA CYS B 97 -17.14 -24.23 9.46
C CYS B 97 -18.54 -23.64 9.60
N LEU B 98 -19.47 -24.39 10.20
CA LEU B 98 -20.81 -23.86 10.42
C LEU B 98 -21.39 -24.24 11.77
N ASN B 99 -21.92 -23.25 12.49
CA ASN B 99 -22.42 -23.48 13.84
C ASN B 99 -23.83 -24.08 13.88
N ARG B 100 -24.69 -23.66 12.94
CA ARG B 100 -26.06 -24.18 12.87
C ARG B 100 -26.08 -25.70 12.67
N SER B 101 -27.27 -26.29 12.78
CA SER B 101 -27.44 -27.73 12.65
C SER B 101 -27.13 -28.27 11.25
N VAL B 102 -27.70 -29.42 10.92
CA VAL B 102 -27.35 -30.13 9.70
C VAL B 102 -28.32 -29.88 8.56
N SER B 103 -29.60 -29.75 8.90
CA SER B 103 -30.70 -29.69 7.94
C SER B 103 -30.79 -30.99 7.14
N PRO B 104 -31.97 -31.63 7.14
CA PRO B 104 -32.15 -32.90 6.43
C PRO B 104 -31.68 -32.85 4.96
N ASP B 105 -32.04 -31.81 4.21
CA ASP B 105 -31.61 -31.67 2.82
C ASP B 105 -30.11 -31.32 2.75
N LYS B 106 -29.28 -32.31 2.40
CA LYS B 106 -27.83 -32.12 2.37
C LYS B 106 -27.35 -31.55 1.04
N ARG B 107 -28.26 -31.41 0.09
CA ARG B 107 -27.92 -30.80 -1.17
C ARG B 107 -27.51 -29.37 -0.93
N SER B 108 -26.35 -28.99 -1.49
CA SER B 108 -25.83 -27.64 -1.29
C SER B 108 -24.88 -27.18 -2.42
N ALA B 109 -24.45 -25.92 -2.35
CA ALA B 109 -23.45 -25.38 -3.27
C ALA B 109 -22.49 -24.43 -2.55
N LEU B 110 -21.20 -24.50 -2.90
CA LEU B 110 -20.17 -23.61 -2.36
C LEU B 110 -19.61 -22.73 -3.46
N HIS B 111 -19.84 -21.43 -3.37
CA HIS B 111 -19.44 -20.52 -4.43
C HIS B 111 -18.30 -19.64 -3.97
N VAL B 112 -17.20 -19.67 -4.70
CA VAL B 112 -16.00 -18.95 -4.31
C VAL B 112 -15.51 -18.04 -5.45
N GLN B 113 -15.16 -16.82 -5.07
CA GLN B 113 -14.68 -15.83 -6.02
C GLN B 113 -13.22 -15.53 -5.80
N LEU B 114 -12.51 -15.26 -6.89
CA LEU B 114 -11.15 -14.76 -6.83
C LEU B 114 -11.07 -13.44 -7.63
N GLU B 115 -10.75 -12.33 -6.98
CA GLU B 115 -10.62 -11.10 -7.73
C GLU B 115 -9.19 -10.85 -8.19
N GLN B 116 -9.07 -10.44 -9.46
CA GLN B 116 -7.76 -10.30 -10.10
C GLN B 116 -7.47 -8.86 -10.50
N CYS B 117 -6.45 -8.30 -9.87
CA CYS B 117 -5.98 -6.94 -10.16
C CYS B 117 -7.09 -5.88 -10.15
N GLY B 118 -8.13 -6.13 -9.36
CA GLY B 118 -9.27 -5.23 -9.31
C GLY B 118 -9.99 -5.07 -10.63
N LEU B 119 -9.77 -6.00 -11.56
CA LEU B 119 -10.32 -5.87 -12.90
C LEU B 119 -11.28 -7.01 -13.25
N ARG B 120 -11.08 -8.16 -12.64
CA ARG B 120 -11.71 -9.38 -13.11
C ARG B 120 -11.88 -10.39 -12.00
N THR B 121 -12.97 -11.15 -12.07
CA THR B 121 -13.28 -12.09 -10.99
C THR B 121 -13.68 -13.46 -11.53
N PRO B 122 -12.69 -14.31 -11.75
CA PRO B 122 -12.92 -15.75 -11.94
C PRO B 122 -13.65 -16.32 -10.72
N GLN B 123 -14.50 -17.32 -10.94
CA GLN B 123 -15.37 -17.89 -9.89
C GLN B 123 -15.66 -19.35 -10.13
N CYS B 124 -15.85 -20.11 -9.04
CA CYS B 124 -16.31 -21.48 -9.20
C CYS B 124 -17.35 -21.85 -8.16
N THR B 125 -18.17 -22.83 -8.52
CA THR B 125 -19.25 -23.21 -7.64
C THR B 125 -19.28 -24.71 -7.55
N ILE B 126 -19.02 -25.22 -6.35
CA ILE B 126 -19.03 -26.65 -6.08
C ILE B 126 -20.42 -27.09 -5.68
N GLN B 127 -21.05 -27.93 -6.49
CA GLN B 127 -22.27 -28.59 -6.05
C GLN B 127 -21.95 -29.94 -5.45
N GLY B 128 -22.30 -30.13 -4.19
CA GLY B 128 -22.24 -31.44 -3.58
C GLY B 128 -23.14 -31.58 -2.36
N SER B 129 -22.98 -32.68 -1.64
CA SER B 129 -23.71 -32.92 -0.41
C SER B 129 -22.86 -32.54 0.80
N ILE B 130 -23.47 -31.84 1.74
CA ILE B 130 -22.76 -31.52 2.98
C ILE B 130 -23.02 -32.58 4.06
N GLY B 131 -21.97 -32.92 4.81
CA GLY B 131 -22.04 -33.93 5.84
C GLY B 131 -20.78 -33.91 6.68
N ARG B 132 -20.79 -34.64 7.79
CA ARG B 132 -19.63 -34.71 8.67
C ARG B 132 -18.53 -35.54 8.00
N PRO B 133 -17.28 -35.43 8.49
CA PRO B 133 -16.24 -36.31 7.91
C PRO B 133 -16.50 -37.80 8.15
N GLY B 134 -17.47 -38.13 9.00
CA GLY B 134 -17.81 -39.53 9.25
C GLY B 134 -16.86 -40.18 10.21
N ASP B 135 -15.82 -40.84 9.68
CA ASP B 135 -14.77 -41.41 10.52
C ASP B 135 -13.97 -40.29 11.19
N ASP B 136 -13.54 -40.54 12.42
CA ASP B 136 -12.79 -39.53 13.18
C ASP B 136 -11.27 -39.73 13.03
N THR B 137 -10.81 -39.77 11.78
CA THR B 137 -9.38 -39.76 11.51
C THR B 137 -9.08 -38.77 10.40
N VAL B 138 -10.05 -38.59 9.49
CA VAL B 138 -9.95 -37.55 8.48
C VAL B 138 -10.21 -36.22 9.17
N LEU B 139 -11.04 -36.28 10.21
CA LEU B 139 -11.36 -35.14 11.06
C LEU B 139 -10.13 -34.61 11.81
N LYS B 140 -9.00 -35.27 11.65
CA LYS B 140 -7.76 -34.78 12.25
C LYS B 140 -6.83 -34.35 11.13
N ARG B 141 -7.08 -34.87 9.93
CA ARG B 141 -6.36 -34.41 8.75
C ARG B 141 -6.98 -33.07 8.29
N LEU B 142 -8.30 -33.03 8.19
CA LEU B 142 -9.02 -31.81 7.80
C LEU B 142 -8.83 -30.70 8.83
N SER B 143 -8.82 -31.08 10.11
CA SER B 143 -8.57 -30.15 11.22
C SER B 143 -7.18 -29.54 11.16
N ALA B 144 -6.18 -30.37 10.87
CA ALA B 144 -4.81 -29.89 10.80
C ALA B 144 -4.66 -28.88 9.68
N THR B 145 -5.13 -29.23 8.48
CA THR B 145 -4.98 -28.34 7.32
C THR B 145 -5.75 -27.04 7.51
N TRP B 146 -6.92 -27.11 8.11
CA TRP B 146 -7.66 -25.90 8.47
C TRP B 146 -6.80 -25.06 9.39
N ARG B 147 -6.26 -25.70 10.43
CA ARG B 147 -5.44 -24.99 11.41
C ARG B 147 -4.22 -24.39 10.75
N GLU B 148 -3.68 -25.10 9.78
CA GLU B 148 -2.46 -24.67 9.12
C GLU B 148 -2.74 -23.57 8.08
N LYS B 149 -3.98 -23.52 7.57
CA LYS B 149 -4.38 -22.46 6.66
C LYS B 149 -4.69 -21.16 7.41
N PHE B 150 -5.36 -21.26 8.54
CA PHE B 150 -5.81 -20.04 9.19
C PHE B 150 -4.92 -19.68 10.39
N GLY B 151 -4.01 -20.57 10.75
CA GLY B 151 -3.13 -20.35 11.88
C GLY B 151 -3.89 -20.33 13.19
N GLU B 152 -4.96 -21.12 13.27
CA GLU B 152 -5.86 -21.07 14.40
C GLU B 152 -6.53 -22.42 14.67
N GLU B 153 -6.99 -22.61 15.91
CA GLU B 153 -7.69 -23.85 16.27
C GLU B 153 -9.17 -23.76 15.95
N VAL B 154 -9.86 -24.89 16.04
CA VAL B 154 -11.25 -24.96 15.62
C VAL B 154 -11.97 -26.18 16.21
N LYS B 155 -13.17 -25.97 16.74
CA LYS B 155 -13.93 -27.08 17.32
C LYS B 155 -14.26 -28.14 16.26
N GLU B 156 -13.72 -29.34 16.45
CA GLU B 156 -13.93 -30.46 15.55
C GLU B 156 -15.39 -30.64 15.11
N ASP B 157 -16.34 -30.47 16.03
CA ASP B 157 -17.73 -30.78 15.70
C ASP B 157 -18.41 -29.65 14.93
N SER B 158 -17.63 -28.63 14.57
CA SER B 158 -18.13 -27.59 13.67
C SER B 158 -17.50 -27.68 12.26
N LEU B 159 -16.93 -28.83 11.93
CA LEU B 159 -16.32 -29.00 10.62
C LEU B 159 -17.21 -29.82 9.69
N TYR B 160 -17.37 -29.35 8.46
CA TYR B 160 -18.16 -30.09 7.46
C TYR B 160 -17.41 -30.17 6.12
N VAL B 161 -17.73 -31.22 5.37
CA VAL B 161 -17.15 -31.49 4.07
C VAL B 161 -18.25 -31.44 3.04
N VAL B 162 -18.03 -30.67 1.97
CA VAL B 162 -18.93 -30.71 0.84
C VAL B 162 -18.37 -31.73 -0.14
N ALA B 163 -18.95 -32.93 -0.17
CA ALA B 163 -18.44 -33.95 -1.07
C ALA B 163 -18.76 -33.47 -2.48
N VAL B 164 -17.75 -33.41 -3.34
CA VAL B 164 -17.86 -32.71 -4.64
C VAL B 164 -18.54 -33.52 -5.74
N ASP B 165 -19.77 -33.18 -6.10
CA ASP B 165 -20.40 -33.82 -7.28
C ASP B 165 -19.87 -33.20 -8.59
N ARG B 166 -20.06 -31.89 -8.76
CA ARG B 166 -19.48 -31.18 -9.90
C ARG B 166 -19.19 -29.71 -9.60
N VAL B 167 -18.41 -29.08 -10.49
CA VAL B 167 -17.88 -27.74 -10.25
C VAL B 167 -18.17 -26.82 -11.44
N LEU B 168 -18.75 -25.66 -11.19
CA LEU B 168 -19.03 -24.73 -12.28
C LEU B 168 -17.97 -23.63 -12.37
N GLN B 169 -17.17 -23.65 -13.42
CA GLN B 169 -16.09 -22.67 -13.55
C GLN B 169 -16.46 -21.52 -14.50
N MET B 170 -16.37 -20.29 -14.01
CA MET B 170 -16.63 -19.12 -14.84
C MET B 170 -15.41 -18.22 -14.82
N GLU B 171 -15.15 -17.54 -15.94
CA GLU B 171 -13.92 -16.78 -16.08
C GLU B 171 -14.09 -15.38 -15.49
N ASP B 172 -15.34 -14.96 -15.35
CA ASP B 172 -15.64 -13.61 -14.89
C ASP B 172 -17.12 -13.53 -14.57
N PHE B 173 -17.59 -12.39 -14.06
CA PHE B 173 -19.02 -12.17 -13.87
C PHE B 173 -19.70 -12.21 -15.24
N MET B 174 -21.03 -12.35 -15.26
CA MET B 174 -21.77 -12.34 -16.53
C MET B 174 -21.35 -13.41 -17.55
N GLU B 175 -20.75 -14.51 -17.09
CA GLU B 175 -20.36 -15.59 -18.01
C GLU B 175 -20.93 -16.95 -17.63
N ASP B 176 -21.50 -17.65 -18.60
CA ASP B 176 -22.22 -18.91 -18.34
C ASP B 176 -21.34 -19.98 -17.68
N GLY B 177 -20.06 -19.99 -18.03
CA GLY B 177 -19.14 -20.95 -17.44
C GLY B 177 -19.32 -22.37 -17.94
N ILE B 178 -18.40 -23.25 -17.56
CA ILE B 178 -18.42 -24.64 -18.00
C ILE B 178 -18.38 -25.60 -16.82
N TRP B 179 -19.11 -26.72 -16.94
CA TRP B 179 -19.18 -27.73 -15.88
C TRP B 179 -17.96 -28.63 -15.89
N VAL B 180 -17.46 -28.94 -14.71
CA VAL B 180 -16.30 -29.81 -14.55
C VAL B 180 -16.70 -31.03 -13.74
N ALA B 181 -16.51 -32.21 -14.32
CA ALA B 181 -16.72 -33.46 -13.62
C ALA B 181 -15.83 -33.47 -12.39
N SER B 182 -16.32 -34.08 -11.30
CA SER B 182 -15.60 -34.05 -10.04
C SER B 182 -14.21 -34.66 -10.16
N SER B 183 -14.10 -35.69 -10.97
CA SER B 183 -12.83 -36.39 -11.13
C SER B 183 -11.71 -35.52 -11.77
N ASP B 184 -12.07 -34.74 -12.80
CA ASP B 184 -11.12 -33.82 -13.42
C ASP B 184 -10.76 -32.71 -12.44
N TYR B 185 -11.71 -32.35 -11.60
CA TYR B 185 -11.47 -31.33 -10.60
C TYR B 185 -10.43 -31.81 -9.58
N LYS B 186 -10.62 -33.05 -9.13
CA LYS B 186 -9.76 -33.71 -8.16
C LYS B 186 -8.38 -33.99 -8.74
N ASN B 187 -8.35 -34.33 -10.02
CA ASN B 187 -7.10 -34.74 -10.63
C ASN B 187 -6.24 -33.54 -10.95
N ALA B 188 -6.87 -32.39 -11.16
CA ALA B 188 -6.18 -31.19 -11.60
C ALA B 188 -5.30 -30.62 -10.51
N SER B 189 -4.36 -29.76 -10.89
CA SER B 189 -3.48 -29.15 -9.92
C SER B 189 -3.64 -27.65 -9.90
N PRO B 190 -3.53 -27.07 -8.71
CA PRO B 190 -3.52 -25.61 -8.62
C PRO B 190 -2.34 -25.11 -9.38
N ASP B 191 -2.46 -23.89 -9.89
CA ASP B 191 -1.47 -23.32 -10.78
C ASP B 191 -0.21 -23.00 -10.01
N PRO B 192 0.93 -23.45 -10.53
CA PRO B 192 2.24 -23.30 -9.88
C PRO B 192 2.64 -21.83 -9.69
N LEU B 193 1.88 -20.92 -10.25
CA LEU B 193 2.21 -19.50 -10.14
C LEU B 193 1.25 -18.72 -9.22
N ARG B 194 0.28 -19.42 -8.62
CA ARG B 194 -0.82 -18.75 -7.91
C ARG B 194 -0.46 -17.87 -6.71
N ASP B 195 0.65 -18.14 -6.04
CA ASP B 195 0.96 -17.41 -4.80
C ASP B 195 1.81 -16.16 -5.07
N ILE B 196 2.36 -16.04 -6.28
CA ILE B 196 3.13 -14.84 -6.59
C ILE B 196 2.50 -14.02 -7.73
N ALA B 197 1.54 -14.64 -8.42
CA ALA B 197 0.84 -14.05 -9.56
C ALA B 197 0.48 -12.58 -9.33
N GLU B 198 -0.21 -12.32 -8.22
CA GLU B 198 -0.63 -10.98 -7.88
C GLU B 198 0.56 -10.02 -7.76
N ASP B 199 1.62 -10.42 -7.07
CA ASP B 199 2.76 -9.53 -6.89
C ASP B 199 3.45 -9.24 -8.20
N ILE B 200 3.71 -10.27 -9.00
CA ILE B 200 4.46 -10.09 -10.24
C ILE B 200 3.69 -9.24 -11.26
N VAL B 201 2.36 -9.35 -11.23
CA VAL B 201 1.54 -8.51 -12.08
C VAL B 201 1.70 -7.04 -11.68
N ASN B 202 1.69 -6.79 -10.38
CA ASN B 202 1.79 -5.41 -9.85
C ASN B 202 3.17 -4.83 -10.17
N GLN B 203 4.22 -5.63 -10.01
CA GLN B 203 5.55 -5.20 -10.44
C GLN B 203 5.59 -4.91 -11.95
N ILE B 204 4.95 -5.77 -12.73
CA ILE B 204 4.99 -5.62 -14.18
C ILE B 204 4.25 -4.36 -14.60
N ASN B 205 3.07 -4.13 -14.02
CA ASN B 205 2.31 -2.90 -14.32
C ASN B 205 2.98 -1.65 -13.83
N ALA B 206 3.74 -1.75 -12.74
CA ALA B 206 4.42 -0.59 -12.20
C ALA B 206 5.78 -0.29 -12.91
N ASN B 207 6.46 -1.30 -13.45
CA ASN B 207 7.83 -1.08 -13.96
C ASN B 207 8.02 -1.37 -15.43
N ASN B 208 7.17 -2.24 -15.98
CA ASN B 208 7.32 -2.73 -17.33
C ASN B 208 6.10 -2.37 -18.17
N MET B 209 5.59 -1.18 -17.93
CA MET B 209 4.39 -0.72 -18.62
C MET B 209 4.62 -0.59 -20.12
N GLU B 210 5.81 -0.14 -20.53
CA GLU B 210 6.07 0.08 -21.95
C GLU B 210 6.21 -1.24 -22.73
N ASP B 211 6.77 -2.26 -22.10
CA ASP B 211 6.79 -3.61 -22.69
C ASP B 211 5.38 -4.08 -23.07
N ILE B 212 4.48 -3.95 -22.10
CA ILE B 212 3.10 -4.40 -22.22
C ILE B 212 2.39 -3.65 -23.34
N PHE B 213 2.59 -2.34 -23.38
CA PHE B 213 2.19 -1.54 -24.53
C PHE B 213 2.77 -2.11 -25.83
N ARG B 214 4.10 -2.29 -25.87
CA ARG B 214 4.76 -2.86 -27.04
C ARG B 214 4.22 -4.24 -27.39
N PHE B 215 3.91 -5.04 -26.37
CA PHE B 215 3.37 -6.38 -26.58
C PHE B 215 2.10 -6.30 -27.43
N CYS B 216 1.28 -5.28 -27.18
CA CYS B 216 -0.01 -5.12 -27.91
C CYS B 216 0.19 -4.83 -29.39
N ASN B 217 1.25 -4.10 -29.73
CA ASN B 217 1.58 -3.89 -31.14
C ASN B 217 2.15 -5.14 -31.77
N VAL B 218 2.95 -5.87 -31.00
CA VAL B 218 3.75 -6.94 -31.56
C VAL B 218 3.10 -8.33 -31.48
N TYR B 219 2.59 -8.70 -30.31
CA TYR B 219 2.11 -10.06 -30.06
C TYR B 219 0.63 -10.28 -30.39
N VAL B 220 -0.09 -9.19 -30.61
CA VAL B 220 -1.49 -9.27 -30.97
C VAL B 220 -1.84 -8.30 -32.11
N ASP B 221 -2.53 -8.84 -33.12
CA ASP B 221 -3.03 -8.05 -34.22
C ASP B 221 -4.22 -7.19 -33.79
N LEU B 222 -3.95 -5.98 -33.32
CA LEU B 222 -5.03 -5.05 -32.98
C LEU B 222 -5.52 -4.29 -34.22
N ASP B 223 -6.83 -4.06 -34.28
CA ASP B 223 -7.43 -3.28 -35.35
C ASP B 223 -7.86 -1.90 -34.83
N PHE B 224 -7.04 -1.34 -33.95
CA PHE B 224 -7.23 0.02 -33.45
C PHE B 224 -5.98 0.44 -32.69
N VAL B 225 -5.98 1.65 -32.16
CA VAL B 225 -4.84 2.11 -31.35
C VAL B 225 -5.19 1.93 -29.86
N VAL B 226 -4.21 1.46 -29.10
CA VAL B 226 -4.35 1.24 -27.68
C VAL B 226 -4.23 2.55 -26.91
N SER B 227 -5.18 2.83 -26.00
CA SER B 227 -5.06 3.99 -25.13
C SER B 227 -4.38 3.63 -23.82
N GLU B 228 -4.76 2.51 -23.24
CA GLU B 228 -4.11 2.01 -22.03
C GLU B 228 -4.04 0.50 -22.05
N THR B 229 -3.14 -0.05 -21.23
CA THR B 229 -3.11 -1.48 -21.04
C THR B 229 -2.66 -1.83 -19.61
N LYS B 230 -3.07 -3.00 -19.14
CA LYS B 230 -2.74 -3.43 -17.79
C LYS B 230 -2.83 -4.95 -17.73
N MET B 231 -1.79 -5.58 -17.19
CA MET B 231 -1.77 -7.02 -17.00
C MET B 231 -2.77 -7.40 -15.89
N ILE B 232 -3.60 -8.41 -16.17
CA ILE B 232 -4.64 -8.87 -15.25
C ILE B 232 -4.16 -10.00 -14.39
N TRP B 233 -3.65 -11.05 -15.02
CA TRP B 233 -3.20 -12.22 -14.28
C TRP B 233 -2.06 -12.93 -15.02
N MET B 234 -1.42 -13.88 -14.34
CA MET B 234 -0.41 -14.72 -14.97
C MET B 234 -0.49 -16.16 -14.43
N ASP B 235 -0.19 -17.13 -15.29
CA ASP B 235 -0.22 -18.52 -14.87
C ASP B 235 0.82 -19.31 -15.68
N ARG B 236 0.83 -20.64 -15.53
CA ARG B 236 1.90 -21.46 -16.12
C ARG B 236 2.01 -21.34 -17.64
N LEU B 237 0.96 -20.86 -18.30
CA LEU B 237 0.96 -20.83 -19.76
C LEU B 237 1.00 -19.42 -20.36
N GLY B 238 0.84 -18.38 -19.54
CA GLY B 238 0.83 -17.02 -20.06
C GLY B 238 0.14 -15.99 -19.19
N PHE B 239 -0.22 -14.85 -19.79
CA PHE B 239 -0.80 -13.76 -19.03
C PHE B 239 -1.97 -13.13 -19.79
N ASP B 240 -2.84 -12.43 -19.08
CA ASP B 240 -3.94 -11.73 -19.74
C ASP B 240 -3.76 -10.25 -19.60
N LEU B 241 -4.21 -9.53 -20.62
CA LEU B 241 -4.03 -8.10 -20.70
C LEU B 241 -5.39 -7.46 -20.89
N ARG B 242 -5.65 -6.35 -20.19
CA ARG B 242 -6.82 -5.58 -20.51
C ARG B 242 -6.41 -4.42 -21.42
N VAL B 243 -7.16 -4.24 -22.50
CA VAL B 243 -6.83 -3.23 -23.51
C VAL B 243 -7.97 -2.21 -23.70
N TRP B 244 -7.68 -0.95 -23.36
CA TRP B 244 -8.62 0.16 -23.51
C TRP B 244 -8.48 0.87 -24.85
N SER B 245 -9.61 1.25 -25.42
CA SER B 245 -9.60 2.04 -26.65
C SER B 245 -10.92 2.76 -26.79
N PRO B 246 -10.95 3.86 -27.56
CA PRO B 246 -12.21 4.56 -27.81
C PRO B 246 -13.30 3.65 -28.39
N ARG B 247 -12.91 2.68 -29.22
CA ARG B 247 -13.84 1.68 -29.74
C ARG B 247 -14.47 0.87 -28.61
N GLY B 248 -13.63 0.27 -27.76
CA GLY B 248 -14.09 -0.54 -26.64
C GLY B 248 -12.99 -1.03 -25.69
N VAL B 249 -13.37 -1.90 -24.75
CA VAL B 249 -12.39 -2.49 -23.83
C VAL B 249 -12.38 -4.00 -23.96
N TYR B 250 -11.18 -4.53 -24.21
CA TYR B 250 -10.99 -5.92 -24.56
C TYR B 250 -9.96 -6.61 -23.69
N ASP B 251 -10.09 -7.92 -23.56
CA ASP B 251 -9.09 -8.74 -22.92
C ASP B 251 -8.40 -9.61 -23.95
N VAL B 252 -7.17 -10.02 -23.65
CA VAL B 252 -6.41 -10.84 -24.58
C VAL B 252 -5.41 -11.77 -23.87
N ARG B 253 -5.33 -13.01 -24.36
CA ARG B 253 -4.39 -13.99 -23.84
C ARG B 253 -3.11 -13.98 -24.65
N ILE B 254 -1.98 -13.64 -24.04
CA ILE B 254 -0.72 -13.82 -24.73
C ILE B 254 0.06 -14.96 -24.05
N PRO B 255 0.28 -16.07 -24.77
CA PRO B 255 1.04 -17.20 -24.23
C PRO B 255 2.49 -16.92 -23.95
N PHE B 256 3.08 -17.71 -23.05
CA PHE B 256 4.51 -17.84 -22.90
C PHE B 256 5.05 -18.66 -24.08
N PRO B 257 6.31 -18.43 -24.48
CA PRO B 257 6.89 -19.20 -25.59
C PRO B 257 6.88 -20.71 -25.32
N MET B 258 7.10 -21.07 -24.06
CA MET B 258 6.93 -22.43 -23.56
C MET B 258 6.38 -22.31 -22.14
N GLU B 259 5.89 -23.42 -21.62
CA GLU B 259 5.24 -23.39 -20.31
C GLU B 259 6.22 -23.10 -19.19
N VAL B 260 5.73 -22.38 -18.19
CA VAL B 260 6.53 -21.93 -17.06
C VAL B 260 6.17 -22.70 -15.78
N THR B 261 7.18 -23.00 -14.95
CA THR B 261 7.05 -23.88 -13.77
C THR B 261 7.03 -23.11 -12.43
N ASP B 262 7.93 -22.14 -12.29
CA ASP B 262 8.02 -21.31 -11.09
C ASP B 262 8.18 -19.82 -11.42
N GLU B 263 8.30 -19.00 -10.38
CA GLU B 263 8.52 -17.56 -10.53
C GLU B 263 9.72 -17.19 -11.41
N LYS B 264 10.85 -17.88 -11.24
CA LYS B 264 12.07 -17.53 -11.94
C LYS B 264 11.87 -17.68 -13.45
N GLY B 265 11.23 -18.78 -13.83
CA GLY B 265 10.92 -19.03 -15.23
C GLY B 265 9.96 -18.02 -15.85
N ALA B 266 8.91 -17.67 -15.09
CA ALA B 266 7.93 -16.66 -15.51
C ALA B 266 8.58 -15.30 -15.74
N LYS B 267 9.50 -14.92 -14.85
CA LYS B 267 10.23 -13.68 -15.03
C LYS B 267 11.19 -13.81 -16.21
N SER B 268 11.75 -15.00 -16.41
CA SER B 268 12.66 -15.22 -17.52
C SER B 268 11.88 -15.08 -18.81
N SER B 269 10.82 -15.86 -18.93
CA SER B 269 10.02 -15.85 -20.16
C SER B 269 9.49 -14.45 -20.45
N PHE B 270 9.08 -13.74 -19.39
CA PHE B 270 8.60 -12.39 -19.57
C PHE B 270 9.71 -11.52 -20.18
N ASN B 271 10.87 -11.58 -19.56
CA ASN B 271 12.04 -10.82 -20.00
C ASN B 271 12.42 -11.13 -21.45
N GLY B 272 12.22 -12.38 -21.87
CA GLY B 272 12.53 -12.78 -23.23
C GLY B 272 11.58 -12.16 -24.23
N MET B 273 10.28 -12.19 -23.91
CA MET B 273 9.30 -11.59 -24.80
C MET B 273 9.55 -10.09 -24.92
N SER B 274 9.92 -9.47 -23.79
CA SER B 274 10.31 -8.06 -23.75
C SER B 274 11.52 -7.77 -24.62
N GLN B 275 12.48 -8.69 -24.65
CA GLN B 275 13.64 -8.51 -25.53
C GLN B 275 13.26 -8.63 -26.99
N LEU B 276 12.49 -9.67 -27.28
CA LEU B 276 12.12 -10.01 -28.65
C LEU B 276 11.29 -8.90 -29.26
N ALA B 277 10.30 -8.43 -28.50
CA ALA B 277 9.38 -7.42 -29.00
C ALA B 277 10.08 -6.09 -29.15
N TRP B 278 10.99 -5.80 -28.22
CA TRP B 278 11.79 -4.60 -28.33
C TRP B 278 12.56 -4.68 -29.64
N GLU B 279 13.18 -5.82 -29.89
CA GLU B 279 13.93 -6.02 -31.12
C GLU B 279 13.10 -5.99 -32.41
N VAL B 280 11.83 -6.38 -32.37
CA VAL B 280 11.03 -6.30 -33.59
C VAL B 280 10.55 -4.87 -33.82
N GLU B 281 10.31 -4.11 -32.75
CA GLU B 281 9.87 -2.75 -32.95
C GLU B 281 11.00 -1.88 -33.52
N LYS B 282 12.25 -2.19 -33.17
CA LYS B 282 13.39 -1.42 -33.71
C LYS B 282 13.97 -2.04 -34.99
N SER B 283 13.32 -3.08 -35.52
CA SER B 283 13.75 -3.74 -36.77
C SER B 283 15.12 -4.40 -36.64
N TYR B 284 15.42 -4.89 -35.44
CA TYR B 284 16.60 -5.72 -35.19
C TYR B 284 16.34 -7.15 -35.62
N CYS B 285 15.08 -7.55 -35.62
CA CYS B 285 14.69 -8.94 -35.81
C CYS B 285 13.28 -9.02 -36.44
N PRO B 286 13.08 -9.98 -37.37
CA PRO B 286 11.79 -10.20 -38.04
C PRO B 286 10.67 -10.56 -37.07
N ALA B 287 9.46 -10.11 -37.37
CA ALA B 287 8.26 -10.52 -36.62
C ALA B 287 7.76 -11.88 -37.16
N ASP B 288 8.65 -12.87 -37.07
CA ASP B 288 8.46 -14.18 -37.68
C ASP B 288 7.62 -15.13 -36.82
N PHE B 289 6.39 -14.71 -36.51
CA PHE B 289 5.51 -15.51 -35.67
C PHE B 289 4.08 -15.07 -35.89
N ASN B 290 3.12 -15.89 -35.49
CA ASN B 290 1.72 -15.47 -35.62
C ASN B 290 1.34 -14.54 -34.49
N LYS B 291 0.61 -13.49 -34.81
CA LYS B 291 0.11 -12.60 -33.78
C LYS B 291 -1.16 -13.19 -33.20
N VAL B 292 -1.63 -12.62 -32.11
CA VAL B 292 -2.84 -13.13 -31.47
C VAL B 292 -4.02 -12.32 -31.97
N LYS B 293 -5.06 -13.02 -32.38
CA LYS B 293 -6.21 -12.38 -32.97
C LYS B 293 -7.43 -12.43 -32.03
N LEU B 294 -7.53 -13.49 -31.24
CA LEU B 294 -8.65 -13.66 -30.29
C LEU B 294 -8.73 -12.52 -29.27
N LEU B 295 -9.74 -11.68 -29.44
CA LEU B 295 -10.04 -10.64 -28.46
C LEU B 295 -11.36 -10.98 -27.77
N LYS B 296 -11.50 -10.52 -26.53
CA LYS B 296 -12.73 -10.68 -25.77
C LYS B 296 -13.19 -9.31 -25.27
N GLN B 297 -14.32 -8.84 -25.77
CA GLN B 297 -14.84 -7.53 -25.37
C GLN B 297 -15.44 -7.57 -23.97
N VAL B 298 -15.15 -6.53 -23.17
CA VAL B 298 -15.72 -6.38 -21.84
C VAL B 298 -16.34 -4.98 -21.63
N VAL B 299 -16.90 -4.75 -20.45
CA VAL B 299 -17.61 -3.51 -20.15
C VAL B 299 -16.75 -2.54 -19.36
N SER C 24 5.85 17.95 18.00
CA SER C 24 4.93 19.05 18.31
C SER C 24 3.76 19.05 17.36
N SER C 25 2.56 19.26 17.92
CA SER C 25 1.32 19.21 17.14
C SER C 25 0.60 20.55 17.13
N ILE C 26 -0.19 20.78 16.07
CA ILE C 26 -1.14 21.87 16.07
C ILE C 26 -2.46 21.34 16.59
N VAL C 27 -3.07 22.06 17.53
CA VAL C 27 -4.28 21.60 18.18
C VAL C 27 -5.36 22.64 18.09
N VAL C 28 -6.56 22.30 17.67
CA VAL C 28 -7.63 23.24 17.90
C VAL C 28 -8.48 22.75 19.08
N ILE C 29 -8.71 23.64 20.05
CA ILE C 29 -9.58 23.34 21.19
C ILE C 29 -10.74 24.33 21.21
N GLY C 30 -11.93 23.88 20.88
CA GLY C 30 -13.04 24.81 20.76
C GLY C 30 -14.36 24.49 21.44
N LEU C 31 -15.13 25.55 21.66
CA LEU C 31 -16.58 25.47 21.85
C LEU C 31 -17.24 26.18 20.70
N SER C 32 -18.29 25.59 20.16
CA SER C 32 -19.01 26.23 19.08
C SER C 32 -20.49 25.99 19.20
N ILE C 33 -21.26 26.74 18.43
CA ILE C 33 -22.69 26.57 18.38
C ILE C 33 -23.13 25.16 17.98
N HIS C 34 -22.22 24.33 17.47
CA HIS C 34 -22.57 22.91 17.28
C HIS C 34 -23.10 22.26 18.55
N THR C 35 -22.59 22.71 19.70
CA THR C 35 -22.91 22.05 20.97
C THR C 35 -23.28 23.00 22.11
N ALA C 36 -22.62 24.16 22.16
CA ALA C 36 -22.82 25.06 23.30
C ALA C 36 -23.69 26.25 22.95
N PRO C 37 -24.70 26.51 23.78
CA PRO C 37 -25.54 27.71 23.65
C PRO C 37 -24.73 28.95 23.96
N VAL C 38 -25.32 30.10 23.67
CA VAL C 38 -24.62 31.38 23.67
C VAL C 38 -24.37 31.83 25.12
N GLU C 39 -25.33 31.51 25.98
CA GLU C 39 -25.21 31.73 27.42
C GLU C 39 -23.92 31.11 27.98
N MET C 40 -23.46 30.04 27.35
CA MET C 40 -22.18 29.44 27.72
C MET C 40 -21.01 29.97 26.86
N ARG C 41 -21.21 30.08 25.56
CA ARG C 41 -20.15 30.55 24.67
C ARG C 41 -19.62 31.95 25.04
N GLU C 42 -20.52 32.86 25.37
CA GLU C 42 -20.17 34.25 25.63
C GLU C 42 -19.18 34.41 26.79
N LYS C 43 -19.16 33.44 27.71
CA LYS C 43 -18.23 33.49 28.85
C LYS C 43 -16.82 33.29 28.38
N LEU C 44 -16.69 32.58 27.26
CA LEU C 44 -15.42 32.34 26.60
C LEU C 44 -15.01 33.45 25.64
N ALA C 45 -15.94 34.36 25.36
CA ALA C 45 -15.67 35.43 24.39
C ALA C 45 -14.47 36.27 24.83
N ILE C 46 -13.62 36.56 23.86
CA ILE C 46 -12.42 37.33 24.14
C ILE C 46 -12.29 38.49 23.15
N PRO C 47 -12.47 39.71 23.67
CA PRO C 47 -12.39 40.98 22.93
C PRO C 47 -11.07 41.06 22.17
N GLU C 48 -11.04 41.74 21.03
CA GLU C 48 -9.81 41.90 20.24
C GLU C 48 -8.64 42.51 21.03
N ALA C 49 -8.92 43.47 21.92
CA ALA C 49 -7.89 44.13 22.73
C ALA C 49 -7.23 43.18 23.71
N GLU C 50 -7.87 42.03 23.98
CA GLU C 50 -7.30 41.07 24.92
C GLU C 50 -6.70 39.84 24.26
N TRP C 51 -6.68 39.77 22.91
CA TRP C 51 -5.95 38.67 22.28
C TRP C 51 -4.47 38.64 22.73
N PRO C 52 -3.77 39.78 22.71
CA PRO C 52 -2.36 39.68 23.13
C PRO C 52 -2.18 39.10 24.54
N ARG C 53 -2.95 39.60 25.50
CA ARG C 53 -2.88 39.08 26.86
C ARG C 53 -3.18 37.57 26.92
N ALA C 54 -4.27 37.14 26.28
CA ALA C 54 -4.68 35.73 26.25
C ALA C 54 -3.61 34.80 25.68
N ILE C 55 -3.05 35.18 24.52
CA ILE C 55 -2.01 34.41 23.85
C ILE C 55 -0.76 34.25 24.71
N ALA C 56 -0.40 35.31 25.44
CA ALA C 56 0.76 35.26 26.32
C ALA C 56 0.43 34.46 27.56
N GLU C 57 -0.80 34.59 28.07
CA GLU C 57 -1.22 33.70 29.15
C GLU C 57 -1.14 32.25 28.67
N LEU C 58 -1.70 31.99 27.48
CA LEU C 58 -1.70 30.65 26.91
C LEU C 58 -0.29 30.13 26.68
N CYS C 59 0.55 30.94 26.04
CA CYS C 59 1.93 30.54 25.75
C CYS C 59 2.77 30.41 27.02
N GLY C 60 2.27 30.98 28.12
CA GLY C 60 2.90 30.83 29.41
C GLY C 60 2.68 29.45 30.03
N LEU C 61 1.87 28.61 29.40
CA LEU C 61 1.66 27.24 29.86
C LEU C 61 2.82 26.34 29.45
N ASN C 62 3.08 25.31 30.25
CA ASN C 62 4.30 24.51 30.11
C ASN C 62 4.42 23.78 28.79
N HIS C 63 3.30 23.42 28.17
CA HIS C 63 3.39 22.69 26.92
C HIS C 63 2.87 23.45 25.69
N ILE C 64 2.63 24.74 25.83
CA ILE C 64 2.10 25.57 24.73
C ILE C 64 3.16 26.53 24.16
N GLU C 65 3.68 26.23 22.98
CA GLU C 65 4.74 27.05 22.37
C GLU C 65 4.16 28.24 21.58
N GLU C 66 2.97 28.09 21.00
CA GLU C 66 2.34 29.13 20.20
C GLU C 66 0.86 29.09 20.40
N ALA C 67 0.19 30.22 20.26
CA ALA C 67 -1.26 30.24 20.44
C ALA C 67 -1.94 31.31 19.61
N ALA C 68 -3.19 31.05 19.28
CA ALA C 68 -4.07 32.02 18.65
C ALA C 68 -5.49 31.83 19.20
N VAL C 69 -6.21 32.95 19.32
CA VAL C 69 -7.60 32.95 19.76
C VAL C 69 -8.54 33.40 18.65
N LEU C 70 -9.45 32.51 18.26
CA LEU C 70 -10.44 32.79 17.24
C LEU C 70 -11.83 32.96 17.89
N SER C 71 -12.15 34.20 18.27
CA SER C 71 -13.42 34.49 18.92
C SER C 71 -14.47 35.10 17.97
N THR C 72 -15.54 34.37 17.74
CA THR C 72 -16.68 34.90 16.98
C THR C 72 -18.03 34.60 17.67
N CYS C 73 -19.11 34.93 17.00
CA CYS C 73 -20.42 34.79 17.62
C CYS C 73 -20.90 33.36 17.60
N ASN C 74 -20.23 32.54 16.80
CA ASN C 74 -20.61 31.14 16.71
C ASN C 74 -19.61 30.21 17.38
N ARG C 75 -18.45 30.72 17.77
CA ARG C 75 -17.40 29.84 18.24
C ARG C 75 -16.29 30.53 19.00
N MET C 76 -15.55 29.71 19.73
CA MET C 76 -14.40 30.16 20.46
C MET C 76 -13.37 29.07 20.31
N GLU C 77 -12.30 29.36 19.60
CA GLU C 77 -11.34 28.32 19.30
C GLU C 77 -9.97 28.79 19.68
N ILE C 78 -9.23 27.93 20.36
CA ILE C 78 -7.83 28.21 20.63
C ILE C 78 -7.00 27.34 19.70
N TYR C 79 -6.04 27.94 19.02
CA TYR C 79 -5.13 27.16 18.19
C TYR C 79 -3.73 27.22 18.77
N VAL C 80 -3.19 26.05 19.09
CA VAL C 80 -1.88 26.01 19.72
C VAL C 80 -0.87 25.12 19.01
N LEU C 81 0.38 25.37 19.33
CA LEU C 81 1.47 24.44 19.03
C LEU C 81 1.91 23.82 20.33
N ALA C 82 1.59 22.54 20.54
CA ALA C 82 1.89 21.92 21.84
C ALA C 82 3.01 20.88 21.75
N LEU C 83 3.82 20.83 22.80
CA LEU C 83 4.85 19.80 22.95
C LEU C 83 4.22 18.39 23.02
N SER C 84 3.12 18.29 23.74
CA SER C 84 2.45 17.03 24.02
C SER C 84 0.95 17.19 23.84
N GLN C 85 0.33 16.30 23.07
CA GLN C 85 -1.08 16.46 22.76
C GLN C 85 -1.98 16.46 23.99
N HIS C 86 -1.85 15.46 24.87
CA HIS C 86 -2.78 15.38 26.00
C HIS C 86 -2.51 16.46 27.07
N ARG C 87 -1.24 16.84 27.25
CA ARG C 87 -0.85 17.78 28.28
C ARG C 87 -1.22 19.19 27.89
N GLY C 88 -1.02 19.53 26.62
CA GLY C 88 -1.34 20.86 26.13
C GLY C 88 -2.83 21.09 26.18
N VAL C 89 -3.57 20.07 25.78
CA VAL C 89 -5.02 20.12 25.82
C VAL C 89 -5.55 20.26 27.25
N LYS C 90 -5.03 19.47 28.19
CA LYS C 90 -5.47 19.60 29.57
C LYS C 90 -5.16 20.99 30.10
N GLU C 91 -3.99 21.54 29.75
CA GLU C 91 -3.56 22.86 30.22
C GLU C 91 -4.41 24.00 29.63
N VAL C 92 -4.70 23.91 28.33
CA VAL C 92 -5.57 24.87 27.64
C VAL C 92 -6.99 24.81 28.18
N THR C 93 -7.50 23.59 28.30
CA THR C 93 -8.81 23.38 28.91
C THR C 93 -8.92 24.03 30.29
N GLU C 94 -7.86 23.93 31.09
CA GLU C 94 -7.89 24.51 32.43
C GLU C 94 -7.92 26.04 32.34
N TRP C 95 -7.17 26.58 31.39
CA TRP C 95 -7.12 28.02 31.19
C TRP C 95 -8.49 28.53 30.72
N MET C 96 -9.15 27.76 29.86
CA MET C 96 -10.49 28.12 29.39
C MET C 96 -11.44 28.19 30.56
N SER C 97 -11.36 27.21 31.43
CA SER C 97 -12.22 27.16 32.60
C SER C 97 -11.91 28.32 33.53
N LYS C 98 -10.61 28.58 33.69
CA LYS C 98 -10.15 29.59 34.62
C LYS C 98 -10.52 30.99 34.13
N THR C 99 -10.53 31.19 32.82
CA THR C 99 -10.88 32.50 32.30
C THR C 99 -12.37 32.71 31.97
N SER C 100 -13.16 31.65 31.97
CA SER C 100 -14.59 31.80 31.65
C SER C 100 -15.53 31.66 32.86
N GLY C 101 -15.05 30.99 33.91
CA GLY C 101 -15.87 30.69 35.06
C GLY C 101 -16.49 29.31 34.94
N ILE C 102 -16.53 28.81 33.72
CA ILE C 102 -17.13 27.52 33.44
C ILE C 102 -16.28 26.38 33.98
N PRO C 103 -16.90 25.49 34.78
CA PRO C 103 -16.16 24.34 35.31
C PRO C 103 -15.56 23.46 34.23
N VAL C 104 -14.42 22.86 34.51
CA VAL C 104 -13.72 21.98 33.57
C VAL C 104 -14.58 20.84 32.99
N SER C 105 -15.59 20.40 33.75
CA SER C 105 -16.35 19.23 33.31
C SER C 105 -17.44 19.62 32.34
N GLU C 106 -17.97 20.81 32.48
CA GLU C 106 -18.87 21.36 31.47
C GLU C 106 -18.13 21.62 30.17
N ILE C 107 -16.95 22.21 30.28
CA ILE C 107 -16.16 22.47 29.10
C ILE C 107 -15.81 21.17 28.41
N CYS C 108 -15.44 20.15 29.19
CA CYS C 108 -15.06 18.87 28.60
C CYS C 108 -16.20 18.26 27.79
N GLN C 109 -17.42 18.50 28.28
CA GLN C 109 -18.62 17.96 27.65
C GLN C 109 -18.84 18.53 26.27
N HIS C 110 -18.50 19.79 26.10
CA HIS C 110 -18.76 20.53 24.87
C HIS C 110 -17.50 20.65 23.98
N ARG C 111 -16.35 20.32 24.53
CA ARG C 111 -15.05 20.58 23.90
C ARG C 111 -14.88 19.89 22.55
N PHE C 112 -14.54 20.70 21.55
CA PHE C 112 -14.25 20.21 20.21
C PHE C 112 -12.73 20.16 19.99
N LEU C 113 -12.23 18.98 19.57
CA LEU C 113 -10.77 18.71 19.49
C LEU C 113 -10.29 18.11 18.19
N LEU C 114 -9.31 18.75 17.55
CA LEU C 114 -8.68 18.19 16.35
C LEU C 114 -7.18 18.46 16.33
N TYR C 115 -6.43 17.53 15.76
CA TYR C 115 -4.98 17.60 15.72
C TYR C 115 -4.43 17.75 14.30
N ASN C 116 -3.33 18.51 14.16
CA ASN C 116 -2.57 18.57 12.92
C ASN C 116 -3.44 18.74 11.68
N LYS C 117 -3.27 17.84 10.73
CA LYS C 117 -3.99 17.94 9.46
C LYS C 117 -5.50 18.10 9.61
N ASP C 118 -6.10 17.51 10.65
CA ASP C 118 -7.53 17.69 10.90
C ASP C 118 -7.82 19.14 11.33
N ALA C 119 -6.94 19.71 12.15
CA ALA C 119 -7.10 21.09 12.58
C ALA C 119 -6.95 22.05 11.41
N THR C 120 -6.00 21.79 10.51
CA THR C 120 -5.79 22.75 9.42
C THR C 120 -6.96 22.66 8.45
N GLN C 121 -7.37 21.46 8.13
CA GLN C 121 -8.60 21.26 7.36
C GLN C 121 -9.77 22.03 7.98
N HIS C 122 -9.86 21.99 9.31
CA HIS C 122 -10.94 22.64 10.00
C HIS C 122 -10.92 24.18 9.88
N ILE C 123 -9.75 24.79 10.08
CA ILE C 123 -9.66 26.23 10.05
C ILE C 123 -9.82 26.73 8.61
N PHE C 124 -9.37 25.93 7.65
CA PHE C 124 -9.62 26.25 6.25
C PHE C 124 -11.14 26.27 5.97
N GLU C 125 -11.88 25.31 6.52
CA GLU C 125 -13.32 25.27 6.29
C GLU C 125 -14.06 26.42 6.96
N VAL C 126 -13.68 26.72 8.20
CA VAL C 126 -14.33 27.77 8.97
C VAL C 126 -14.11 29.10 8.27
N SER C 127 -12.88 29.31 7.85
CA SER C 127 -12.50 30.49 7.11
C SER C 127 -13.28 30.58 5.80
N ALA C 128 -13.64 29.43 5.23
CA ALA C 128 -14.41 29.41 3.98
C ALA C 128 -15.94 29.46 4.16
N GLY C 129 -16.43 29.29 5.38
CA GLY C 129 -17.87 29.17 5.57
C GLY C 129 -18.38 27.80 5.15
N LEU C 130 -17.56 26.80 5.36
CA LEU C 130 -17.89 25.42 4.98
C LEU C 130 -17.68 24.47 6.15
N ASP C 131 -17.96 24.92 7.37
CA ASP C 131 -17.82 24.04 8.51
C ASP C 131 -19.00 23.12 8.59
N SER C 132 -18.75 21.81 8.45
CA SER C 132 -19.81 20.81 8.43
C SER C 132 -20.67 20.84 9.70
N LEU C 133 -20.03 21.08 10.84
CA LEU C 133 -20.72 21.13 12.12
C LEU C 133 -21.39 22.46 12.40
N VAL C 134 -20.89 23.55 11.82
CA VAL C 134 -21.60 24.83 11.96
C VAL C 134 -22.05 25.39 10.59
N LEU C 135 -23.10 24.78 10.06
CA LEU C 135 -23.65 25.14 8.76
C LEU C 135 -24.20 26.58 8.69
N GLY C 136 -24.50 27.16 9.85
CA GLY C 136 -25.16 28.45 9.89
C GLY C 136 -24.28 29.61 10.34
N GLU C 137 -23.12 29.79 9.70
CA GLU C 137 -22.18 30.80 10.17
C GLU C 137 -21.68 31.81 9.12
N GLY C 138 -21.31 31.34 7.93
CA GLY C 138 -20.69 32.24 6.98
C GLY C 138 -19.20 32.44 7.23
N GLN C 139 -18.48 32.86 6.20
CA GLN C 139 -17.02 32.97 6.22
C GLN C 139 -16.46 33.78 7.38
N ILE C 140 -15.39 33.26 7.96
CA ILE C 140 -14.77 33.91 9.10
C ILE C 140 -13.46 34.56 8.62
N LEU C 141 -13.35 34.73 7.31
CA LEU C 141 -12.14 35.27 6.67
C LEU C 141 -11.69 36.62 7.21
N ALA C 142 -12.65 37.53 7.39
CA ALA C 142 -12.37 38.87 7.94
C ALA C 142 -11.75 38.79 9.31
N GLN C 143 -12.25 37.85 10.08
CA GLN C 143 -11.81 37.63 11.45
C GLN C 143 -10.46 36.92 11.48
N VAL C 144 -10.21 36.04 10.51
CA VAL C 144 -8.88 35.45 10.37
C VAL C 144 -7.83 36.52 10.02
N LYS C 145 -8.16 37.39 9.08
CA LYS C 145 -7.29 38.51 8.70
C LYS C 145 -6.97 39.43 9.87
N GLN C 146 -7.92 39.57 10.76
CA GLN C 146 -7.73 40.42 11.91
C GLN C 146 -6.79 39.77 12.91
N VAL C 147 -6.94 38.46 13.06
CA VAL C 147 -6.12 37.72 14.00
C VAL C 147 -4.67 37.80 13.56
N VAL C 148 -4.43 37.67 12.27
CA VAL C 148 -3.07 37.80 11.74
C VAL C 148 -2.53 39.20 11.93
N LYS C 149 -3.37 40.19 11.64
CA LYS C 149 -3.01 41.59 11.77
C LYS C 149 -2.63 41.92 13.21
N VAL C 150 -3.48 41.53 14.16
CA VAL C 150 -3.16 41.77 15.57
C VAL C 150 -2.00 40.87 16.03
N GLY C 151 -1.94 39.66 15.50
CA GLY C 151 -0.89 38.72 15.85
C GLY C 151 0.54 39.21 15.61
N GLN C 152 0.73 40.01 14.56
CA GLN C 152 2.02 40.62 14.23
C GLN C 152 2.91 40.96 15.41
N GLY C 153 2.36 41.69 16.36
CA GLY C 153 3.15 42.20 17.46
C GLY C 153 3.13 41.32 18.68
N VAL C 154 2.58 40.13 18.53
CA VAL C 154 2.40 39.23 19.65
C VAL C 154 3.39 38.06 19.60
N ASN C 155 4.30 38.08 20.56
CA ASN C 155 5.36 37.08 20.73
C ASN C 155 4.93 35.61 20.50
N GLY C 156 3.85 35.20 21.17
CA GLY C 156 3.39 33.82 21.08
C GLY C 156 2.82 33.41 19.74
N PHE C 157 2.44 34.38 18.91
CA PHE C 157 1.83 34.11 17.60
C PHE C 157 2.90 33.65 16.60
N GLY C 158 3.39 32.42 16.77
CA GLY C 158 4.57 31.99 16.05
C GLY C 158 4.38 31.56 14.62
N ARG C 159 5.50 31.15 14.03
CA ARG C 159 5.60 30.84 12.62
C ARG C 159 4.63 29.75 12.18
N ASN C 160 4.46 28.70 12.98
CA ASN C 160 3.49 27.65 12.66
C ASN C 160 2.02 28.13 12.66
N ILE C 161 1.61 28.80 13.73
CA ILE C 161 0.22 29.24 13.84
C ILE C 161 -0.10 30.43 12.91
N SER C 162 0.78 31.43 12.83
CA SER C 162 0.55 32.54 11.89
C SER C 162 0.51 32.00 10.47
N GLY C 163 1.37 31.02 10.22
CA GLY C 163 1.45 30.38 8.93
C GLY C 163 0.12 29.72 8.61
N LEU C 164 -0.34 28.91 9.56
CA LEU C 164 -1.64 28.26 9.46
C LEU C 164 -2.72 29.27 9.13
N PHE C 165 -2.80 30.32 9.94
CA PHE C 165 -3.81 31.33 9.74
C PHE C 165 -3.67 32.06 8.41
N LYS C 166 -2.42 32.30 8.00
CA LYS C 166 -2.20 33.00 6.73
C LYS C 166 -2.62 32.13 5.56
N HIS C 167 -2.42 30.84 5.72
CA HIS C 167 -2.81 29.91 4.68
C HIS C 167 -4.34 29.83 4.66
N ALA C 168 -4.96 29.88 5.83
CA ALA C 168 -6.41 29.95 5.92
C ALA C 168 -6.93 31.14 5.13
N ILE C 169 -6.31 32.31 5.34
CA ILE C 169 -6.67 33.52 4.62
C ILE C 169 -6.68 33.33 3.10
N THR C 170 -5.55 32.89 2.56
CA THR C 170 -5.49 32.45 1.17
C THR C 170 -6.62 31.50 0.77
N VAL C 171 -6.94 30.52 1.63
CA VAL C 171 -7.96 29.53 1.23
C VAL C 171 -9.31 30.21 1.19
N GLY C 172 -9.60 30.99 2.24
CA GLY C 172 -10.86 31.72 2.36
C GLY C 172 -11.18 32.57 1.14
N LYS C 173 -10.20 33.38 0.71
CA LYS C 173 -10.33 34.23 -0.49
C LYS C 173 -10.64 33.39 -1.73
N ARG C 174 -9.81 32.38 -1.98
CA ARG C 174 -10.02 31.52 -3.13
C ARG C 174 -11.45 30.99 -3.12
N VAL C 175 -11.83 30.39 -1.99
CA VAL C 175 -13.15 29.80 -1.85
C VAL C 175 -14.26 30.83 -2.04
N ARG C 176 -14.05 32.04 -1.53
CA ARG C 176 -15.03 33.10 -1.74
C ARG C 176 -15.22 33.41 -3.23
N THR C 177 -14.10 33.53 -3.95
CA THR C 177 -14.13 33.88 -5.37
C THR C 177 -14.88 32.79 -6.15
N GLU C 178 -14.81 31.55 -5.68
CA GLU C 178 -15.46 30.39 -6.33
C GLU C 178 -16.91 30.09 -5.94
N THR C 179 -17.32 30.47 -4.73
CA THR C 179 -18.65 30.09 -4.21
C THR C 179 -19.52 31.27 -3.82
N ASN C 180 -18.86 32.40 -3.50
CA ASN C 180 -19.55 33.61 -3.04
C ASN C 180 -20.36 33.42 -1.77
N ILE C 181 -19.84 32.61 -0.84
CA ILE C 181 -20.44 32.49 0.50
C ILE C 181 -20.24 33.80 1.28
N ALA C 182 -21.30 34.36 1.83
CA ALA C 182 -21.19 35.65 2.52
C ALA C 182 -20.37 35.57 3.82
N SER C 183 -19.96 36.74 4.31
CA SER C 183 -19.25 36.84 5.56
C SER C 183 -20.16 36.42 6.69
N GLY C 184 -19.59 36.16 7.86
CA GLY C 184 -20.38 35.91 9.04
C GLY C 184 -21.17 37.17 9.34
N ALA C 185 -20.44 38.29 9.37
CA ALA C 185 -21.04 39.62 9.52
C ALA C 185 -22.26 39.88 8.63
N VAL C 186 -22.08 39.71 7.31
CA VAL C 186 -23.16 39.97 6.38
C VAL C 186 -24.30 39.00 6.61
N SER C 187 -23.98 37.75 6.91
CA SER C 187 -25.02 36.73 6.94
C SER C 187 -25.78 36.79 8.27
N VAL C 188 -25.09 37.19 9.34
CA VAL C 188 -25.76 37.41 10.64
C VAL C 188 -26.76 38.59 10.58
N SER C 189 -26.29 39.76 10.13
CA SER C 189 -27.15 40.94 10.04
C SER C 189 -28.32 40.72 9.09
N SER C 190 -28.06 39.97 8.02
CA SER C 190 -29.08 39.64 7.04
C SER C 190 -30.11 38.69 7.64
N ALA C 191 -29.63 37.73 8.41
CA ALA C 191 -30.54 36.82 9.07
C ALA C 191 -31.37 37.57 10.11
N ALA C 192 -30.75 38.54 10.78
CA ALA C 192 -31.40 39.34 11.82
C ALA C 192 -32.65 40.00 11.28
N VAL C 193 -32.47 40.73 10.19
CA VAL C 193 -33.55 41.42 9.52
C VAL C 193 -34.59 40.42 9.00
N GLU C 194 -34.12 39.32 8.43
CA GLU C 194 -35.06 38.35 7.86
C GLU C 194 -35.96 37.78 8.96
N LEU C 195 -35.34 37.33 10.02
CA LEU C 195 -36.07 36.76 11.16
C LEU C 195 -37.05 37.78 11.71
N ALA C 196 -36.55 38.97 12.02
CA ALA C 196 -37.41 40.07 12.49
C ALA C 196 -38.65 40.26 11.61
N LEU C 197 -38.47 40.14 10.29
CA LEU C 197 -39.58 40.27 9.34
C LEU C 197 -40.50 39.05 9.32
N MET C 198 -39.94 37.87 9.61
CA MET C 198 -40.73 36.66 9.69
C MET C 198 -41.65 36.67 10.91
N LYS C 199 -41.25 37.40 11.95
CA LYS C 199 -41.93 37.34 13.24
C LYS C 199 -42.98 38.43 13.37
N LEU C 200 -42.97 39.35 12.40
CA LEU C 200 -44.01 40.35 12.18
C LEU C 200 -44.99 39.77 11.18
N PRO C 201 -46.21 40.34 11.10
CA PRO C 201 -47.14 39.90 10.04
C PRO C 201 -46.85 40.53 8.68
N ALA C 208 -43.31 48.71 10.61
CA ALA C 208 -42.91 48.60 12.00
C ALA C 208 -41.90 49.67 12.34
N ARG C 209 -42.01 50.23 13.53
CA ARG C 209 -41.01 51.19 13.93
C ARG C 209 -39.71 50.47 14.23
N MET C 210 -38.67 50.80 13.47
CA MET C 210 -37.38 50.18 13.59
C MET C 210 -36.44 50.95 14.52
N CYS C 211 -35.78 50.23 15.42
CA CYS C 211 -34.70 50.81 16.22
C CYS C 211 -33.44 49.92 16.16
N VAL C 212 -32.27 50.54 16.04
CA VAL C 212 -31.00 49.81 16.03
C VAL C 212 -30.07 50.42 17.05
N ILE C 213 -29.56 49.59 17.97
CA ILE C 213 -28.66 50.09 18.99
C ILE C 213 -27.24 49.62 18.76
N GLY C 214 -26.35 50.57 18.51
CA GLY C 214 -24.99 50.27 18.11
C GLY C 214 -24.84 50.53 16.62
N ALA C 215 -23.88 51.38 16.26
CA ALA C 215 -23.73 51.81 14.87
C ALA C 215 -22.37 51.44 14.29
N GLY C 216 -21.83 50.31 14.72
CA GLY C 216 -20.54 49.85 14.24
C GLY C 216 -20.78 48.94 13.06
N LYS C 217 -19.86 47.99 12.85
CA LYS C 217 -19.92 47.15 11.67
C LYS C 217 -21.28 46.47 11.53
N MET C 218 -21.70 45.79 12.58
CA MET C 218 -22.88 44.98 12.50
C MET C 218 -24.14 45.83 12.34
N GLY C 219 -24.24 46.91 13.13
CA GLY C 219 -25.39 47.80 13.08
C GLY C 219 -25.57 48.52 11.75
N LYS C 220 -24.44 48.88 11.13
CA LYS C 220 -24.47 49.51 9.82
C LYS C 220 -25.05 48.53 8.81
N LEU C 221 -24.59 47.28 8.89
CA LEU C 221 -25.09 46.20 8.07
C LEU C 221 -26.57 45.94 8.30
N VAL C 222 -27.03 46.07 9.54
CA VAL C 222 -28.44 45.80 9.82
C VAL C 222 -29.27 46.87 9.12
N ILE C 223 -28.83 48.11 9.26
CA ILE C 223 -29.47 49.23 8.57
C ILE C 223 -29.48 49.05 7.05
N LYS C 224 -28.37 48.60 6.49
CA LYS C 224 -28.31 48.37 5.05
C LYS C 224 -29.32 47.33 4.61
N HIS C 225 -29.43 46.24 5.37
CA HIS C 225 -30.43 45.24 5.05
C HIS C 225 -31.87 45.71 5.33
N LEU C 226 -32.04 46.71 6.20
CA LEU C 226 -33.37 47.27 6.41
C LEU C 226 -33.74 48.06 5.17
N MET C 227 -32.81 48.88 4.68
CA MET C 227 -33.03 49.60 3.41
C MET C 227 -33.27 48.64 2.26
N ALA C 228 -32.46 47.58 2.18
CA ALA C 228 -32.58 46.58 1.14
C ALA C 228 -33.99 46.04 1.06
N LYS C 229 -34.66 46.06 2.22
CA LYS C 229 -36.00 45.52 2.39
C LYS C 229 -37.12 46.56 2.28
N GLY C 230 -36.74 47.84 2.16
CA GLY C 230 -37.74 48.88 1.94
C GLY C 230 -37.97 49.82 3.11
N CYS C 231 -37.20 49.66 4.17
CA CYS C 231 -37.34 50.52 5.34
C CYS C 231 -36.83 51.94 5.05
N THR C 232 -37.64 52.94 5.35
CA THR C 232 -37.29 54.32 5.02
C THR C 232 -37.13 55.21 6.24
N LYS C 233 -37.00 54.57 7.41
CA LYS C 233 -36.81 55.31 8.64
C LYS C 233 -36.26 54.41 9.72
N VAL C 234 -35.23 54.85 10.41
CA VAL C 234 -34.71 54.08 11.52
C VAL C 234 -34.06 54.97 12.59
N VAL C 235 -34.39 54.70 13.85
CA VAL C 235 -33.76 55.41 14.96
C VAL C 235 -32.49 54.67 15.37
N VAL C 236 -31.38 55.37 15.37
CA VAL C 236 -30.11 54.73 15.63
C VAL C 236 -29.51 55.22 16.93
N VAL C 237 -29.44 54.31 17.89
CA VAL C 237 -28.89 54.63 19.19
C VAL C 237 -27.42 54.29 19.20
N ASN C 238 -26.56 55.30 19.27
CA ASN C 238 -25.15 55.02 19.44
C ASN C 238 -24.54 55.79 20.59
N ARG C 239 -23.44 55.24 21.09
CA ARG C 239 -22.68 55.85 22.18
C ARG C 239 -22.02 57.13 21.68
N SER C 240 -21.47 57.10 20.47
CA SER C 240 -20.86 58.29 19.87
C SER C 240 -21.66 58.66 18.64
N GLU C 241 -21.72 59.95 18.33
CA GLU C 241 -22.55 60.44 17.25
C GLU C 241 -21.85 60.36 15.89
N GLU C 242 -20.53 60.53 15.94
CA GLU C 242 -19.72 60.56 14.73
C GLU C 242 -20.09 59.44 13.75
N ARG C 243 -20.22 58.21 14.26
CA ARG C 243 -20.55 57.07 13.41
C ARG C 243 -21.91 57.25 12.73
N VAL C 244 -22.88 57.77 13.47
CA VAL C 244 -24.22 57.88 12.96
C VAL C 244 -24.32 59.05 11.97
N SER C 245 -23.57 60.12 12.21
CA SER C 245 -23.46 61.20 11.24
C SER C 245 -22.88 60.63 9.93
N ALA C 246 -21.85 59.80 10.04
CA ALA C 246 -21.24 59.21 8.87
C ALA C 246 -22.25 58.36 8.10
N ILE C 247 -22.99 57.52 8.81
CA ILE C 247 -23.99 56.67 8.18
C ILE C 247 -25.05 57.54 7.51
N ARG C 248 -25.52 58.56 8.23
CA ARG C 248 -26.57 59.48 7.78
C ARG C 248 -26.27 60.09 6.43
N GLU C 249 -24.99 60.38 6.24
CA GLU C 249 -24.53 61.09 5.05
C GLU C 249 -24.29 60.17 3.87
N GLU C 250 -23.98 58.91 4.16
CA GLU C 250 -23.57 57.94 3.15
C GLU C 250 -24.80 57.21 2.62
N MET C 251 -25.89 57.32 3.37
CA MET C 251 -27.16 56.74 2.99
C MET C 251 -28.26 57.82 3.05
N PRO C 252 -28.30 58.72 2.05
CA PRO C 252 -29.26 59.82 2.08
C PRO C 252 -30.71 59.40 1.87
N GLY C 253 -30.95 58.23 1.29
CA GLY C 253 -32.31 57.80 1.01
C GLY C 253 -33.14 57.36 2.20
N ILE C 254 -32.51 57.22 3.37
CA ILE C 254 -33.26 56.78 4.56
C ILE C 254 -33.19 57.83 5.67
N GLU C 255 -34.32 58.00 6.38
CA GLU C 255 -34.36 58.94 7.50
C GLU C 255 -33.69 58.33 8.73
N ILE C 256 -32.52 58.83 9.06
CA ILE C 256 -31.77 58.34 10.21
C ILE C 256 -31.77 59.36 11.35
N ILE C 257 -32.27 58.90 12.48
CA ILE C 257 -32.53 59.71 13.63
C ILE C 257 -31.59 59.29 14.76
N TYR C 258 -30.52 60.05 14.94
CA TYR C 258 -29.59 59.77 16.01
C TYR C 258 -30.22 60.00 17.38
N ARG C 259 -29.79 59.21 18.37
CA ARG C 259 -30.24 59.29 19.76
C ARG C 259 -29.16 58.72 20.67
N PRO C 260 -28.71 59.51 21.65
CA PRO C 260 -27.64 59.10 22.55
C PRO C 260 -27.97 57.82 23.32
N LEU C 261 -26.94 57.14 23.83
CA LEU C 261 -27.10 55.86 24.50
C LEU C 261 -28.01 55.92 25.71
N ASP C 262 -27.86 56.97 26.52
CA ASP C 262 -28.65 57.13 27.75
C ASP C 262 -30.15 57.18 27.50
N GLU C 263 -30.56 57.32 26.24
CA GLU C 263 -31.98 57.46 25.93
C GLU C 263 -32.55 56.19 25.35
N MET C 264 -31.69 55.16 25.22
CA MET C 264 -32.05 53.94 24.50
C MET C 264 -33.35 53.30 24.97
N LEU C 265 -33.63 53.43 26.26
CA LEU C 265 -34.87 52.91 26.83
C LEU C 265 -36.10 53.59 26.24
N ALA C 266 -36.02 54.91 26.06
CA ALA C 266 -37.14 55.64 25.48
C ALA C 266 -37.33 55.16 24.03
N CYS C 267 -36.23 55.09 23.27
CA CYS C 267 -36.25 54.58 21.89
C CYS C 267 -36.92 53.22 21.79
N ALA C 268 -36.60 52.36 22.74
CA ALA C 268 -37.22 51.05 22.82
C ALA C 268 -38.73 51.17 22.93
N SER C 269 -39.21 52.17 23.67
CA SER C 269 -40.64 52.28 23.96
C SER C 269 -41.39 52.80 22.76
N GLU C 270 -40.63 53.24 21.75
CA GLU C 270 -41.18 53.76 20.48
C GLU C 270 -40.91 52.82 19.31
N ALA C 271 -40.27 51.69 19.55
CA ALA C 271 -39.97 50.77 18.46
C ALA C 271 -40.84 49.52 18.54
N ASP C 272 -41.00 48.83 17.43
CA ASP C 272 -41.68 47.55 17.42
C ASP C 272 -40.68 46.40 17.28
N VAL C 273 -39.49 46.72 16.77
CA VAL C 273 -38.38 45.76 16.84
C VAL C 273 -37.10 46.50 17.19
N VAL C 274 -36.36 45.95 18.15
CA VAL C 274 -35.13 46.59 18.61
C VAL C 274 -33.93 45.70 18.25
N PHE C 275 -33.04 46.22 17.41
CA PHE C 275 -31.82 45.53 17.07
C PHE C 275 -30.76 46.00 18.04
N THR C 276 -30.10 45.07 18.71
CA THR C 276 -28.96 45.45 19.53
C THR C 276 -27.65 44.88 18.95
N SER C 277 -26.64 45.72 18.81
CA SER C 277 -25.39 45.28 18.22
C SER C 277 -24.22 46.10 18.72
N THR C 278 -24.15 46.28 20.03
CA THR C 278 -23.01 46.98 20.64
C THR C 278 -22.01 45.97 21.17
N ALA C 279 -20.78 46.41 21.37
CA ALA C 279 -19.74 45.56 21.92
C ALA C 279 -19.70 45.58 23.45
N SER C 280 -20.79 46.02 24.08
CA SER C 280 -20.87 45.98 25.54
C SER C 280 -20.79 44.54 26.03
N GLU C 281 -19.95 44.29 27.03
CA GLU C 281 -19.77 42.92 27.50
C GLU C 281 -20.78 42.57 28.57
N THR C 282 -21.57 43.55 28.96
CA THR C 282 -22.69 43.35 29.86
C THR C 282 -23.97 43.78 29.14
N PRO C 283 -25.10 43.17 29.50
CA PRO C 283 -26.39 43.45 28.87
C PRO C 283 -26.84 44.92 28.98
N LEU C 284 -27.51 45.40 27.94
CA LEU C 284 -28.12 46.73 27.96
C LEU C 284 -29.58 46.72 28.51
N PHE C 285 -30.36 45.71 28.13
CA PHE C 285 -31.75 45.57 28.62
C PHE C 285 -31.89 44.38 29.54
N LEU C 286 -32.36 44.63 30.77
CA LEU C 286 -32.79 43.55 31.62
C LEU C 286 -34.31 43.61 31.75
N LYS C 287 -34.91 42.65 32.42
CA LYS C 287 -36.38 42.59 32.48
C LYS C 287 -37.01 43.82 33.14
N GLU C 288 -36.36 44.35 34.19
CA GLU C 288 -36.86 45.52 34.90
C GLU C 288 -37.01 46.72 33.97
N HIS C 289 -36.15 46.81 32.98
CA HIS C 289 -36.16 47.94 32.09
C HIS C 289 -37.35 47.88 31.14
N VAL C 290 -37.66 46.70 30.60
CA VAL C 290 -38.61 46.64 29.49
C VAL C 290 -40.02 46.18 29.86
N GLU C 291 -40.17 45.52 31.01
CA GLU C 291 -41.52 45.23 31.50
C GLU C 291 -42.18 46.58 31.76
N ASN C 292 -41.36 47.56 32.13
CA ASN C 292 -41.78 48.94 32.32
C ASN C 292 -42.48 49.54 31.08
N LEU C 293 -41.85 49.42 29.90
CA LEU C 293 -42.29 50.14 28.71
C LEU C 293 -43.73 49.85 28.24
N PRO C 294 -44.37 50.86 27.62
CA PRO C 294 -45.65 50.71 26.92
C PRO C 294 -45.59 49.66 25.79
N GLN C 295 -46.70 48.96 25.56
CA GLN C 295 -46.75 47.85 24.60
C GLN C 295 -46.51 48.30 23.16
N ALA C 296 -45.85 47.47 22.38
CA ALA C 296 -45.65 47.77 20.96
C ALA C 296 -47.00 47.86 20.25
N SER C 297 -47.02 48.57 19.14
CA SER C 297 -48.24 48.79 18.37
C SER C 297 -49.08 47.54 18.22
N PRO C 298 -50.39 47.66 18.48
CA PRO C 298 -51.28 46.55 18.15
C PRO C 298 -51.22 46.15 16.68
N GLU C 299 -50.71 47.04 15.82
CA GLU C 299 -50.67 46.74 14.39
C GLU C 299 -49.59 45.71 14.00
N VAL C 300 -48.66 45.45 14.91
CA VAL C 300 -47.70 44.36 14.75
C VAL C 300 -48.00 43.25 15.76
N GLY C 301 -49.19 43.32 16.33
CA GLY C 301 -49.65 42.32 17.27
C GLY C 301 -49.14 42.55 18.67
N GLY C 302 -49.01 43.83 19.05
CA GLY C 302 -48.53 44.20 20.36
C GLY C 302 -47.33 43.45 20.92
N LEU C 303 -46.51 42.89 20.06
CA LEU C 303 -45.27 42.26 20.51
C LEU C 303 -44.04 43.06 20.06
N ARG C 304 -43.17 43.35 21.02
CA ARG C 304 -41.91 44.04 20.75
C ARG C 304 -40.81 43.01 20.62
N HIS C 305 -40.16 43.01 19.45
CA HIS C 305 -39.12 42.05 19.13
C HIS C 305 -37.72 42.58 19.39
N PHE C 306 -36.98 41.92 20.28
CA PHE C 306 -35.56 42.23 20.48
C PHE C 306 -34.71 41.26 19.70
N VAL C 307 -34.10 41.75 18.63
CA VAL C 307 -33.19 40.91 17.86
C VAL C 307 -31.78 41.27 18.34
N ASP C 308 -31.22 40.41 19.18
CA ASP C 308 -29.92 40.69 19.78
C ASP C 308 -28.81 39.89 19.07
N ILE C 309 -27.95 40.58 18.33
CA ILE C 309 -26.95 39.87 17.55
C ILE C 309 -25.57 40.04 18.18
N SER C 310 -25.57 40.59 19.39
CA SER C 310 -24.35 40.80 20.16
C SER C 310 -23.89 39.52 20.88
N VAL C 311 -22.59 39.27 20.85
CA VAL C 311 -21.98 38.26 21.71
C VAL C 311 -20.73 38.82 22.39
N PRO C 312 -20.76 38.96 23.73
CA PRO C 312 -21.84 38.64 24.68
C PRO C 312 -23.13 39.41 24.40
N ARG C 313 -24.25 38.84 24.82
CA ARG C 313 -25.56 39.40 24.54
C ARG C 313 -25.76 40.80 25.12
N ASN C 314 -26.43 41.65 24.33
CA ASN C 314 -26.79 42.98 24.80
C ASN C 314 -28.17 42.99 25.47
N VAL C 315 -28.95 41.92 25.26
CA VAL C 315 -30.28 41.79 25.89
C VAL C 315 -30.32 40.63 26.86
N GLY C 316 -30.59 40.94 28.13
CA GLY C 316 -30.75 39.92 29.15
C GLY C 316 -31.76 38.86 28.70
N SER C 317 -31.55 37.62 29.10
CA SER C 317 -32.49 36.56 28.76
C SER C 317 -33.79 36.73 29.54
N CYS C 318 -33.68 37.27 30.75
CA CYS C 318 -34.86 37.51 31.60
C CYS C 318 -35.93 38.35 30.90
N VAL C 319 -35.50 39.16 29.92
CA VAL C 319 -36.40 39.95 29.09
C VAL C 319 -37.46 39.08 28.41
N GLY C 320 -37.11 37.85 28.08
CA GLY C 320 -38.06 36.92 27.49
C GLY C 320 -39.23 36.55 28.42
N GLU C 321 -39.07 36.77 29.73
CA GLU C 321 -40.15 36.50 30.66
C GLU C 321 -41.26 37.52 30.54
N VAL C 322 -41.02 38.60 29.79
CA VAL C 322 -42.04 39.64 29.59
C VAL C 322 -43.01 39.18 28.51
N GLU C 323 -44.30 39.23 28.81
CA GLU C 323 -45.31 38.54 28.01
C GLU C 323 -45.50 39.18 26.64
N THR C 324 -45.37 40.50 26.57
CA THR C 324 -45.52 41.19 25.29
C THR C 324 -44.20 41.26 24.48
N ALA C 325 -43.17 40.55 24.94
CA ALA C 325 -41.85 40.63 24.32
C ALA C 325 -41.33 39.30 23.79
N ARG C 326 -40.51 39.39 22.75
CA ARG C 326 -39.80 38.26 22.18
C ARG C 326 -38.32 38.62 22.12
N VAL C 327 -37.46 37.70 22.51
CA VAL C 327 -36.02 37.90 22.40
C VAL C 327 -35.47 36.87 21.43
N TYR C 328 -34.45 37.25 20.70
CA TYR C 328 -33.73 36.31 19.86
C TYR C 328 -32.23 36.62 19.97
N ASN C 329 -31.38 35.59 19.86
CA ASN C 329 -29.94 35.84 19.86
C ASN C 329 -29.33 35.14 18.66
N VAL C 330 -28.01 35.22 18.52
CA VAL C 330 -27.34 34.61 17.37
C VAL C 330 -27.65 33.11 17.24
N ASP C 331 -27.98 32.43 18.34
CA ASP C 331 -28.36 31.02 18.27
C ASP C 331 -29.61 30.82 17.45
N ASP C 332 -30.55 31.75 17.57
CA ASP C 332 -31.82 31.67 16.85
C ASP C 332 -31.70 31.97 15.37
N LEU C 333 -30.63 32.68 14.99
CA LEU C 333 -30.33 32.98 13.59
C LEU C 333 -29.72 31.79 12.86
N LYS C 334 -29.21 30.83 13.61
CA LYS C 334 -28.38 29.77 13.05
C LYS C 334 -29.06 28.97 11.96
N GLU C 335 -30.35 28.70 12.11
CA GLU C 335 -31.08 27.94 11.10
C GLU C 335 -31.32 28.78 9.83
N VAL C 336 -31.71 30.02 10.03
CA VAL C 336 -32.02 30.88 8.91
C VAL C 336 -30.70 31.24 8.16
N VAL C 337 -29.59 31.37 8.88
CA VAL C 337 -28.28 31.52 8.20
C VAL C 337 -27.97 30.27 7.37
N ALA C 338 -28.15 29.09 7.96
CA ALA C 338 -27.81 27.84 7.27
C ALA C 338 -28.65 27.62 6.03
N ALA C 339 -29.95 27.92 6.13
CA ALA C 339 -30.86 27.71 5.02
C ALA C 339 -30.44 28.58 3.83
N ASN C 340 -30.17 29.85 4.12
CA ASN C 340 -29.81 30.82 3.10
C ASN C 340 -28.48 30.48 2.45
N LYS C 341 -27.55 29.95 3.26
CA LYS C 341 -26.21 29.58 2.78
C LYS C 341 -26.28 28.42 1.79
N GLU C 342 -27.20 27.48 2.04
CA GLU C 342 -27.43 26.31 1.20
C GLU C 342 -28.21 26.66 -0.07
N ASP C 343 -29.25 27.48 0.08
CA ASP C 343 -29.98 28.04 -1.06
C ASP C 343 -29.06 28.66 -2.11
N ARG C 344 -28.14 29.50 -1.64
CA ARG C 344 -27.27 30.27 -2.51
C ARG C 344 -25.99 29.52 -2.77
N MET C 345 -26.01 28.21 -2.49
CA MET C 345 -24.83 27.40 -2.63
C MET C 345 -24.49 27.12 -4.10
N ARG C 346 -23.20 27.25 -4.39
CA ARG C 346 -22.68 27.09 -5.73
C ARG C 346 -21.25 26.54 -5.65
N LYS C 347 -20.94 25.61 -6.55
CA LYS C 347 -19.59 25.03 -6.70
C LYS C 347 -19.01 24.41 -5.41
N ALA C 348 -19.81 23.59 -4.72
CA ALA C 348 -19.36 22.97 -3.46
C ALA C 348 -18.11 22.11 -3.66
N MET C 349 -18.12 21.25 -4.67
CA MET C 349 -17.03 20.29 -4.86
C MET C 349 -15.69 20.99 -5.07
N GLU C 350 -15.67 21.94 -6.01
CA GLU C 350 -14.48 22.72 -6.33
C GLU C 350 -13.94 23.40 -5.08
N ALA C 351 -14.85 23.85 -4.22
CA ALA C 351 -14.47 24.43 -2.94
C ALA C 351 -13.79 23.40 -2.06
N GLN C 352 -14.29 22.17 -2.08
CA GLN C 352 -13.73 21.17 -1.18
C GLN C 352 -12.41 20.70 -1.74
N THR C 353 -12.26 20.80 -3.06
CA THR C 353 -10.98 20.51 -3.70
C THR C 353 -9.92 21.50 -3.20
N ILE C 354 -10.23 22.78 -3.34
CA ILE C 354 -9.36 23.84 -2.86
C ILE C 354 -8.89 23.59 -1.42
N ILE C 355 -9.79 23.14 -0.57
CA ILE C 355 -9.47 22.90 0.84
C ILE C 355 -8.56 21.68 1.03
N THR C 356 -8.90 20.55 0.38
CA THR C 356 -8.11 19.33 0.43
C THR C 356 -6.69 19.57 -0.05
N GLU C 357 -6.55 20.23 -1.19
CA GLU C 357 -5.21 20.47 -1.75
C GLU C 357 -4.36 21.41 -0.89
N GLU C 358 -4.95 22.50 -0.43
CA GLU C 358 -4.17 23.48 0.32
C GLU C 358 -3.78 22.90 1.66
N SER C 359 -4.64 22.04 2.19
CA SER C 359 -4.34 21.31 3.41
C SER C 359 -3.01 20.59 3.27
N THR C 360 -2.87 19.80 2.21
CA THR C 360 -1.63 19.07 1.95
C THR C 360 -0.49 20.04 1.58
N GLN C 361 -0.82 21.14 0.90
CA GLN C 361 0.22 22.13 0.62
C GLN C 361 0.74 22.74 1.92
N PHE C 362 -0.15 22.91 2.91
CA PHE C 362 0.23 23.49 4.19
C PHE C 362 1.10 22.53 4.98
N GLU C 363 0.71 21.26 4.99
CA GLU C 363 1.47 20.23 5.69
C GLU C 363 2.85 20.12 5.07
N ALA C 364 2.90 20.33 3.76
CA ALA C 364 4.16 20.34 3.04
C ALA C 364 5.02 21.49 3.55
N TRP C 365 4.45 22.69 3.55
CA TRP C 365 5.19 23.84 4.05
C TRP C 365 5.59 23.63 5.50
N ARG C 366 4.77 22.93 6.27
CA ARG C 366 5.02 22.80 7.70
C ARG C 366 6.07 21.74 7.99
N ASP C 367 6.08 20.67 7.20
CA ASP C 367 7.17 19.72 7.22
C ASP C 367 8.52 20.39 6.85
N SER C 368 8.48 21.24 5.83
CA SER C 368 9.62 22.06 5.44
C SER C 368 10.30 22.76 6.61
N LEU C 369 9.52 23.17 7.60
CA LEU C 369 10.06 24.00 8.68
C LEU C 369 11.00 23.27 9.61
N GLU C 370 11.01 21.94 9.58
CA GLU C 370 11.86 21.19 10.50
C GLU C 370 13.32 21.25 10.07
N THR C 371 13.57 22.01 9.00
CA THR C 371 14.88 22.21 8.42
C THR C 371 15.62 23.41 9.01
N VAL C 372 14.88 24.31 9.67
CA VAL C 372 15.48 25.54 10.20
C VAL C 372 16.58 25.33 11.26
N PRO C 373 16.44 24.34 12.16
CA PRO C 373 17.49 24.22 13.17
C PRO C 373 18.84 23.75 12.64
N THR C 374 18.84 22.90 11.62
CA THR C 374 20.08 22.41 11.07
C THR C 374 20.76 23.50 10.24
N ILE C 375 19.97 24.32 9.56
CA ILE C 375 20.50 25.50 8.84
C ILE C 375 21.27 26.44 9.77
N LYS C 376 20.72 26.77 10.93
CA LYS C 376 21.43 27.63 11.86
C LYS C 376 22.68 26.93 12.42
N LYS C 377 22.52 25.66 12.82
CA LYS C 377 23.64 24.90 13.40
C LYS C 377 24.78 24.81 12.39
N LEU C 378 24.43 24.54 11.14
CA LEU C 378 25.39 24.48 10.04
C LEU C 378 26.14 25.80 9.92
N ARG C 379 25.38 26.89 9.90
CA ARG C 379 25.91 28.23 9.75
C ARG C 379 26.80 28.66 10.90
N ALA C 380 26.58 28.10 12.09
CA ALA C 380 27.37 28.45 13.25
C ALA C 380 28.64 27.65 13.19
N TYR C 381 28.49 26.40 12.78
CA TYR C 381 29.59 25.49 12.54
C TYR C 381 30.60 26.09 11.55
N ALA C 382 30.09 26.58 10.43
CA ALA C 382 30.93 27.13 9.38
C ALA C 382 31.63 28.38 9.84
N GLU C 383 30.89 29.25 10.50
CA GLU C 383 31.42 30.52 10.94
C GLU C 383 32.52 30.33 11.99
N ARG C 384 32.46 29.22 12.71
CA ARG C 384 33.41 28.95 13.78
C ARG C 384 34.70 28.37 13.19
N ILE C 385 34.54 27.50 12.22
CA ILE C 385 35.67 27.04 11.44
C ILE C 385 36.38 28.21 10.72
N ARG C 386 35.60 29.09 10.10
CA ARG C 386 36.13 30.14 9.23
C ARG C 386 36.95 31.16 10.00
N VAL C 387 36.44 31.58 11.15
CA VAL C 387 37.15 32.56 11.95
C VAL C 387 38.38 31.91 12.59
N ALA C 388 38.26 30.63 12.94
CA ALA C 388 39.36 29.91 13.57
C ALA C 388 40.52 29.82 12.61
N GLU C 389 40.22 29.41 11.39
CA GLU C 389 41.25 29.29 10.36
C GLU C 389 41.77 30.66 9.92
N LEU C 390 40.88 31.65 9.87
CA LEU C 390 41.27 33.01 9.50
C LEU C 390 42.23 33.60 10.52
N GLU C 391 41.99 33.37 11.81
CA GLU C 391 42.91 33.88 12.84
C GLU C 391 44.24 33.12 12.84
N LYS C 392 44.25 31.86 12.40
CA LYS C 392 45.51 31.14 12.20
C LYS C 392 46.38 31.86 11.17
N CYS C 393 45.74 32.19 10.04
CA CYS C 393 46.42 32.84 8.93
C CYS C 393 46.85 34.27 9.27
N MET C 394 46.09 34.91 10.15
CA MET C 394 46.32 36.30 10.53
C MET C 394 47.28 36.42 11.70
N SER C 395 47.77 35.29 12.18
CA SER C 395 48.82 35.30 13.20
C SER C 395 50.13 34.86 12.56
N LYS C 396 50.11 34.72 11.24
CA LYS C 396 51.28 34.28 10.49
C LYS C 396 51.70 35.32 9.45
N MET C 397 50.96 36.42 9.40
CA MET C 397 51.24 37.48 8.44
C MET C 397 51.74 38.76 9.12
N LYS C 404 46.37 46.45 5.36
CA LYS C 404 47.12 46.09 4.17
C LYS C 404 46.27 45.27 3.20
N THR C 405 46.18 43.96 3.44
CA THR C 405 45.39 43.06 2.60
C THR C 405 44.50 42.13 3.44
N THR C 406 43.95 42.65 4.52
CA THR C 406 43.24 41.85 5.50
C THR C 406 41.78 41.54 5.07
N ARG C 407 41.21 42.38 4.23
CA ARG C 407 39.85 42.18 3.76
C ARG C 407 39.83 41.14 2.64
N ALA C 408 40.93 41.05 1.90
CA ALA C 408 41.03 40.00 0.87
C ALA C 408 41.06 38.62 1.54
N VAL C 409 42.01 38.44 2.44
CA VAL C 409 42.15 37.21 3.21
C VAL C 409 40.87 36.88 3.98
N ASP C 410 40.18 37.92 4.44
CA ASP C 410 38.84 37.75 4.99
C ASP C 410 37.90 37.21 3.90
N ASP C 411 37.85 37.90 2.77
CA ASP C 411 36.98 37.52 1.67
C ASP C 411 37.20 36.08 1.23
N LEU C 412 38.45 35.65 1.17
CA LEU C 412 38.75 34.27 0.82
C LEU C 412 37.97 33.34 1.76
N SER C 413 38.09 33.58 3.06
CA SER C 413 37.50 32.67 4.04
C SER C 413 35.97 32.59 3.87
N ARG C 414 35.30 33.73 3.85
CA ARG C 414 33.85 33.70 3.68
C ARG C 414 33.45 33.19 2.28
N GLY C 415 34.23 33.55 1.28
CA GLY C 415 34.01 33.07 -0.06
C GLY C 415 34.06 31.56 -0.17
N ILE C 416 35.06 30.94 0.44
CA ILE C 416 35.18 29.49 0.35
C ILE C 416 34.04 28.80 1.10
N VAL C 417 33.76 29.27 2.31
CA VAL C 417 32.65 28.74 3.13
C VAL C 417 31.32 28.85 2.39
N ASN C 418 30.93 30.07 2.06
CA ASN C 418 29.66 30.31 1.36
C ASN C 418 29.51 29.52 0.06
N ARG C 419 30.56 29.44 -0.74
CA ARG C 419 30.48 28.65 -1.96
C ARG C 419 30.42 27.15 -1.67
N PHE C 420 31.13 26.70 -0.64
CA PHE C 420 31.03 25.29 -0.27
C PHE C 420 29.66 24.99 0.33
N LEU C 421 29.05 25.98 0.97
CA LEU C 421 27.79 25.77 1.66
C LEU C 421 26.53 25.97 0.80
N HIS C 422 26.63 26.76 -0.26
CA HIS C 422 25.45 27.16 -1.04
C HIS C 422 24.54 26.02 -1.53
N GLY C 423 25.13 24.93 -2.01
CA GLY C 423 24.39 23.74 -2.39
C GLY C 423 23.53 23.17 -1.27
N PRO C 424 24.17 22.78 -0.16
CA PRO C 424 23.41 22.39 1.04
C PRO C 424 22.49 23.51 1.58
N MET C 425 22.62 24.74 1.09
CA MET C 425 21.75 25.83 1.56
C MET C 425 20.53 26.03 0.66
N GLN C 426 20.62 25.61 -0.61
CA GLN C 426 19.45 25.67 -1.49
C GLN C 426 18.74 24.32 -1.56
N HIS C 427 19.29 23.34 -0.85
CA HIS C 427 18.67 22.02 -0.84
C HIS C 427 18.13 21.73 0.56
N LEU C 428 18.04 22.77 1.37
CA LEU C 428 17.31 22.70 2.64
C LEU C 428 16.02 23.56 2.64
N ARG C 429 15.91 24.49 1.68
CA ARG C 429 14.72 25.33 1.52
C ARG C 429 13.87 24.83 0.36
N CYS C 430 12.63 24.42 0.64
CA CYS C 430 11.72 24.03 -0.45
C CYS C 430 10.30 24.56 -0.21
N ASP C 431 9.45 24.50 -1.24
CA ASP C 431 8.05 24.88 -1.09
C ASP C 431 7.19 23.69 -0.69
N GLY C 432 6.86 22.84 -1.66
CA GLY C 432 6.07 21.64 -1.43
C GLY C 432 5.79 20.90 -2.73
N SER C 433 6.12 19.61 -2.75
CA SER C 433 5.92 18.79 -3.93
C SER C 433 6.19 17.32 -3.62
N ARG C 436 7.83 14.83 -3.13
CA ARG C 436 9.00 14.68 -3.99
C ARG C 436 10.26 15.11 -3.26
N THR C 437 10.63 16.38 -3.45
CA THR C 437 11.83 16.94 -2.87
C THR C 437 11.71 17.07 -1.34
N LEU C 438 10.49 16.86 -0.82
CA LEU C 438 10.30 16.89 0.62
C LEU C 438 11.14 15.84 1.31
N SER C 439 10.99 14.59 0.90
CA SER C 439 11.71 13.49 1.54
C SER C 439 13.21 13.65 1.37
N GLU C 440 13.61 14.15 0.20
CA GLU C 440 15.02 14.34 -0.10
C GLU C 440 15.61 15.45 0.76
N THR C 441 14.95 16.61 0.77
CA THR C 441 15.32 17.74 1.61
C THR C 441 15.55 17.31 3.06
N LEU C 442 14.59 16.56 3.61
CA LEU C 442 14.69 16.12 4.99
C LEU C 442 15.78 15.07 5.19
N GLU C 443 16.11 14.33 4.13
CA GLU C 443 17.16 13.31 4.23
C GLU C 443 18.56 13.95 4.13
N ASN C 444 18.65 15.08 3.42
CA ASN C 444 19.84 15.92 3.46
C ASN C 444 20.13 16.42 4.89
N MET C 445 19.05 16.81 5.58
CA MET C 445 19.12 17.26 6.98
C MET C 445 19.78 16.24 7.87
N HIS C 446 19.21 15.03 7.93
CA HIS C 446 19.75 13.97 8.78
C HIS C 446 21.18 13.58 8.40
N ALA C 447 21.50 13.71 7.11
CA ALA C 447 22.84 13.43 6.61
C ALA C 447 23.81 14.49 7.08
N LEU C 448 23.40 15.76 6.95
CA LEU C 448 24.22 16.86 7.40
C LEU C 448 24.39 16.78 8.91
N ASN C 449 23.39 16.26 9.60
CA ASN C 449 23.49 16.01 11.03
C ASN C 449 24.55 14.96 11.36
N ARG C 450 24.56 13.88 10.59
CA ARG C 450 25.51 12.79 10.81
C ARG C 450 26.96 13.21 10.50
N MET C 451 27.16 13.89 9.37
CA MET C 451 28.51 14.21 8.90
C MET C 451 29.17 15.35 9.69
N TYR C 452 28.38 16.07 10.48
CA TYR C 452 28.94 17.12 11.30
C TYR C 452 28.52 17.00 12.76
N ALA D 47 -31.46 0.13 28.59
CA ALA D 47 -30.97 -0.95 27.75
C ALA D 47 -29.85 -0.43 26.84
N SER D 48 -30.18 -0.20 25.57
CA SER D 48 -29.30 0.39 24.55
C SER D 48 -28.14 -0.53 24.13
N THR D 49 -28.17 -0.95 22.86
CA THR D 49 -27.11 -1.76 22.31
C THR D 49 -25.90 -0.90 21.90
N HIS D 50 -26.11 0.41 21.83
CA HIS D 50 -25.07 1.34 21.39
C HIS D 50 -24.52 1.02 19.99
N LYS D 51 -25.22 0.14 19.28
CA LYS D 51 -24.93 -0.26 17.91
C LYS D 51 -26.10 0.16 17.03
N PRO D 52 -25.82 0.49 15.76
CA PRO D 52 -26.88 0.68 14.77
C PRO D 52 -27.88 -0.49 14.75
N PHE D 53 -29.10 -0.20 14.31
CA PHE D 53 -30.06 -1.25 14.11
C PHE D 53 -29.59 -2.18 13.02
N PRO D 54 -29.93 -3.47 13.13
CA PRO D 54 -29.62 -4.44 12.09
C PRO D 54 -29.92 -3.95 10.64
N ALA D 55 -31.09 -3.37 10.43
CA ALA D 55 -31.48 -2.89 9.11
C ALA D 55 -30.48 -1.87 8.59
N GLU D 56 -30.00 -1.02 9.49
CA GLU D 56 -29.06 0.01 9.11
C GLU D 56 -27.73 -0.61 8.69
N VAL D 57 -27.24 -1.57 9.47
CA VAL D 57 -26.06 -2.31 9.09
C VAL D 57 -26.22 -2.95 7.71
N SER D 58 -27.38 -3.57 7.46
CA SER D 58 -27.65 -4.23 6.19
C SER D 58 -27.52 -3.25 5.05
N ARG D 59 -28.11 -2.08 5.26
CA ARG D 59 -28.17 -1.03 4.28
C ARG D 59 -26.80 -0.45 4.00
N SER D 60 -26.00 -0.38 5.06
CA SER D 60 -24.66 0.11 4.89
C SER D 60 -23.84 -0.85 4.03
N ILE D 61 -23.96 -2.16 4.31
CA ILE D 61 -23.30 -3.21 3.53
C ILE D 61 -23.72 -3.17 2.04
N MET D 62 -24.99 -2.90 1.80
CA MET D 62 -25.49 -2.89 0.43
C MET D 62 -25.09 -1.61 -0.33
N GLU D 63 -24.63 -0.59 0.40
CA GLU D 63 -24.07 0.59 -0.23
C GLU D 63 -22.59 0.39 -0.53
N LEU D 64 -21.86 -0.23 0.39
CA LEU D 64 -20.40 -0.33 0.26
C LEU D 64 -19.96 -1.43 -0.69
N SER D 65 -20.66 -2.56 -0.62
CA SER D 65 -20.31 -3.67 -1.47
C SER D 65 -20.92 -3.52 -2.87
N SER D 66 -20.38 -4.27 -3.81
CA SER D 66 -20.85 -4.23 -5.18
C SER D 66 -20.76 -5.61 -5.79
N VAL D 67 -20.60 -6.60 -4.93
CA VAL D 67 -20.38 -7.96 -5.37
C VAL D 67 -21.16 -8.88 -4.46
N GLY D 68 -21.77 -9.92 -5.02
CA GLY D 68 -22.53 -10.86 -4.22
C GLY D 68 -22.69 -12.25 -4.77
N THR D 69 -23.44 -13.09 -4.06
CA THR D 69 -23.84 -14.41 -4.54
C THR D 69 -25.35 -14.48 -4.66
N LEU D 70 -25.81 -14.89 -5.84
CA LEU D 70 -27.22 -15.06 -6.06
C LEU D 70 -27.49 -16.54 -6.03
N SER D 71 -28.28 -16.97 -5.05
CA SER D 71 -28.63 -18.38 -4.90
C SER D 71 -30.00 -18.61 -5.48
N THR D 72 -30.12 -19.61 -6.34
CA THR D 72 -31.39 -19.94 -6.94
C THR D 72 -31.67 -21.42 -6.89
N LEU D 73 -32.78 -21.80 -7.53
CA LEU D 73 -33.19 -23.20 -7.65
C LEU D 73 -33.10 -23.69 -9.08
N THR D 74 -32.32 -24.74 -9.28
CA THR D 74 -32.16 -25.38 -10.59
C THR D 74 -33.39 -26.16 -11.06
N HIS D 75 -33.25 -26.83 -12.19
CA HIS D 75 -34.29 -27.69 -12.77
C HIS D 75 -34.44 -28.97 -11.91
N ASP D 76 -33.36 -29.35 -11.23
CA ASP D 76 -33.33 -30.56 -10.39
C ASP D 76 -33.72 -30.29 -8.94
N GLY D 77 -33.89 -29.01 -8.59
CA GLY D 77 -34.17 -28.65 -7.22
C GLY D 77 -32.92 -28.40 -6.41
N TRP D 78 -31.75 -28.79 -6.92
CA TRP D 78 -30.49 -28.51 -6.25
C TRP D 78 -30.28 -27.00 -6.01
N PRO D 79 -29.67 -26.67 -4.86
CA PRO D 79 -29.27 -25.28 -4.56
C PRO D 79 -28.14 -24.85 -5.48
N LEU D 80 -28.12 -23.59 -5.90
CA LEU D 80 -27.00 -23.12 -6.72
C LEU D 80 -26.68 -21.66 -6.46
N GLY D 81 -25.41 -21.37 -6.23
CA GLY D 81 -25.01 -20.00 -6.01
C GLY D 81 -24.19 -19.50 -7.17
N VAL D 82 -24.47 -18.29 -7.61
CA VAL D 82 -23.75 -17.72 -8.75
C VAL D 82 -23.32 -16.29 -8.47
N GLY D 83 -22.06 -15.99 -8.80
CA GLY D 83 -21.49 -14.67 -8.57
C GLY D 83 -22.19 -13.62 -9.40
N VAL D 84 -22.45 -12.48 -8.79
CA VAL D 84 -23.25 -11.45 -9.46
C VAL D 84 -22.84 -10.08 -8.90
N ARG D 85 -22.82 -9.06 -9.75
CA ARG D 85 -22.61 -7.67 -9.34
C ARG D 85 -23.97 -6.98 -9.14
N PHE D 86 -24.03 -5.95 -8.30
CA PHE D 86 -25.32 -5.34 -7.95
C PHE D 86 -25.22 -3.85 -7.60
N ALA D 87 -26.36 -3.17 -7.68
CA ALA D 87 -26.52 -1.81 -7.20
C ALA D 87 -27.81 -1.76 -6.39
N VAL D 88 -28.09 -0.65 -5.73
CA VAL D 88 -29.34 -0.56 -4.99
C VAL D 88 -29.95 0.82 -5.20
N ASP D 89 -31.28 0.87 -5.31
CA ASP D 89 -31.99 2.16 -5.31
C ASP D 89 -32.08 2.73 -3.89
N LYS D 90 -32.91 3.76 -3.71
CA LYS D 90 -32.95 4.51 -2.46
C LYS D 90 -33.78 3.81 -1.36
N ASP D 91 -34.44 2.72 -1.74
CA ASP D 91 -35.10 1.86 -0.77
C ASP D 91 -34.30 0.56 -0.50
N GLY D 92 -33.09 0.46 -1.04
CA GLY D 92 -32.24 -0.70 -0.77
C GLY D 92 -32.49 -1.92 -1.64
N THR D 93 -33.45 -1.81 -2.54
CA THR D 93 -33.75 -2.91 -3.47
C THR D 93 -32.56 -3.19 -4.40
N PRO D 94 -32.10 -4.44 -4.42
CA PRO D 94 -31.00 -4.74 -5.34
C PRO D 94 -31.43 -4.88 -6.80
N VAL D 95 -30.65 -4.32 -7.71
CA VAL D 95 -30.82 -4.61 -9.12
C VAL D 95 -29.57 -5.29 -9.61
N LEU D 96 -29.73 -6.48 -10.21
CA LEU D 96 -28.61 -7.30 -10.65
C LEU D 96 -28.39 -7.28 -12.17
N CYS D 97 -27.23 -7.81 -12.57
CA CYS D 97 -26.92 -8.14 -13.95
C CYS D 97 -26.64 -9.61 -14.11
N LEU D 98 -27.29 -10.23 -15.09
CA LEU D 98 -27.06 -11.63 -15.40
C LEU D 98 -27.51 -11.96 -16.80
N ASN D 99 -27.03 -13.09 -17.32
CA ASN D 99 -27.24 -13.43 -18.71
C ASN D 99 -28.17 -14.61 -18.95
N ARG D 100 -27.91 -15.74 -18.28
CA ARG D 100 -28.61 -16.99 -18.60
C ARG D 100 -30.10 -16.91 -18.30
N SER D 101 -30.82 -16.11 -19.10
CA SER D 101 -32.28 -16.00 -19.03
C SER D 101 -32.80 -15.77 -17.61
N VAL D 102 -34.00 -16.26 -17.35
CA VAL D 102 -34.58 -16.22 -16.01
C VAL D 102 -35.20 -17.58 -15.70
N SER D 103 -35.23 -17.93 -14.41
CA SER D 103 -35.78 -19.20 -13.97
C SER D 103 -37.31 -19.15 -13.95
N PRO D 104 -37.96 -20.31 -14.12
CA PRO D 104 -39.40 -20.39 -13.85
C PRO D 104 -39.69 -20.03 -12.37
N ASP D 105 -38.82 -20.49 -11.49
CA ASP D 105 -38.92 -20.26 -10.05
C ASP D 105 -38.18 -18.98 -9.64
N LYS D 106 -38.91 -17.89 -9.47
CA LYS D 106 -38.30 -16.59 -9.20
C LYS D 106 -37.66 -16.52 -7.81
N ARG D 107 -37.90 -17.55 -7.00
CA ARG D 107 -37.43 -17.55 -5.61
C ARG D 107 -35.91 -17.50 -5.52
N SER D 108 -35.39 -16.57 -4.73
CA SER D 108 -33.94 -16.39 -4.70
C SER D 108 -33.45 -15.65 -3.46
N ALA D 109 -32.15 -15.79 -3.20
CA ALA D 109 -31.49 -15.04 -2.14
C ALA D 109 -30.21 -14.36 -2.67
N LEU D 110 -29.95 -13.17 -2.18
CA LEU D 110 -28.73 -12.48 -2.53
C LEU D 110 -27.91 -12.33 -1.26
N HIS D 111 -26.70 -12.93 -1.27
CA HIS D 111 -25.77 -12.84 -0.14
C HIS D 111 -24.64 -11.88 -0.45
N VAL D 112 -24.42 -10.94 0.46
CA VAL D 112 -23.41 -9.90 0.26
C VAL D 112 -22.60 -9.70 1.54
N GLN D 113 -21.28 -9.60 1.39
CA GLN D 113 -20.38 -9.52 2.52
C GLN D 113 -19.73 -8.17 2.55
N LEU D 114 -19.42 -7.66 3.74
CA LEU D 114 -18.55 -6.51 3.88
C LEU D 114 -17.38 -6.80 4.84
N GLU D 115 -16.22 -7.17 4.31
CA GLU D 115 -15.10 -7.43 5.20
C GLU D 115 -14.63 -6.12 5.83
N GLN D 116 -14.37 -6.15 7.13
CA GLN D 116 -14.01 -4.94 7.86
C GLN D 116 -12.62 -5.03 8.45
N CYS D 117 -11.71 -4.29 7.83
CA CYS D 117 -10.31 -4.14 8.28
C CYS D 117 -9.66 -5.48 8.59
N GLY D 118 -9.92 -6.46 7.72
CA GLY D 118 -9.31 -7.79 7.79
C GLY D 118 -9.62 -8.58 9.04
N LEU D 119 -10.50 -8.07 9.89
CA LEU D 119 -10.77 -8.75 11.14
C LEU D 119 -12.15 -9.38 11.21
N ARG D 120 -13.13 -8.75 10.56
CA ARG D 120 -14.50 -9.13 10.78
C ARG D 120 -15.28 -8.97 9.49
N THR D 121 -16.27 -9.83 9.28
CA THR D 121 -17.07 -9.72 8.08
C THR D 121 -18.57 -9.86 8.36
N PRO D 122 -19.23 -8.71 8.61
CA PRO D 122 -20.70 -8.62 8.64
C PRO D 122 -21.28 -8.96 7.27
N GLN D 123 -22.49 -9.50 7.24
CA GLN D 123 -23.09 -9.96 5.98
C GLN D 123 -24.59 -9.75 5.95
N CYS D 124 -25.20 -9.89 4.78
CA CYS D 124 -26.65 -9.93 4.78
C CYS D 124 -27.19 -10.77 3.65
N THR D 125 -28.36 -11.35 3.86
CA THR D 125 -29.00 -12.07 2.78
C THR D 125 -30.40 -11.54 2.52
N ILE D 126 -30.63 -11.23 1.26
CA ILE D 126 -31.89 -10.70 0.85
C ILE D 126 -32.66 -11.82 0.20
N GLN D 127 -33.79 -12.19 0.80
CA GLN D 127 -34.62 -13.22 0.19
C GLN D 127 -35.71 -12.55 -0.61
N GLY D 128 -35.95 -13.07 -1.81
CA GLY D 128 -37.00 -12.52 -2.64
C GLY D 128 -37.15 -13.11 -4.03
N SER D 129 -38.17 -12.61 -4.73
CA SER D 129 -38.48 -13.03 -6.09
C SER D 129 -37.66 -12.20 -7.06
N ILE D 130 -36.96 -12.86 -7.99
CA ILE D 130 -36.18 -12.14 -8.98
C ILE D 130 -36.96 -11.98 -10.30
N GLY D 131 -36.99 -10.76 -10.83
CA GLY D 131 -37.61 -10.54 -12.13
C GLY D 131 -37.17 -9.27 -12.86
N ARG D 132 -37.85 -8.95 -13.96
CA ARG D 132 -37.66 -7.69 -14.66
C ARG D 132 -38.33 -6.57 -13.89
N PRO D 133 -37.88 -5.33 -14.10
CA PRO D 133 -38.55 -4.18 -13.50
C PRO D 133 -39.98 -3.97 -14.04
N GLY D 134 -40.27 -4.48 -15.25
CA GLY D 134 -41.61 -4.40 -15.81
C GLY D 134 -41.89 -3.15 -16.63
N ASP D 135 -42.04 -2.01 -15.95
CA ASP D 135 -42.31 -0.73 -16.60
C ASP D 135 -41.01 -0.02 -17.03
N ASP D 136 -40.95 0.39 -18.30
CA ASP D 136 -39.71 0.91 -18.89
C ASP D 136 -39.22 2.26 -18.38
N THR D 137 -39.73 2.71 -17.23
CA THR D 137 -39.35 4.03 -16.71
C THR D 137 -38.57 3.87 -15.40
N VAL D 138 -38.72 2.73 -14.73
CA VAL D 138 -37.86 2.37 -13.62
C VAL D 138 -36.72 1.51 -14.15
N LEU D 139 -36.87 1.07 -15.39
CA LEU D 139 -35.74 0.53 -16.15
C LEU D 139 -34.70 1.63 -16.25
N LYS D 140 -35.17 2.84 -16.50
CA LYS D 140 -34.29 3.99 -16.66
C LYS D 140 -33.69 4.39 -15.33
N ARG D 141 -34.47 4.29 -14.26
CA ARG D 141 -33.99 4.61 -12.93
C ARG D 141 -32.84 3.70 -12.55
N LEU D 142 -33.05 2.41 -12.73
CA LEU D 142 -32.08 1.41 -12.32
C LEU D 142 -30.80 1.54 -13.12
N SER D 143 -30.93 1.67 -14.44
CA SER D 143 -29.76 1.80 -15.30
C SER D 143 -28.96 3.05 -14.90
N ALA D 144 -29.64 4.16 -14.66
CA ALA D 144 -28.95 5.35 -14.18
C ALA D 144 -28.31 5.10 -12.81
N THR D 145 -28.88 4.21 -11.99
CA THR D 145 -28.25 3.89 -10.72
C THR D 145 -26.96 3.11 -10.97
N TRP D 146 -27.08 2.08 -11.81
CA TRP D 146 -25.96 1.24 -12.21
C TRP D 146 -24.76 2.03 -12.75
N ARG D 147 -25.01 2.85 -13.77
CA ARG D 147 -23.94 3.64 -14.40
C ARG D 147 -23.40 4.66 -13.42
N GLU D 148 -24.25 5.11 -12.50
CA GLU D 148 -23.77 5.96 -11.43
C GLU D 148 -22.77 5.21 -10.54
N LYS D 149 -23.05 3.95 -10.25
CA LYS D 149 -22.23 3.22 -9.30
C LYS D 149 -20.97 2.65 -9.93
N PHE D 150 -21.10 2.09 -11.13
CA PHE D 150 -20.01 1.31 -11.73
C PHE D 150 -19.25 2.05 -12.84
N GLY D 151 -19.51 3.34 -12.98
CA GLY D 151 -18.85 4.17 -13.98
C GLY D 151 -18.98 3.65 -15.40
N GLU D 152 -19.88 2.69 -15.60
CA GLU D 152 -19.94 1.97 -16.87
C GLU D 152 -21.37 1.88 -17.38
N GLU D 153 -21.53 1.68 -18.68
CA GLU D 153 -22.87 1.54 -19.25
C GLU D 153 -23.33 0.09 -19.18
N VAL D 154 -24.63 -0.13 -19.33
CA VAL D 154 -25.13 -1.49 -19.20
C VAL D 154 -26.29 -1.79 -20.15
N LYS D 155 -26.56 -3.07 -20.35
CA LYS D 155 -27.61 -3.50 -21.25
C LYS D 155 -28.92 -3.68 -20.50
N GLU D 156 -29.89 -2.84 -20.82
CA GLU D 156 -31.18 -2.83 -20.10
C GLU D 156 -31.90 -4.19 -20.01
N ASP D 157 -31.66 -5.09 -20.95
CA ASP D 157 -32.34 -6.38 -20.93
C ASP D 157 -31.66 -7.35 -19.96
N SER D 158 -30.61 -6.87 -19.32
CA SER D 158 -29.76 -7.71 -18.50
C SER D 158 -29.85 -7.28 -17.06
N LEU D 159 -30.70 -6.30 -16.81
CA LEU D 159 -31.03 -5.83 -15.47
C LEU D 159 -32.20 -6.60 -14.88
N TYR D 160 -31.95 -7.28 -13.76
CA TYR D 160 -32.98 -7.99 -13.05
C TYR D 160 -33.13 -7.41 -11.65
N VAL D 161 -34.29 -7.59 -11.04
CA VAL D 161 -34.57 -7.01 -9.74
C VAL D 161 -34.98 -8.08 -8.75
N VAL D 162 -34.43 -8.01 -7.54
CA VAL D 162 -34.82 -8.88 -6.43
C VAL D 162 -35.72 -8.11 -5.45
N ALA D 163 -37.03 -8.35 -5.48
CA ALA D 163 -37.95 -7.73 -4.52
C ALA D 163 -37.67 -8.21 -3.10
N VAL D 164 -37.46 -7.29 -2.17
CA VAL D 164 -37.06 -7.66 -0.83
C VAL D 164 -38.24 -8.17 0.01
N ASP D 165 -38.18 -9.45 0.37
CA ASP D 165 -39.17 -10.00 1.28
C ASP D 165 -38.70 -9.78 2.70
N ARG D 166 -37.59 -10.41 3.05
CA ARG D 166 -37.01 -10.22 4.36
C ARG D 166 -35.48 -10.30 4.24
N VAL D 167 -34.78 -9.77 5.24
CA VAL D 167 -33.33 -9.72 5.22
C VAL D 167 -32.71 -10.44 6.43
N LEU D 168 -31.69 -11.25 6.20
CA LEU D 168 -30.94 -11.83 7.31
C LEU D 168 -29.64 -11.06 7.53
N GLN D 169 -29.46 -10.47 8.71
CA GLN D 169 -28.26 -9.71 9.02
C GLN D 169 -27.37 -10.44 10.06
N MET D 170 -26.10 -10.60 9.71
CA MET D 170 -25.14 -11.30 10.56
C MET D 170 -23.94 -10.39 10.79
N GLU D 171 -23.33 -10.49 11.95
CA GLU D 171 -22.24 -9.59 12.34
C GLU D 171 -20.89 -10.12 11.88
N ASP D 172 -20.84 -11.42 11.64
CA ASP D 172 -19.58 -12.10 11.34
C ASP D 172 -19.93 -13.46 10.85
N PHE D 173 -18.93 -14.18 10.36
CA PHE D 173 -19.14 -15.58 10.07
C PHE D 173 -19.49 -16.32 11.36
N MET D 174 -20.10 -17.50 11.19
CA MET D 174 -20.43 -18.43 12.27
C MET D 174 -21.54 -17.92 13.19
N GLU D 175 -22.38 -17.02 12.68
CA GLU D 175 -23.43 -16.45 13.49
C GLU D 175 -24.78 -16.60 12.88
N ASP D 176 -25.77 -16.82 13.74
CA ASP D 176 -27.13 -17.11 13.30
C ASP D 176 -27.76 -15.91 12.65
N GLY D 177 -27.43 -14.74 13.17
CA GLY D 177 -27.94 -13.52 12.60
C GLY D 177 -29.37 -13.24 13.00
N ILE D 178 -29.97 -12.23 12.39
CA ILE D 178 -31.29 -11.78 12.81
C ILE D 178 -32.16 -11.42 11.59
N TRP D 179 -33.46 -11.68 11.70
CA TRP D 179 -34.36 -11.34 10.59
C TRP D 179 -34.85 -9.91 10.71
N VAL D 180 -34.73 -9.20 9.60
CA VAL D 180 -35.09 -7.81 9.48
C VAL D 180 -36.29 -7.69 8.53
N ALA D 181 -37.40 -7.12 9.00
CA ALA D 181 -38.52 -6.84 8.09
C ALA D 181 -38.05 -6.00 6.90
N SER D 182 -38.70 -6.19 5.75
CA SER D 182 -38.39 -5.40 4.56
C SER D 182 -38.68 -3.91 4.76
N SER D 183 -39.78 -3.59 5.42
CA SER D 183 -40.09 -2.19 5.67
C SER D 183 -39.00 -1.49 6.47
N ASP D 184 -38.51 -2.14 7.51
CA ASP D 184 -37.46 -1.50 8.29
C ASP D 184 -36.20 -1.43 7.43
N TYR D 185 -35.97 -2.47 6.63
CA TYR D 185 -34.89 -2.44 5.66
C TYR D 185 -35.05 -1.23 4.71
N LYS D 186 -36.24 -1.03 4.17
CA LYS D 186 -36.45 0.04 3.21
C LYS D 186 -36.38 1.43 3.89
N ASN D 187 -36.61 1.50 5.19
CA ASN D 187 -36.66 2.78 5.90
C ASN D 187 -35.33 3.20 6.52
N ALA D 188 -34.51 2.22 6.83
CA ALA D 188 -33.20 2.47 7.41
C ALA D 188 -32.30 3.31 6.48
N SER D 189 -31.42 4.10 7.08
CA SER D 189 -30.47 4.88 6.33
C SER D 189 -29.13 4.18 6.44
N PRO D 190 -28.36 4.14 5.34
CA PRO D 190 -27.00 3.64 5.56
C PRO D 190 -26.29 4.58 6.50
N ASP D 191 -25.25 4.07 7.17
CA ASP D 191 -24.47 4.84 8.13
C ASP D 191 -23.74 6.01 7.44
N PRO D 192 -23.81 7.20 8.03
CA PRO D 192 -23.22 8.39 7.38
C PRO D 192 -21.68 8.37 7.40
N LEU D 193 -21.12 7.54 8.26
CA LEU D 193 -19.66 7.38 8.31
C LEU D 193 -19.17 6.23 7.43
N ARG D 194 -20.04 5.60 6.65
CA ARG D 194 -19.66 4.38 5.93
C ARG D 194 -18.51 4.54 4.93
N ASP D 195 -18.36 5.74 4.35
CA ASP D 195 -17.39 5.91 3.27
C ASP D 195 -16.02 6.27 3.83
N ILE D 196 -15.96 6.62 5.12
CA ILE D 196 -14.68 6.98 5.74
C ILE D 196 -14.24 6.02 6.83
N ALA D 197 -15.11 5.06 7.16
CA ALA D 197 -14.91 4.25 8.36
C ALA D 197 -13.60 3.50 8.27
N GLU D 198 -13.44 2.68 7.25
CA GLU D 198 -12.18 1.99 6.98
C GLU D 198 -10.90 2.85 7.13
N ASP D 199 -10.88 4.00 6.47
CA ASP D 199 -9.71 4.88 6.52
C ASP D 199 -9.46 5.43 7.91
N ILE D 200 -10.51 5.81 8.64
CA ILE D 200 -10.31 6.33 9.98
C ILE D 200 -9.82 5.21 10.92
N VAL D 201 -10.29 3.99 10.73
CA VAL D 201 -9.89 2.87 11.57
C VAL D 201 -8.41 2.51 11.36
N ASN D 202 -7.96 2.56 10.12
CA ASN D 202 -6.54 2.36 9.84
C ASN D 202 -5.71 3.45 10.48
N GLN D 203 -6.17 4.69 10.35
CA GLN D 203 -5.46 5.82 10.95
C GLN D 203 -5.27 5.58 12.44
N ILE D 204 -6.37 5.18 13.08
CA ILE D 204 -6.38 5.12 14.51
C ILE D 204 -5.56 3.93 14.97
N ASN D 205 -5.70 2.82 14.27
CA ASN D 205 -4.89 1.63 14.52
C ASN D 205 -3.39 1.90 14.40
N ALA D 206 -3.02 2.77 13.46
CA ALA D 206 -1.62 3.11 13.21
C ALA D 206 -1.03 4.12 14.18
N ASN D 207 -1.77 5.20 14.46
CA ASN D 207 -1.23 6.33 15.21
C ASN D 207 -1.80 6.55 16.62
N ASN D 208 -2.72 5.70 17.04
CA ASN D 208 -3.43 5.91 18.30
C ASN D 208 -3.60 4.62 19.07
N MET D 209 -2.67 3.69 18.82
CA MET D 209 -2.68 2.36 19.41
C MET D 209 -2.65 2.41 20.94
N GLU D 210 -1.94 3.38 21.50
CA GLU D 210 -1.89 3.48 22.95
C GLU D 210 -3.15 4.15 23.53
N ASP D 211 -3.93 4.84 22.70
CA ASP D 211 -5.25 5.30 23.15
C ASP D 211 -6.23 4.13 23.16
N ILE D 212 -6.17 3.26 22.15
CA ILE D 212 -7.08 2.11 22.04
C ILE D 212 -6.86 1.14 23.20
N PHE D 213 -5.60 1.02 23.63
CA PHE D 213 -5.23 0.24 24.80
C PHE D 213 -5.85 0.82 26.06
N ARG D 214 -5.51 2.07 26.31
CA ARG D 214 -6.07 2.84 27.39
C ARG D 214 -7.62 2.73 27.46
N PHE D 215 -8.29 2.62 26.31
CA PHE D 215 -9.76 2.45 26.29
C PHE D 215 -10.15 1.13 26.89
N CYS D 216 -9.37 0.10 26.59
CA CYS D 216 -9.70 -1.24 27.06
C CYS D 216 -9.71 -1.27 28.57
N ASN D 217 -8.88 -0.43 29.17
CA ASN D 217 -8.74 -0.39 30.62
C ASN D 217 -9.67 0.69 31.20
N VAL D 218 -10.03 1.70 30.42
CA VAL D 218 -10.84 2.80 30.96
C VAL D 218 -12.36 2.79 30.62
N TYR D 219 -12.74 2.36 29.41
CA TYR D 219 -14.16 2.39 29.03
C TYR D 219 -14.83 1.04 29.15
N VAL D 220 -14.04 0.01 29.41
CA VAL D 220 -14.58 -1.34 29.53
C VAL D 220 -13.99 -2.04 30.76
N ASP D 221 -14.82 -2.81 31.45
CA ASP D 221 -14.40 -3.55 32.64
C ASP D 221 -13.98 -4.97 32.29
N LEU D 222 -12.67 -5.20 32.27
CA LEU D 222 -12.13 -6.51 31.96
C LEU D 222 -11.63 -7.23 33.22
N ASP D 223 -11.78 -8.55 33.26
CA ASP D 223 -11.21 -9.36 34.33
C ASP D 223 -9.83 -9.91 33.94
N PHE D 224 -9.31 -9.50 32.79
CA PHE D 224 -8.02 -10.02 32.32
C PHE D 224 -7.11 -8.91 31.79
N VAL D 225 -5.85 -9.25 31.56
CA VAL D 225 -4.94 -8.28 30.95
C VAL D 225 -4.97 -8.40 29.42
N VAL D 226 -4.97 -7.24 28.74
CA VAL D 226 -5.03 -7.17 27.29
C VAL D 226 -3.65 -7.31 26.68
N SER D 227 -3.44 -8.36 25.88
CA SER D 227 -2.18 -8.54 25.18
C SER D 227 -2.05 -7.52 24.06
N GLU D 228 -3.09 -7.44 23.23
CA GLU D 228 -3.08 -6.54 22.09
C GLU D 228 -4.50 -6.10 21.78
N THR D 229 -4.64 -4.91 21.22
CA THR D 229 -5.96 -4.44 20.82
C THR D 229 -5.91 -3.79 19.45
N LYS D 230 -7.05 -3.83 18.76
CA LYS D 230 -7.17 -3.26 17.43
C LYS D 230 -8.61 -2.82 17.21
N MET D 231 -8.80 -1.63 16.63
CA MET D 231 -10.16 -1.17 16.29
C MET D 231 -10.62 -1.88 15.02
N ILE D 232 -11.89 -2.25 14.99
CA ILE D 232 -12.50 -2.97 13.86
C ILE D 232 -13.23 -2.06 12.89
N TRP D 233 -14.15 -1.27 13.41
CA TRP D 233 -15.06 -0.51 12.58
C TRP D 233 -15.61 0.69 13.35
N MET D 234 -16.11 1.69 12.62
CA MET D 234 -16.71 2.83 13.28
C MET D 234 -18.03 3.23 12.61
N ASP D 235 -18.98 3.72 13.40
CA ASP D 235 -20.26 4.13 12.86
C ASP D 235 -20.77 5.32 13.66
N ARG D 236 -22.02 5.72 13.47
CA ARG D 236 -22.52 6.95 14.12
C ARG D 236 -22.67 6.86 15.65
N LEU D 237 -22.86 5.65 16.18
CA LEU D 237 -23.02 5.51 17.62
C LEU D 237 -21.70 5.24 18.35
N GLY D 238 -20.69 4.79 17.60
CA GLY D 238 -19.42 4.43 18.21
C GLY D 238 -18.56 3.48 17.40
N PHE D 239 -17.73 2.72 18.11
CA PHE D 239 -16.75 1.87 17.46
C PHE D 239 -16.58 0.53 18.18
N ASP D 240 -16.06 -0.45 17.47
CA ASP D 240 -15.79 -1.77 18.03
C ASP D 240 -14.30 -2.05 18.16
N LEU D 241 -13.89 -2.51 19.33
CA LEU D 241 -12.53 -2.95 19.56
C LEU D 241 -12.48 -4.48 19.59
N ARG D 242 -11.36 -5.02 19.12
CA ARG D 242 -11.06 -6.42 19.26
C ARG D 242 -10.01 -6.56 20.36
N VAL D 243 -10.34 -7.30 21.42
CA VAL D 243 -9.42 -7.46 22.54
C VAL D 243 -8.79 -8.85 22.59
N TRP D 244 -7.47 -8.89 22.50
CA TRP D 244 -6.70 -10.14 22.62
C TRP D 244 -6.12 -10.37 24.01
N SER D 245 -6.32 -11.57 24.54
CA SER D 245 -5.83 -11.94 25.86
C SER D 245 -5.38 -13.41 25.89
N PRO D 246 -4.76 -13.85 27.00
CA PRO D 246 -4.54 -15.28 27.20
C PRO D 246 -5.85 -16.06 27.27
N ARG D 247 -6.80 -15.56 28.05
CA ARG D 247 -8.14 -16.18 28.18
C ARG D 247 -8.79 -16.41 26.81
N GLY D 248 -8.61 -15.46 25.90
CA GLY D 248 -9.16 -15.53 24.56
C GLY D 248 -9.25 -14.20 23.82
N VAL D 249 -9.98 -14.20 22.70
CA VAL D 249 -10.21 -12.98 21.94
C VAL D 249 -11.66 -12.56 22.11
N TYR D 250 -11.88 -11.25 22.13
CA TYR D 250 -13.24 -10.72 22.29
C TYR D 250 -13.45 -9.47 21.49
N ASP D 251 -14.72 -9.16 21.27
CA ASP D 251 -15.14 -7.95 20.58
C ASP D 251 -16.01 -7.10 21.49
N VAL D 252 -15.63 -5.83 21.65
CA VAL D 252 -16.37 -4.96 22.54
C VAL D 252 -16.81 -3.69 21.84
N ARG D 253 -18.04 -3.29 22.11
CA ARG D 253 -18.60 -2.04 21.60
C ARG D 253 -18.38 -0.89 22.57
N ILE D 254 -17.72 0.17 22.11
CA ILE D 254 -17.61 1.40 22.91
C ILE D 254 -18.29 2.55 22.19
N PRO D 255 -19.26 3.18 22.85
CA PRO D 255 -20.06 4.21 22.19
C PRO D 255 -19.46 5.61 22.24
N PHE D 256 -19.75 6.43 21.24
CA PHE D 256 -19.51 7.88 21.32
C PHE D 256 -20.45 8.47 22.36
N PRO D 257 -19.99 9.51 23.09
CA PRO D 257 -20.84 10.12 24.14
C PRO D 257 -22.20 10.54 23.61
N MET D 258 -22.20 10.99 22.36
CA MET D 258 -23.41 11.41 21.64
C MET D 258 -23.31 10.91 20.21
N GLU D 259 -24.45 10.80 19.53
CA GLU D 259 -24.46 10.48 18.11
C GLU D 259 -23.62 11.46 17.27
N VAL D 260 -22.89 10.91 16.30
CA VAL D 260 -22.03 11.65 15.39
C VAL D 260 -22.61 11.62 13.97
N THR D 261 -22.45 12.70 13.20
CA THR D 261 -23.07 12.86 11.88
C THR D 261 -22.10 12.74 10.73
N ASP D 262 -20.86 13.18 10.92
CA ASP D 262 -19.84 13.11 9.87
C ASP D 262 -18.44 12.85 10.41
N GLU D 263 -17.49 12.87 9.48
CA GLU D 263 -16.11 12.56 9.75
C GLU D 263 -15.45 13.48 10.77
N LYS D 264 -15.67 14.78 10.64
CA LYS D 264 -14.99 15.71 11.51
C LYS D 264 -15.45 15.50 12.94
N GLY D 265 -16.73 15.14 13.07
CA GLY D 265 -17.37 14.97 14.34
C GLY D 265 -16.95 13.66 15.01
N ALA D 266 -16.70 12.64 14.22
CA ALA D 266 -16.16 11.37 14.72
C ALA D 266 -14.73 11.55 15.24
N LYS D 267 -13.91 12.31 14.52
CA LYS D 267 -12.54 12.49 14.94
C LYS D 267 -12.47 13.28 16.22
N SER D 268 -13.32 14.30 16.33
CA SER D 268 -13.41 15.08 17.54
C SER D 268 -13.93 14.25 18.72
N SER D 269 -14.90 13.37 18.47
CA SER D 269 -15.42 12.55 19.53
C SER D 269 -14.37 11.60 19.98
N PHE D 270 -13.67 11.01 19.00
CA PHE D 270 -12.61 10.10 19.32
C PHE D 270 -11.56 10.80 20.19
N ASN D 271 -11.16 11.97 19.72
CA ASN D 271 -10.20 12.80 20.43
C ASN D 271 -10.62 13.16 21.85
N GLY D 272 -11.93 13.41 22.05
CA GLY D 272 -12.44 13.71 23.38
C GLY D 272 -12.31 12.50 24.32
N MET D 273 -12.58 11.31 23.79
CA MET D 273 -12.48 10.10 24.58
C MET D 273 -11.02 9.77 24.95
N SER D 274 -10.12 9.83 23.96
CA SER D 274 -8.67 9.69 24.19
C SER D 274 -8.21 10.57 25.34
N GLN D 275 -8.55 11.84 25.25
CA GLN D 275 -8.16 12.81 26.25
C GLN D 275 -8.69 12.42 27.62
N LEU D 276 -9.92 11.94 27.67
CA LEU D 276 -10.55 11.65 28.94
C LEU D 276 -9.93 10.38 29.55
N ALA D 277 -9.83 9.32 28.77
CA ALA D 277 -9.20 8.09 29.26
C ALA D 277 -7.76 8.33 29.72
N TRP D 278 -7.06 9.25 29.06
CA TRP D 278 -5.70 9.60 29.44
C TRP D 278 -5.69 10.35 30.80
N GLU D 279 -6.65 11.24 30.99
CA GLU D 279 -6.77 11.95 32.25
C GLU D 279 -7.17 11.05 33.42
N VAL D 280 -8.06 10.08 33.19
CA VAL D 280 -8.50 9.25 34.30
C VAL D 280 -7.38 8.27 34.69
N GLU D 281 -6.71 7.71 33.69
CA GLU D 281 -5.63 6.77 33.94
C GLU D 281 -4.50 7.42 34.73
N LYS D 282 -4.29 8.72 34.51
CA LYS D 282 -3.22 9.44 35.20
C LYS D 282 -3.75 10.07 36.48
N SER D 283 -5.01 9.74 36.79
CA SER D 283 -5.68 10.18 38.02
C SER D 283 -5.80 11.68 38.08
N TYR D 284 -5.90 12.31 36.92
CA TYR D 284 -6.19 13.74 36.87
C TYR D 284 -7.69 13.97 37.06
N CYS D 285 -8.49 12.95 36.79
CA CYS D 285 -9.92 13.11 36.63
C CYS D 285 -10.65 11.79 36.94
N PRO D 286 -11.76 11.86 37.70
CA PRO D 286 -12.41 10.61 38.08
C PRO D 286 -13.15 9.97 36.91
N ALA D 287 -13.21 8.64 36.92
CA ALA D 287 -13.96 7.90 35.91
C ALA D 287 -15.43 7.81 36.34
N ASP D 288 -16.08 8.97 36.38
CA ASP D 288 -17.44 9.03 36.87
C ASP D 288 -18.42 8.71 35.73
N PHE D 289 -18.37 7.46 35.25
CA PHE D 289 -19.29 6.95 34.23
C PHE D 289 -19.35 5.42 34.29
N ASN D 290 -20.38 4.84 33.66
CA ASN D 290 -20.53 3.39 33.60
C ASN D 290 -19.67 2.73 32.55
N LYS D 291 -18.84 1.78 32.96
CA LYS D 291 -18.04 1.02 32.02
C LYS D 291 -18.88 -0.01 31.27
N VAL D 292 -18.54 -0.23 30.01
CA VAL D 292 -19.09 -1.31 29.20
C VAL D 292 -18.69 -2.66 29.80
N LYS D 293 -19.63 -3.61 29.85
CA LYS D 293 -19.35 -4.89 30.53
C LYS D 293 -19.52 -6.05 29.56
N LEU D 294 -20.35 -5.84 28.54
CA LEU D 294 -20.66 -6.88 27.57
C LEU D 294 -19.51 -7.10 26.60
N LEU D 295 -19.01 -8.33 26.55
CA LEU D 295 -17.94 -8.72 25.63
C LEU D 295 -18.46 -9.79 24.67
N LYS D 296 -18.05 -9.74 23.41
CA LYS D 296 -18.41 -10.81 22.48
C LYS D 296 -17.18 -11.68 22.18
N GLN D 297 -17.28 -12.97 22.45
CA GLN D 297 -16.18 -13.88 22.16
C GLN D 297 -16.13 -14.18 20.68
N VAL D 298 -14.96 -13.99 20.10
CA VAL D 298 -14.72 -14.37 18.71
C VAL D 298 -13.97 -15.70 18.73
N VAL D 299 -14.29 -16.57 17.78
CA VAL D 299 -13.62 -17.85 17.61
C VAL D 299 -12.15 -17.68 17.23
#